data_3FQY
# 
_entry.id   3FQY 
# 
_audit_conform.dict_name       mmcif_pdbx.dic 
_audit_conform.dict_version    5.399 
_audit_conform.dict_location   http://mmcif.pdb.org/dictionaries/ascii/mmcif_pdbx.dic 
# 
loop_
_database_2.database_id 
_database_2.database_code 
_database_2.pdbx_database_accession 
_database_2.pdbx_DOI 
PDB   3FQY         pdb_00003fqy 10.2210/pdb3fqy/pdb 
RCSB  RCSB050932   ?            ?                   
WWPDB D_1000050932 ?            ?                   
# 
loop_
_pdbx_audit_revision_history.ordinal 
_pdbx_audit_revision_history.data_content_type 
_pdbx_audit_revision_history.major_revision 
_pdbx_audit_revision_history.minor_revision 
_pdbx_audit_revision_history.revision_date 
1 'Structure model' 1 0 2009-11-10 
2 'Structure model' 1 1 2011-07-13 
3 'Structure model' 1 2 2021-10-20 
4 'Structure model' 1 3 2023-09-06 
5 'Structure model' 1 4 2024-11-27 
# 
_pdbx_audit_revision_details.ordinal             1 
_pdbx_audit_revision_details.revision_ordinal    1 
_pdbx_audit_revision_details.data_content_type   'Structure model' 
_pdbx_audit_revision_details.provider            repository 
_pdbx_audit_revision_details.type                'Initial release' 
_pdbx_audit_revision_details.description         ? 
_pdbx_audit_revision_details.details             ? 
# 
loop_
_pdbx_audit_revision_group.ordinal 
_pdbx_audit_revision_group.revision_ordinal 
_pdbx_audit_revision_group.data_content_type 
_pdbx_audit_revision_group.group 
1 2 'Structure model' 'Version format compliance' 
2 3 'Structure model' 'Database references'       
3 3 'Structure model' 'Derived calculations'      
4 4 'Structure model' 'Data collection'           
5 4 'Structure model' 'Refinement description'    
6 5 'Structure model' 'Structure summary'         
# 
loop_
_pdbx_audit_revision_category.ordinal 
_pdbx_audit_revision_category.revision_ordinal 
_pdbx_audit_revision_category.data_content_type 
_pdbx_audit_revision_category.category 
1  3 'Structure model' database_2                    
2  3 'Structure model' pdbx_struct_conn_angle        
3  3 'Structure model' struct_conn                   
4  3 'Structure model' struct_ref_seq_dif            
5  3 'Structure model' struct_site                   
6  4 'Structure model' chem_comp_atom                
7  4 'Structure model' chem_comp_bond                
8  4 'Structure model' pdbx_initial_refinement_model 
9  5 'Structure model' pdbx_entry_details            
10 5 'Structure model' pdbx_modification_feature     
# 
loop_
_pdbx_audit_revision_item.ordinal 
_pdbx_audit_revision_item.revision_ordinal 
_pdbx_audit_revision_item.data_content_type 
_pdbx_audit_revision_item.item 
1  3 'Structure model' '_database_2.pdbx_DOI'                        
2  3 'Structure model' '_database_2.pdbx_database_accession'         
3  3 'Structure model' '_pdbx_struct_conn_angle.ptnr1_auth_comp_id'  
4  3 'Structure model' '_pdbx_struct_conn_angle.ptnr1_auth_seq_id'   
5  3 'Structure model' '_pdbx_struct_conn_angle.ptnr1_label_atom_id' 
6  3 'Structure model' '_pdbx_struct_conn_angle.ptnr1_label_comp_id' 
7  3 'Structure model' '_pdbx_struct_conn_angle.ptnr1_label_seq_id'  
8  3 'Structure model' '_pdbx_struct_conn_angle.ptnr3_auth_comp_id'  
9  3 'Structure model' '_pdbx_struct_conn_angle.ptnr3_auth_seq_id'   
10 3 'Structure model' '_pdbx_struct_conn_angle.ptnr3_label_atom_id' 
11 3 'Structure model' '_pdbx_struct_conn_angle.ptnr3_label_comp_id' 
12 3 'Structure model' '_pdbx_struct_conn_angle.ptnr3_label_seq_id'  
13 3 'Structure model' '_pdbx_struct_conn_angle.value'               
14 3 'Structure model' '_struct_conn.pdbx_dist_value'                
15 3 'Structure model' '_struct_conn.ptnr1_auth_comp_id'             
16 3 'Structure model' '_struct_conn.ptnr1_auth_seq_id'              
17 3 'Structure model' '_struct_conn.ptnr1_label_asym_id'            
18 3 'Structure model' '_struct_conn.ptnr1_label_atom_id'            
19 3 'Structure model' '_struct_conn.ptnr1_label_comp_id'            
20 3 'Structure model' '_struct_conn.ptnr1_label_seq_id'             
21 3 'Structure model' '_struct_conn.ptnr2_auth_comp_id'             
22 3 'Structure model' '_struct_conn.ptnr2_auth_seq_id'              
23 3 'Structure model' '_struct_conn.ptnr2_label_asym_id'            
24 3 'Structure model' '_struct_conn.ptnr2_label_atom_id'            
25 3 'Structure model' '_struct_conn.ptnr2_label_comp_id'            
26 3 'Structure model' '_struct_ref_seq_dif.details'                 
27 3 'Structure model' '_struct_site.pdbx_auth_asym_id'              
28 3 'Structure model' '_struct_site.pdbx_auth_comp_id'              
29 3 'Structure model' '_struct_site.pdbx_auth_seq_id'               
# 
_pdbx_database_status.status_code                     REL 
_pdbx_database_status.entry_id                        3FQY 
_pdbx_database_status.recvd_initial_deposition_date   2009-01-07 
_pdbx_database_status.deposit_site                    RCSB 
_pdbx_database_status.process_site                    RCSB 
_pdbx_database_status.status_code_sf                  REL 
_pdbx_database_status.status_code_mr                  ? 
_pdbx_database_status.SG_entry                        ? 
_pdbx_database_status.pdb_format_compatible           Y 
_pdbx_database_status.status_code_cs                  ? 
_pdbx_database_status.status_code_nmr_data            ? 
_pdbx_database_status.methods_development_category    ? 
# 
loop_
_pdbx_database_related.db_name 
_pdbx_database_related.db_id 
_pdbx_database_related.details 
_pdbx_database_related.content_type 
PDB 1AG0 'Single mutant at C112D' unspecified 
PDB 3FPY 'L at 121 instead of I'  unspecified 
PDB 3FQ1 'I at 121 instead of F'  unspecified 
PDB 3FQ2 .                        unspecified 
# 
loop_
_audit_author.name 
_audit_author.pdbx_ordinal 
'Lancaster, K.M.' 1 
'Gray, H.B.'      2 
# 
_citation.id                        primary 
_citation.title                     'Type Zero Copper Proteins.' 
_citation.journal_abbrev            'Nat Chem' 
_citation.journal_volume            1 
_citation.page_first                711 
_citation.page_last                 715 
_citation.year                      2009 
_citation.journal_id_ASTM           ? 
_citation.country                   UK 
_citation.journal_id_ISSN           1755-4349 
_citation.journal_id_CSD            ? 
_citation.book_publisher            ? 
_citation.pdbx_database_id_PubMed   20305734 
_citation.pdbx_database_id_DOI      10.1038/nchem.412 
# 
loop_
_citation_author.citation_id 
_citation_author.name 
_citation_author.ordinal 
_citation_author.identifier_ORCID 
primary 'Lancaster, K.M.'   1 ? 
primary 'Debeer George, S.' 2 ? 
primary 'Yokoyama, K.'      3 ? 
primary 'Richards, J.H.'    4 ? 
primary 'Gray, H.B.'        5 ? 
# 
loop_
_entity.id 
_entity.type 
_entity.src_method 
_entity.pdbx_description 
_entity.formula_weight 
_entity.pdbx_number_of_molecules 
_entity.pdbx_ec 
_entity.pdbx_mutation 
_entity.pdbx_fragment 
_entity.details 
1 polymer     man Azurin                                   13973.743 1  ? C112D ? ? 
2 non-polymer syn 'COPPER (II) ION'                        63.546    2  ? ?     ? ? 
3 non-polymer syn 2-AMINO-2-HYDROXYMETHYL-PROPANE-1,3-DIOL 122.143   1  ? ?     ? ? 
4 water       nat water                                    18.015    93 ? ?     ? ? 
# 
_entity_poly.entity_id                      1 
_entity_poly.type                           'polypeptide(L)' 
_entity_poly.nstd_linkage                   no 
_entity_poly.nstd_monomer                   no 
_entity_poly.pdbx_seq_one_letter_code       
;AECSVDIQGNDQMQFNTNAITVDKSCKQFTVNLSHPGNLPKNVMGHNWVLSTAADMQGVVTDGMASGLDKDYLKPDDSRV
IAHTKLIGSGEKDSVTFDVSKLKEGEQYMFFDTFPGHSALMKGTLTLK
;
_entity_poly.pdbx_seq_one_letter_code_can   
;AECSVDIQGNDQMQFNTNAITVDKSCKQFTVNLSHPGNLPKNVMGHNWVLSTAADMQGVVTDGMASGLDKDYLKPDDSRV
IAHTKLIGSGEKDSVTFDVSKLKEGEQYMFFDTFPGHSALMKGTLTLK
;
_entity_poly.pdbx_strand_id                 A 
_entity_poly.pdbx_target_identifier         ? 
# 
loop_
_pdbx_entity_nonpoly.entity_id 
_pdbx_entity_nonpoly.name 
_pdbx_entity_nonpoly.comp_id 
2 'COPPER (II) ION'                        CU  
3 2-AMINO-2-HYDROXYMETHYL-PROPANE-1,3-DIOL TRS 
4 water                                    HOH 
# 
loop_
_entity_poly_seq.entity_id 
_entity_poly_seq.num 
_entity_poly_seq.mon_id 
_entity_poly_seq.hetero 
1 1   ALA n 
1 2   GLU n 
1 3   CYS n 
1 4   SER n 
1 5   VAL n 
1 6   ASP n 
1 7   ILE n 
1 8   GLN n 
1 9   GLY n 
1 10  ASN n 
1 11  ASP n 
1 12  GLN n 
1 13  MET n 
1 14  GLN n 
1 15  PHE n 
1 16  ASN n 
1 17  THR n 
1 18  ASN n 
1 19  ALA n 
1 20  ILE n 
1 21  THR n 
1 22  VAL n 
1 23  ASP n 
1 24  LYS n 
1 25  SER n 
1 26  CYS n 
1 27  LYS n 
1 28  GLN n 
1 29  PHE n 
1 30  THR n 
1 31  VAL n 
1 32  ASN n 
1 33  LEU n 
1 34  SER n 
1 35  HIS n 
1 36  PRO n 
1 37  GLY n 
1 38  ASN n 
1 39  LEU n 
1 40  PRO n 
1 41  LYS n 
1 42  ASN n 
1 43  VAL n 
1 44  MET n 
1 45  GLY n 
1 46  HIS n 
1 47  ASN n 
1 48  TRP n 
1 49  VAL n 
1 50  LEU n 
1 51  SER n 
1 52  THR n 
1 53  ALA n 
1 54  ALA n 
1 55  ASP n 
1 56  MET n 
1 57  GLN n 
1 58  GLY n 
1 59  VAL n 
1 60  VAL n 
1 61  THR n 
1 62  ASP n 
1 63  GLY n 
1 64  MET n 
1 65  ALA n 
1 66  SER n 
1 67  GLY n 
1 68  LEU n 
1 69  ASP n 
1 70  LYS n 
1 71  ASP n 
1 72  TYR n 
1 73  LEU n 
1 74  LYS n 
1 75  PRO n 
1 76  ASP n 
1 77  ASP n 
1 78  SER n 
1 79  ARG n 
1 80  VAL n 
1 81  ILE n 
1 82  ALA n 
1 83  HIS n 
1 84  THR n 
1 85  LYS n 
1 86  LEU n 
1 87  ILE n 
1 88  GLY n 
1 89  SER n 
1 90  GLY n 
1 91  GLU n 
1 92  LYS n 
1 93  ASP n 
1 94  SER n 
1 95  VAL n 
1 96  THR n 
1 97  PHE n 
1 98  ASP n 
1 99  VAL n 
1 100 SER n 
1 101 LYS n 
1 102 LEU n 
1 103 LYS n 
1 104 GLU n 
1 105 GLY n 
1 106 GLU n 
1 107 GLN n 
1 108 TYR n 
1 109 MET n 
1 110 PHE n 
1 111 PHE n 
1 112 ASP n 
1 113 THR n 
1 114 PHE n 
1 115 PRO n 
1 116 GLY n 
1 117 HIS n 
1 118 SER n 
1 119 ALA n 
1 120 LEU n 
1 121 MET n 
1 122 LYS n 
1 123 GLY n 
1 124 THR n 
1 125 LEU n 
1 126 THR n 
1 127 LEU n 
1 128 LYS n 
# 
_entity_src_gen.entity_id                          1 
_entity_src_gen.pdbx_src_id                        1 
_entity_src_gen.pdbx_alt_source_flag               sample 
_entity_src_gen.pdbx_seq_type                      ? 
_entity_src_gen.pdbx_beg_seq_num                   ? 
_entity_src_gen.pdbx_end_seq_num                   ? 
_entity_src_gen.gene_src_common_name               ? 
_entity_src_gen.gene_src_genus                     ? 
_entity_src_gen.pdbx_gene_src_gene                 'azu, PA4922' 
_entity_src_gen.gene_src_species                   ? 
_entity_src_gen.gene_src_strain                    ? 
_entity_src_gen.gene_src_tissue                    ? 
_entity_src_gen.gene_src_tissue_fraction           ? 
_entity_src_gen.gene_src_details                   ? 
_entity_src_gen.pdbx_gene_src_fragment             ? 
_entity_src_gen.pdbx_gene_src_scientific_name      'Pseudomonas aeruginosa' 
_entity_src_gen.pdbx_gene_src_ncbi_taxonomy_id     287 
_entity_src_gen.pdbx_gene_src_variant              ? 
_entity_src_gen.pdbx_gene_src_cell_line            ? 
_entity_src_gen.pdbx_gene_src_atcc                 ? 
_entity_src_gen.pdbx_gene_src_organ                ? 
_entity_src_gen.pdbx_gene_src_organelle            ? 
_entity_src_gen.pdbx_gene_src_cell                 ? 
_entity_src_gen.pdbx_gene_src_cellular_location    ? 
_entity_src_gen.host_org_common_name               ? 
_entity_src_gen.pdbx_host_org_scientific_name      'Escherichia coli' 
_entity_src_gen.pdbx_host_org_ncbi_taxonomy_id     562 
_entity_src_gen.host_org_genus                     ? 
_entity_src_gen.pdbx_host_org_gene                 ? 
_entity_src_gen.pdbx_host_org_organ                ? 
_entity_src_gen.host_org_species                   ? 
_entity_src_gen.pdbx_host_org_tissue               ? 
_entity_src_gen.pdbx_host_org_tissue_fraction      ? 
_entity_src_gen.pdbx_host_org_strain               'BL21(DE3)' 
_entity_src_gen.pdbx_host_org_variant              ? 
_entity_src_gen.pdbx_host_org_cell_line            ? 
_entity_src_gen.pdbx_host_org_atcc                 ? 
_entity_src_gen.pdbx_host_org_culture_collection   ? 
_entity_src_gen.pdbx_host_org_cell                 ? 
_entity_src_gen.pdbx_host_org_organelle            ? 
_entity_src_gen.pdbx_host_org_cellular_location    ? 
_entity_src_gen.pdbx_host_org_vector_type          ? 
_entity_src_gen.pdbx_host_org_vector               ? 
_entity_src_gen.host_org_details                   ? 
_entity_src_gen.expression_system_id               ? 
_entity_src_gen.plasmid_name                       ? 
_entity_src_gen.plasmid_details                    ? 
_entity_src_gen.pdbx_description                   ? 
# 
loop_
_chem_comp.id 
_chem_comp.type 
_chem_comp.mon_nstd_flag 
_chem_comp.name 
_chem_comp.pdbx_synonyms 
_chem_comp.formula 
_chem_comp.formula_weight 
ALA 'L-peptide linking' y ALANINE                                  ?             'C3 H7 N O2'     89.093  
ARG 'L-peptide linking' y ARGININE                                 ?             'C6 H15 N4 O2 1' 175.209 
ASN 'L-peptide linking' y ASPARAGINE                               ?             'C4 H8 N2 O3'    132.118 
ASP 'L-peptide linking' y 'ASPARTIC ACID'                          ?             'C4 H7 N O4'     133.103 
CU  non-polymer         . 'COPPER (II) ION'                        ?             'Cu 2'           63.546  
CYS 'L-peptide linking' y CYSTEINE                                 ?             'C3 H7 N O2 S'   121.158 
GLN 'L-peptide linking' y GLUTAMINE                                ?             'C5 H10 N2 O3'   146.144 
GLU 'L-peptide linking' y 'GLUTAMIC ACID'                          ?             'C5 H9 N O4'     147.129 
GLY 'peptide linking'   y GLYCINE                                  ?             'C2 H5 N O2'     75.067  
HIS 'L-peptide linking' y HISTIDINE                                ?             'C6 H10 N3 O2 1' 156.162 
HOH non-polymer         . WATER                                    ?             'H2 O'           18.015  
ILE 'L-peptide linking' y ISOLEUCINE                               ?             'C6 H13 N O2'    131.173 
LEU 'L-peptide linking' y LEUCINE                                  ?             'C6 H13 N O2'    131.173 
LYS 'L-peptide linking' y LYSINE                                   ?             'C6 H15 N2 O2 1' 147.195 
MET 'L-peptide linking' y METHIONINE                               ?             'C5 H11 N O2 S'  149.211 
PHE 'L-peptide linking' y PHENYLALANINE                            ?             'C9 H11 N O2'    165.189 
PRO 'L-peptide linking' y PROLINE                                  ?             'C5 H9 N O2'     115.130 
SER 'L-peptide linking' y SERINE                                   ?             'C3 H7 N O3'     105.093 
THR 'L-peptide linking' y THREONINE                                ?             'C4 H9 N O3'     119.119 
TRP 'L-peptide linking' y TRYPTOPHAN                               ?             'C11 H12 N2 O2'  204.225 
TRS non-polymer         . 2-AMINO-2-HYDROXYMETHYL-PROPANE-1,3-DIOL 'TRIS BUFFER' 'C4 H12 N O3 1'  122.143 
TYR 'L-peptide linking' y TYROSINE                                 ?             'C9 H11 N O3'    181.189 
VAL 'L-peptide linking' y VALINE                                   ?             'C5 H11 N O2'    117.146 
# 
loop_
_pdbx_poly_seq_scheme.asym_id 
_pdbx_poly_seq_scheme.entity_id 
_pdbx_poly_seq_scheme.seq_id 
_pdbx_poly_seq_scheme.mon_id 
_pdbx_poly_seq_scheme.ndb_seq_num 
_pdbx_poly_seq_scheme.pdb_seq_num 
_pdbx_poly_seq_scheme.auth_seq_num 
_pdbx_poly_seq_scheme.pdb_mon_id 
_pdbx_poly_seq_scheme.auth_mon_id 
_pdbx_poly_seq_scheme.pdb_strand_id 
_pdbx_poly_seq_scheme.pdb_ins_code 
_pdbx_poly_seq_scheme.hetero 
A 1 1   ALA 1   1   1   ALA ALA A . n 
A 1 2   GLU 2   2   2   GLU GLU A . n 
A 1 3   CYS 3   3   3   CYS CYS A . n 
A 1 4   SER 4   4   4   SER SER A . n 
A 1 5   VAL 5   5   5   VAL VAL A . n 
A 1 6   ASP 6   6   6   ASP ASP A . n 
A 1 7   ILE 7   7   7   ILE ILE A . n 
A 1 8   GLN 8   8   8   GLN GLN A . n 
A 1 9   GLY 9   9   9   GLY GLY A . n 
A 1 10  ASN 10  10  10  ASN ASN A . n 
A 1 11  ASP 11  11  11  ASP ASP A . n 
A 1 12  GLN 12  12  12  GLN GLN A . n 
A 1 13  MET 13  13  13  MET MET A . n 
A 1 14  GLN 14  14  14  GLN GLN A . n 
A 1 15  PHE 15  15  15  PHE PHE A . n 
A 1 16  ASN 16  16  16  ASN ASN A . n 
A 1 17  THR 17  17  17  THR THR A . n 
A 1 18  ASN 18  18  18  ASN ASN A . n 
A 1 19  ALA 19  19  19  ALA ALA A . n 
A 1 20  ILE 20  20  20  ILE ILE A . n 
A 1 21  THR 21  21  21  THR THR A . n 
A 1 22  VAL 22  22  22  VAL VAL A . n 
A 1 23  ASP 23  23  23  ASP ASP A . n 
A 1 24  LYS 24  24  24  LYS LYS A . n 
A 1 25  SER 25  25  25  SER SER A . n 
A 1 26  CYS 26  26  26  CYS CYS A . n 
A 1 27  LYS 27  27  27  LYS LYS A . n 
A 1 28  GLN 28  28  28  GLN GLN A . n 
A 1 29  PHE 29  29  29  PHE PHE A . n 
A 1 30  THR 30  30  30  THR THR A . n 
A 1 31  VAL 31  31  31  VAL VAL A . n 
A 1 32  ASN 32  32  32  ASN ASN A . n 
A 1 33  LEU 33  33  33  LEU LEU A . n 
A 1 34  SER 34  34  34  SER SER A . n 
A 1 35  HIS 35  35  35  HIS HIS A . n 
A 1 36  PRO 36  36  36  PRO PRO A . n 
A 1 37  GLY 37  37  37  GLY GLY A . n 
A 1 38  ASN 38  38  38  ASN ASN A . n 
A 1 39  LEU 39  39  39  LEU LEU A . n 
A 1 40  PRO 40  40  40  PRO PRO A . n 
A 1 41  LYS 41  41  41  LYS LYS A . n 
A 1 42  ASN 42  42  42  ASN ASN A . n 
A 1 43  VAL 43  43  43  VAL VAL A . n 
A 1 44  MET 44  44  44  MET MET A . n 
A 1 45  GLY 45  45  45  GLY GLY A . n 
A 1 46  HIS 46  46  46  HIS HIS A . n 
A 1 47  ASN 47  47  47  ASN ASN A . n 
A 1 48  TRP 48  48  48  TRP TRP A . n 
A 1 49  VAL 49  49  49  VAL VAL A . n 
A 1 50  LEU 50  50  50  LEU LEU A . n 
A 1 51  SER 51  51  51  SER SER A . n 
A 1 52  THR 52  52  52  THR THR A . n 
A 1 53  ALA 53  53  53  ALA ALA A . n 
A 1 54  ALA 54  54  54  ALA ALA A . n 
A 1 55  ASP 55  55  55  ASP ASP A . n 
A 1 56  MET 56  56  56  MET MET A . n 
A 1 57  GLN 57  57  57  GLN GLN A . n 
A 1 58  GLY 58  58  58  GLY GLY A . n 
A 1 59  VAL 59  59  59  VAL VAL A . n 
A 1 60  VAL 60  60  60  VAL VAL A . n 
A 1 61  THR 61  61  61  THR THR A . n 
A 1 62  ASP 62  62  62  ASP ASP A . n 
A 1 63  GLY 63  63  63  GLY GLY A . n 
A 1 64  MET 64  64  64  MET MET A . n 
A 1 65  ALA 65  65  65  ALA ALA A . n 
A 1 66  SER 66  66  66  SER SER A . n 
A 1 67  GLY 67  67  67  GLY GLY A . n 
A 1 68  LEU 68  68  68  LEU LEU A . n 
A 1 69  ASP 69  69  69  ASP ASP A . n 
A 1 70  LYS 70  70  70  LYS LYS A . n 
A 1 71  ASP 71  71  71  ASP ASP A . n 
A 1 72  TYR 72  72  72  TYR TYR A . n 
A 1 73  LEU 73  73  73  LEU LEU A . n 
A 1 74  LYS 74  74  74  LYS LYS A . n 
A 1 75  PRO 75  75  75  PRO PRO A . n 
A 1 76  ASP 76  76  76  ASP ASP A . n 
A 1 77  ASP 77  77  77  ASP ASP A . n 
A 1 78  SER 78  78  78  SER SER A . n 
A 1 79  ARG 79  79  79  ARG ARG A . n 
A 1 80  VAL 80  80  80  VAL VAL A . n 
A 1 81  ILE 81  81  81  ILE ILE A . n 
A 1 82  ALA 82  82  82  ALA ALA A . n 
A 1 83  HIS 83  83  83  HIS HIS A . n 
A 1 84  THR 84  84  84  THR THR A . n 
A 1 85  LYS 85  85  85  LYS LYS A . n 
A 1 86  LEU 86  86  86  LEU LEU A . n 
A 1 87  ILE 87  87  87  ILE ILE A . n 
A 1 88  GLY 88  88  88  GLY GLY A . n 
A 1 89  SER 89  89  89  SER SER A . n 
A 1 90  GLY 90  90  90  GLY GLY A . n 
A 1 91  GLU 91  91  91  GLU GLU A . n 
A 1 92  LYS 92  92  92  LYS LYS A . n 
A 1 93  ASP 93  93  93  ASP ASP A . n 
A 1 94  SER 94  94  94  SER SER A . n 
A 1 95  VAL 95  95  95  VAL VAL A . n 
A 1 96  THR 96  96  96  THR THR A . n 
A 1 97  PHE 97  97  97  PHE PHE A . n 
A 1 98  ASP 98  98  98  ASP ASP A . n 
A 1 99  VAL 99  99  99  VAL VAL A . n 
A 1 100 SER 100 100 100 SER SER A . n 
A 1 101 LYS 101 101 101 LYS LYS A . n 
A 1 102 LEU 102 102 102 LEU LEU A . n 
A 1 103 LYS 103 103 103 LYS LYS A . n 
A 1 104 GLU 104 104 104 GLU GLU A . n 
A 1 105 GLY 105 105 105 GLY GLY A . n 
A 1 106 GLU 106 106 106 GLU GLU A . n 
A 1 107 GLN 107 107 107 GLN GLN A . n 
A 1 108 TYR 108 108 108 TYR TYR A . n 
A 1 109 MET 109 109 109 MET MET A . n 
A 1 110 PHE 110 110 110 PHE PHE A . n 
A 1 111 PHE 111 111 111 PHE PHE A . n 
A 1 112 ASP 112 112 112 ASP ASP A . n 
A 1 113 THR 113 113 113 THR THR A . n 
A 1 114 PHE 114 114 114 PHE PHE A . n 
A 1 115 PRO 115 115 115 PRO PRO A . n 
A 1 116 GLY 116 116 116 GLY GLY A . n 
A 1 117 HIS 117 117 117 HIS HIS A . n 
A 1 118 SER 118 118 118 SER SER A . n 
A 1 119 ALA 119 119 119 ALA ALA A . n 
A 1 120 LEU 120 120 120 LEU LEU A . n 
A 1 121 MET 121 121 121 MET MET A . n 
A 1 122 LYS 122 122 122 LYS LYS A . n 
A 1 123 GLY 123 123 123 GLY GLY A . n 
A 1 124 THR 124 124 124 THR THR A . n 
A 1 125 LEU 125 125 125 LEU LEU A . n 
A 1 126 THR 126 126 126 THR THR A . n 
A 1 127 LEU 127 127 127 LEU LEU A . n 
A 1 128 LYS 128 128 128 LYS LYS A . n 
# 
loop_
_pdbx_nonpoly_scheme.asym_id 
_pdbx_nonpoly_scheme.entity_id 
_pdbx_nonpoly_scheme.mon_id 
_pdbx_nonpoly_scheme.ndb_seq_num 
_pdbx_nonpoly_scheme.pdb_seq_num 
_pdbx_nonpoly_scheme.auth_seq_num 
_pdbx_nonpoly_scheme.pdb_mon_id 
_pdbx_nonpoly_scheme.auth_mon_id 
_pdbx_nonpoly_scheme.pdb_strand_id 
_pdbx_nonpoly_scheme.pdb_ins_code 
B 2 CU  1  129 1  CU  CU  A . 
C 2 CU  1  130 2  CU  CU  A . 
D 3 TRS 1  131 1  TRS TRS A . 
E 4 HOH 1  132 1  HOH HOH A . 
E 4 HOH 2  133 2  HOH HOH A . 
E 4 HOH 3  134 3  HOH HOH A . 
E 4 HOH 4  135 4  HOH HOH A . 
E 4 HOH 5  136 5  HOH HOH A . 
E 4 HOH 6  137 6  HOH HOH A . 
E 4 HOH 7  138 7  HOH HOH A . 
E 4 HOH 8  139 8  HOH HOH A . 
E 4 HOH 9  140 9  HOH HOH A . 
E 4 HOH 10 141 10 HOH HOH A . 
E 4 HOH 11 142 11 HOH HOH A . 
E 4 HOH 12 143 12 HOH HOH A . 
E 4 HOH 13 144 13 HOH HOH A . 
E 4 HOH 14 145 14 HOH HOH A . 
E 4 HOH 15 146 15 HOH HOH A . 
E 4 HOH 16 147 16 HOH HOH A . 
E 4 HOH 17 148 17 HOH HOH A . 
E 4 HOH 18 149 18 HOH HOH A . 
E 4 HOH 19 150 19 HOH HOH A . 
E 4 HOH 20 151 20 HOH HOH A . 
E 4 HOH 21 152 21 HOH HOH A . 
E 4 HOH 22 153 22 HOH HOH A . 
E 4 HOH 23 154 23 HOH HOH A . 
E 4 HOH 24 155 24 HOH HOH A . 
E 4 HOH 25 156 25 HOH HOH A . 
E 4 HOH 26 157 26 HOH HOH A . 
E 4 HOH 27 158 27 HOH HOH A . 
E 4 HOH 28 159 28 HOH HOH A . 
E 4 HOH 29 160 29 HOH HOH A . 
E 4 HOH 30 161 30 HOH HOH A . 
E 4 HOH 31 162 31 HOH HOH A . 
E 4 HOH 32 163 32 HOH HOH A . 
E 4 HOH 33 164 33 HOH HOH A . 
E 4 HOH 34 165 34 HOH HOH A . 
E 4 HOH 35 166 35 HOH HOH A . 
E 4 HOH 36 167 36 HOH HOH A . 
E 4 HOH 37 168 37 HOH HOH A . 
E 4 HOH 38 169 38 HOH HOH A . 
E 4 HOH 39 170 39 HOH HOH A . 
E 4 HOH 40 171 40 HOH HOH A . 
E 4 HOH 41 172 41 HOH HOH A . 
E 4 HOH 42 173 42 HOH HOH A . 
E 4 HOH 43 174 43 HOH HOH A . 
E 4 HOH 44 175 44 HOH HOH A . 
E 4 HOH 45 176 45 HOH HOH A . 
E 4 HOH 46 177 46 HOH HOH A . 
E 4 HOH 47 178 47 HOH HOH A . 
E 4 HOH 48 179 48 HOH HOH A . 
E 4 HOH 49 180 49 HOH HOH A . 
E 4 HOH 50 181 50 HOH HOH A . 
E 4 HOH 51 182 51 HOH HOH A . 
E 4 HOH 52 183 52 HOH HOH A . 
E 4 HOH 53 184 53 HOH HOH A . 
E 4 HOH 54 185 54 HOH HOH A . 
E 4 HOH 55 186 55 HOH HOH A . 
E 4 HOH 56 187 56 HOH HOH A . 
E 4 HOH 57 188 57 HOH HOH A . 
E 4 HOH 58 189 58 HOH HOH A . 
E 4 HOH 59 190 59 HOH HOH A . 
E 4 HOH 60 191 60 HOH HOH A . 
E 4 HOH 61 192 61 HOH HOH A . 
E 4 HOH 62 193 62 HOH HOH A . 
E 4 HOH 63 194 63 HOH HOH A . 
E 4 HOH 64 195 64 HOH HOH A . 
E 4 HOH 65 196 65 HOH HOH A . 
E 4 HOH 66 197 66 HOH HOH A . 
E 4 HOH 67 198 67 HOH HOH A . 
E 4 HOH 68 199 68 HOH HOH A . 
E 4 HOH 69 200 69 HOH HOH A . 
E 4 HOH 70 201 70 HOH HOH A . 
E 4 HOH 71 202 71 HOH HOH A . 
E 4 HOH 72 203 72 HOH HOH A . 
E 4 HOH 73 204 73 HOH HOH A . 
E 4 HOH 74 205 74 HOH HOH A . 
E 4 HOH 75 206 75 HOH HOH A . 
E 4 HOH 76 207 76 HOH HOH A . 
E 4 HOH 77 208 77 HOH HOH A . 
E 4 HOH 78 209 78 HOH HOH A . 
E 4 HOH 79 210 79 HOH HOH A . 
E 4 HOH 80 211 80 HOH HOH A . 
E 4 HOH 81 212 81 HOH HOH A . 
E 4 HOH 82 213 83 HOH HOH A . 
E 4 HOH 83 214 84 HOH HOH A . 
E 4 HOH 84 215 85 HOH HOH A . 
E 4 HOH 85 216 86 HOH HOH A . 
E 4 HOH 86 217 87 HOH HOH A . 
E 4 HOH 87 218 88 HOH HOH A . 
E 4 HOH 88 219 89 HOH HOH A . 
E 4 HOH 89 220 90 HOH HOH A . 
E 4 HOH 90 221 92 HOH HOH A . 
E 4 HOH 91 222 93 HOH HOH A . 
E 4 HOH 92 223 94 HOH HOH A . 
E 4 HOH 93 224 96 HOH HOH A . 
# 
loop_
_software.name 
_software.classification 
_software.version 
_software.citation_id 
_software.pdbx_ordinal 
CrystalClear 'data collection' .        ? 1 
MOLREP       phasing           .        ? 2 
REFMAC       refinement        5.2.0019 ? 3 
iMOSFLM      'data reduction'  .        ? 4 
SCALA        'data scaling'    .        ? 5 
# 
_cell.entry_id           3FQY 
_cell.length_a           48.930 
_cell.length_b           55.080 
_cell.length_c           94.440 
_cell.angle_alpha        90.00 
_cell.angle_beta         90.00 
_cell.angle_gamma        90.00 
_cell.Z_PDB              8 
_cell.pdbx_unique_axis   ? 
_cell.length_a_esd       ? 
_cell.length_b_esd       ? 
_cell.length_c_esd       ? 
_cell.angle_alpha_esd    ? 
_cell.angle_beta_esd     ? 
_cell.angle_gamma_esd    ? 
# 
_symmetry.entry_id                         3FQY 
_symmetry.space_group_name_H-M             'C 2 2 21' 
_symmetry.pdbx_full_space_group_name_H-M   ? 
_symmetry.cell_setting                     ? 
_symmetry.Int_Tables_number                20 
_symmetry.space_group_name_Hall            ? 
# 
_exptl.entry_id          3FQY 
_exptl.method            'X-RAY DIFFRACTION' 
_exptl.crystals_number   1 
# 
_exptl_crystal.id                    1 
_exptl_crystal.density_meas          ? 
_exptl_crystal.density_Matthews      2.28 
_exptl_crystal.density_percent_sol   45.98 
_exptl_crystal.description           ? 
_exptl_crystal.F_000                 ? 
_exptl_crystal.preparation           ? 
# 
_exptl_crystal_grow.crystal_id      1 
_exptl_crystal_grow.method          'VAPOR DIFFUSION, SITTING DROP' 
_exptl_crystal_grow.temp            298 
_exptl_crystal_grow.temp_details    ? 
_exptl_crystal_grow.pH              7.0 
_exptl_crystal_grow.pdbx_details    
;25% PEG 4000, 0.1M sodium acetate pH 5.6, 0.1 M tris pH 8, 0.1 M lithium nitrate, 0.01 M copper(II) sulfate, VAPOR DIFFUSION, SITTING DROP, temperature 298K
;
_exptl_crystal_grow.pdbx_pH_range   . 
# 
_diffrn.id                     1 
_diffrn.ambient_temp           100 
_diffrn.ambient_temp_details   ? 
_diffrn.crystal_id             1 
# 
_diffrn_detector.diffrn_id              1 
_diffrn_detector.detector               'IMAGE PLATE' 
_diffrn_detector.type                   'RIGAKU RAXIS IV++' 
_diffrn_detector.pdbx_collection_date   2008-01-01 
_diffrn_detector.details                ? 
# 
_diffrn_radiation.diffrn_id                        1 
_diffrn_radiation.wavelength_id                    1 
_diffrn_radiation.pdbx_monochromatic_or_laue_m_l   M 
_diffrn_radiation.monochromator                    ? 
_diffrn_radiation.pdbx_diffrn_protocol             'SINGLE WAVELENGTH' 
_diffrn_radiation.pdbx_scattering_type             x-ray 
# 
_diffrn_radiation_wavelength.id           1 
_diffrn_radiation_wavelength.wavelength   1.54 
_diffrn_radiation_wavelength.wt           1.0 
# 
_diffrn_source.diffrn_id                   1 
_diffrn_source.source                      'ROTATING ANODE' 
_diffrn_source.type                        RIGAKU 
_diffrn_source.pdbx_synchrotron_site       ? 
_diffrn_source.pdbx_synchrotron_beamline   ? 
_diffrn_source.pdbx_wavelength             ? 
_diffrn_source.pdbx_wavelength_list        1.54 
# 
_reflns.entry_id                     3FQY 
_reflns.observed_criterion_sigma_I   0 
_reflns.observed_criterion_sigma_F   0 
_reflns.d_resolution_low             19.84 
_reflns.d_resolution_high            1.80 
_reflns.number_obs                   11261 
_reflns.number_all                   11261 
_reflns.percent_possible_obs         92.88 
_reflns.pdbx_Rmerge_I_obs            0.04 
_reflns.pdbx_Rsym_value              ? 
_reflns.B_iso_Wilson_estimate        ? 
_reflns.pdbx_redundancy              3.51 
_reflns.R_free_details               ? 
_reflns.limit_h_max                  ? 
_reflns.limit_h_min                  ? 
_reflns.limit_k_max                  ? 
_reflns.limit_k_min                  ? 
_reflns.limit_l_max                  ? 
_reflns.limit_l_min                  ? 
_reflns.observed_criterion_F_max     ? 
_reflns.observed_criterion_F_min     ? 
_reflns.pdbx_chi_squared             ? 
_reflns.pdbx_scaling_rejects         ? 
_reflns.pdbx_netI_over_sigmaI        ? 
_reflns.pdbx_diffrn_id               1 
_reflns.pdbx_ordinal                 1 
# 
_reflns_shell.d_res_high             1.80 
_reflns_shell.d_res_low              1.90 
_reflns_shell.percent_possible_all   74.34 
_reflns_shell.Rmerge_I_obs           .31 
_reflns_shell.pdbx_Rsym_value        ? 
_reflns_shell.meanI_over_sigI_obs    ? 
_reflns_shell.pdbx_redundancy        ? 
_reflns_shell.percent_possible_obs   ? 
_reflns_shell.number_unique_all      ? 
_reflns_shell.number_measured_all    ? 
_reflns_shell.number_measured_obs    ? 
_reflns_shell.number_unique_obs      ? 
_reflns_shell.pdbx_chi_squared       ? 
_reflns_shell.pdbx_diffrn_id         ? 
_reflns_shell.pdbx_ordinal           1 
# 
_refine.entry_id                                 3FQY 
_refine.ls_number_reflns_obs                     9441 
_refine.ls_number_reflns_all                     9441 
_refine.pdbx_ls_sigma_I                          ? 
_refine.pdbx_ls_sigma_F                          0 
_refine.pdbx_data_cutoff_high_absF               ? 
_refine.pdbx_data_cutoff_low_absF                ? 
_refine.pdbx_data_cutoff_high_rms_absF           ? 
_refine.ls_d_res_low                             19.84 
_refine.ls_d_res_high                            1.90 
_refine.ls_percent_reflns_obs                    95.72 
_refine.ls_R_factor_obs                          0.18910 
_refine.ls_R_factor_all                          0.18910 
_refine.ls_R_factor_R_work                       0.18626 
_refine.ls_R_factor_R_free                       0.24369 
_refine.ls_R_factor_R_free_error                 ? 
_refine.ls_R_factor_R_free_error_details         ? 
_refine.ls_percent_reflns_R_free                 5.0 
_refine.ls_number_reflns_R_free                  492 
_refine.ls_number_parameters                     ? 
_refine.ls_number_restraints                     ? 
_refine.occupancy_min                            ? 
_refine.occupancy_max                            ? 
_refine.correlation_coeff_Fo_to_Fc               0.955 
_refine.correlation_coeff_Fo_to_Fc_free          0.935 
_refine.B_iso_mean                               27.344 
_refine.aniso_B[1][1]                            -0.02 
_refine.aniso_B[2][2]                            0.02 
_refine.aniso_B[3][3]                            -0.01 
_refine.aniso_B[1][2]                            0.00 
_refine.aniso_B[1][3]                            0.00 
_refine.aniso_B[2][3]                            0.00 
_refine.solvent_model_details                    MASK 
_refine.solvent_model_param_ksol                 ? 
_refine.solvent_model_param_bsol                 ? 
_refine.pdbx_solvent_vdw_probe_radii             1.20 
_refine.pdbx_solvent_ion_probe_radii             0.80 
_refine.pdbx_solvent_shrinkage_radii             0.80 
_refine.pdbx_ls_cross_valid_method               THROUGHOUT 
_refine.details                                  'HYDROGENS HAVE BEEN ADDED IN THE RIDING POSITIONS' 
_refine.pdbx_starting_model                      'PDB entry 1AG0' 
_refine.pdbx_method_to_determine_struct          'MOLECULAR REPLACEMENT' 
_refine.pdbx_isotropic_thermal_model             ? 
_refine.pdbx_stereochemistry_target_values       'MAXIMUM LIKELIHOOD' 
_refine.pdbx_stereochem_target_val_spec_case     ? 
_refine.pdbx_R_Free_selection_details            RANDOM 
_refine.pdbx_overall_ESU_R                       0.168 
_refine.pdbx_overall_ESU_R_Free                  0.162 
_refine.overall_SU_ML                            0.109 
_refine.overall_SU_B                             3.696 
_refine.ls_redundancy_reflns_obs                 ? 
_refine.B_iso_min                                ? 
_refine.B_iso_max                                ? 
_refine.overall_SU_R_Cruickshank_DPI             ? 
_refine.overall_SU_R_free                        ? 
_refine.ls_wR_factor_R_free                      ? 
_refine.ls_wR_factor_R_work                      ? 
_refine.overall_FOM_free_R_set                   ? 
_refine.overall_FOM_work_R_set                   ? 
_refine.pdbx_overall_phase_error                 ? 
_refine.pdbx_refine_id                           'X-RAY DIFFRACTION' 
_refine.pdbx_diffrn_id                           1 
_refine.pdbx_TLS_residual_ADP_flag               ? 
_refine.pdbx_overall_SU_R_free_Cruickshank_DPI   ? 
_refine.pdbx_overall_SU_R_Blow_DPI               ? 
_refine.pdbx_overall_SU_R_free_Blow_DPI          ? 
# 
_refine_hist.pdbx_refine_id                   'X-RAY DIFFRACTION' 
_refine_hist.cycle_id                         LAST 
_refine_hist.pdbx_number_atoms_protein        975 
_refine_hist.pdbx_number_atoms_nucleic_acid   0 
_refine_hist.pdbx_number_atoms_ligand         10 
_refine_hist.number_atoms_solvent             93 
_refine_hist.number_atoms_total               1078 
_refine_hist.d_res_high                       1.90 
_refine_hist.d_res_low                        19.84 
# 
loop_
_refine_ls_restr.type 
_refine_ls_restr.dev_ideal 
_refine_ls_restr.dev_ideal_target 
_refine_ls_restr.weight 
_refine_ls_restr.number 
_refine_ls_restr.pdbx_refine_id 
_refine_ls_restr.pdbx_restraint_function 
r_bond_refined_d             0.025  0.022  ? 1000 'X-RAY DIFFRACTION' ? 
r_bond_other_d               ?      ?      ? ?    'X-RAY DIFFRACTION' ? 
r_angle_refined_deg          2.086  1.955  ? 1349 'X-RAY DIFFRACTION' ? 
r_angle_other_deg            ?      ?      ? ?    'X-RAY DIFFRACTION' ? 
r_dihedral_angle_1_deg       6.681  5.000  ? 127  'X-RAY DIFFRACTION' ? 
r_dihedral_angle_2_deg       40.705 26.512 ? 43   'X-RAY DIFFRACTION' ? 
r_dihedral_angle_3_deg       16.653 15.000 ? 177  'X-RAY DIFFRACTION' ? 
r_dihedral_angle_4_deg       15.407 15.000 ? 1    'X-RAY DIFFRACTION' ? 
r_chiral_restr               0.156  0.200  ? 151  'X-RAY DIFFRACTION' ? 
r_gen_planes_refined         0.010  0.020  ? 737  'X-RAY DIFFRACTION' ? 
r_gen_planes_other           ?      ?      ? ?    'X-RAY DIFFRACTION' ? 
r_nbd_refined                0.247  0.200  ? 502  'X-RAY DIFFRACTION' ? 
r_nbd_other                  ?      ?      ? ?    'X-RAY DIFFRACTION' ? 
r_nbtor_refined              0.307  0.200  ? 686  'X-RAY DIFFRACTION' ? 
r_nbtor_other                ?      ?      ? ?    'X-RAY DIFFRACTION' ? 
r_xyhbond_nbd_refined        0.196  0.200  ? 58   'X-RAY DIFFRACTION' ? 
r_xyhbond_nbd_other          ?      ?      ? ?    'X-RAY DIFFRACTION' ? 
r_metal_ion_refined          0.063  0.200  ? 2    'X-RAY DIFFRACTION' ? 
r_metal_ion_other            ?      ?      ? ?    'X-RAY DIFFRACTION' ? 
r_symmetry_vdw_refined       0.308  0.200  ? 23   'X-RAY DIFFRACTION' ? 
r_symmetry_vdw_other         ?      ?      ? ?    'X-RAY DIFFRACTION' ? 
r_symmetry_hbond_refined     0.446  0.200  ? 12   'X-RAY DIFFRACTION' ? 
r_symmetry_hbond_other       ?      ?      ? ?    'X-RAY DIFFRACTION' ? 
r_symmetry_metal_ion_refined ?      ?      ? ?    'X-RAY DIFFRACTION' ? 
r_symmetry_metal_ion_other   ?      ?      ? ?    'X-RAY DIFFRACTION' ? 
r_mcbond_it                  1.883  1.500  ? 657  'X-RAY DIFFRACTION' ? 
r_mcbond_other               ?      ?      ? ?    'X-RAY DIFFRACTION' ? 
r_mcangle_it                 2.506  2.000  ? 1023 'X-RAY DIFFRACTION' ? 
r_scbond_it                  4.113  3.000  ? 387  'X-RAY DIFFRACTION' ? 
r_scangle_it                 6.192  4.500  ? 326  'X-RAY DIFFRACTION' ? 
r_rigid_bond_restr           ?      ?      ? ?    'X-RAY DIFFRACTION' ? 
r_sphericity_free            ?      ?      ? ?    'X-RAY DIFFRACTION' ? 
r_sphericity_bonded          ?      ?      ? ?    'X-RAY DIFFRACTION' ? 
# 
_refine_ls_shell.pdbx_total_number_of_bins_used   20 
_refine_ls_shell.d_res_high                       1.900 
_refine_ls_shell.d_res_low                        1.949 
_refine_ls_shell.number_reflns_R_work             677 
_refine_ls_shell.R_factor_R_work                  0.247 
_refine_ls_shell.percent_reflns_obs               92.60 
_refine_ls_shell.R_factor_R_free                  0.345 
_refine_ls_shell.R_factor_R_free_error            ? 
_refine_ls_shell.percent_reflns_R_free            ? 
_refine_ls_shell.number_reflns_R_free             24 
_refine_ls_shell.number_reflns_all                ? 
_refine_ls_shell.R_factor_all                     ? 
_refine_ls_shell.number_reflns_obs                757 
_refine_ls_shell.redundancy_reflns_obs            ? 
_refine_ls_shell.pdbx_refine_id                   'X-RAY DIFFRACTION' 
# 
_struct.entry_id                  3FQY 
_struct.title                     'Azurin C112D' 
_struct.pdbx_model_details        ? 
_struct.pdbx_CASP_flag            ? 
_struct.pdbx_model_type_details   ? 
# 
_struct_keywords.entry_id        3FQY 
_struct_keywords.pdbx_keywords   'ELECTRON TRANSPORT' 
_struct_keywords.text            'Electron Transport, Copper Binding, Copper, Metal-binding, Periplasm, Transport' 
# 
loop_
_struct_asym.id 
_struct_asym.pdbx_blank_PDB_chainid_flag 
_struct_asym.pdbx_modified 
_struct_asym.entity_id 
_struct_asym.details 
A N N 1 ? 
B N N 2 ? 
C N N 2 ? 
D N N 3 ? 
E N N 4 ? 
# 
_struct_ref.id                         1 
_struct_ref.db_name                    UNP 
_struct_ref.db_code                    AZUR_PSEAE 
_struct_ref.pdbx_db_accession          P00282 
_struct_ref.entity_id                  1 
_struct_ref.pdbx_seq_one_letter_code   
;AECSVDIQGNDQMQFNTNAITVDKSCKQFTVNLSHPGNLPKNVMGHNWVLSTAADMQGVVTDGMASGLDKDYLKPDDSRV
IAHTKLIGSGEKDSVTFDVSKLKEGEQYMFFCTFPGHSALMKGTLTLK
;
_struct_ref.pdbx_align_begin           21 
_struct_ref.pdbx_db_isoform            ? 
# 
_struct_ref_seq.align_id                      1 
_struct_ref_seq.ref_id                        1 
_struct_ref_seq.pdbx_PDB_id_code              3FQY 
_struct_ref_seq.pdbx_strand_id                A 
_struct_ref_seq.seq_align_beg                 1 
_struct_ref_seq.pdbx_seq_align_beg_ins_code   ? 
_struct_ref_seq.seq_align_end                 128 
_struct_ref_seq.pdbx_seq_align_end_ins_code   ? 
_struct_ref_seq.pdbx_db_accession             P00282 
_struct_ref_seq.db_align_beg                  21 
_struct_ref_seq.pdbx_db_align_beg_ins_code    ? 
_struct_ref_seq.db_align_end                  148 
_struct_ref_seq.pdbx_db_align_end_ins_code    ? 
_struct_ref_seq.pdbx_auth_seq_align_beg       1 
_struct_ref_seq.pdbx_auth_seq_align_end       128 
# 
_struct_ref_seq_dif.align_id                     1 
_struct_ref_seq_dif.pdbx_pdb_id_code             3FQY 
_struct_ref_seq_dif.mon_id                       ASP 
_struct_ref_seq_dif.pdbx_pdb_strand_id           A 
_struct_ref_seq_dif.seq_num                      112 
_struct_ref_seq_dif.pdbx_pdb_ins_code            ? 
_struct_ref_seq_dif.pdbx_seq_db_name             UNP 
_struct_ref_seq_dif.pdbx_seq_db_accession_code   P00282 
_struct_ref_seq_dif.db_mon_id                    CYS 
_struct_ref_seq_dif.pdbx_seq_db_seq_num          132 
_struct_ref_seq_dif.details                      'engineered mutation' 
_struct_ref_seq_dif.pdbx_auth_seq_num            112 
_struct_ref_seq_dif.pdbx_ordinal                 1 
# 
_pdbx_struct_assembly.id                   1 
_pdbx_struct_assembly.details              author_and_software_defined_assembly 
_pdbx_struct_assembly.method_details       PISA 
_pdbx_struct_assembly.oligomeric_details   monomeric 
_pdbx_struct_assembly.oligomeric_count     1 
# 
_pdbx_struct_assembly_gen.assembly_id       1 
_pdbx_struct_assembly_gen.oper_expression   1 
_pdbx_struct_assembly_gen.asym_id_list      A,B,C,D,E 
# 
_pdbx_struct_oper_list.id                   1 
_pdbx_struct_oper_list.type                 'identity operation' 
_pdbx_struct_oper_list.name                 1_555 
_pdbx_struct_oper_list.symmetry_operation   x,y,z 
_pdbx_struct_oper_list.matrix[1][1]         1.0000000000 
_pdbx_struct_oper_list.matrix[1][2]         0.0000000000 
_pdbx_struct_oper_list.matrix[1][3]         0.0000000000 
_pdbx_struct_oper_list.vector[1]            0.0000000000 
_pdbx_struct_oper_list.matrix[2][1]         0.0000000000 
_pdbx_struct_oper_list.matrix[2][2]         1.0000000000 
_pdbx_struct_oper_list.matrix[2][3]         0.0000000000 
_pdbx_struct_oper_list.vector[2]            0.0000000000 
_pdbx_struct_oper_list.matrix[3][1]         0.0000000000 
_pdbx_struct_oper_list.matrix[3][2]         0.0000000000 
_pdbx_struct_oper_list.matrix[3][3]         1.0000000000 
_pdbx_struct_oper_list.vector[3]            0.0000000000 
# 
_struct_biol.id        1 
_struct_biol.details   ? 
# 
loop_
_struct_conf.conf_type_id 
_struct_conf.id 
_struct_conf.pdbx_PDB_helix_id 
_struct_conf.beg_label_comp_id 
_struct_conf.beg_label_asym_id 
_struct_conf.beg_label_seq_id 
_struct_conf.pdbx_beg_PDB_ins_code 
_struct_conf.end_label_comp_id 
_struct_conf.end_label_asym_id 
_struct_conf.end_label_seq_id 
_struct_conf.pdbx_end_PDB_ins_code 
_struct_conf.beg_auth_comp_id 
_struct_conf.beg_auth_asym_id 
_struct_conf.beg_auth_seq_id 
_struct_conf.end_auth_comp_id 
_struct_conf.end_auth_asym_id 
_struct_conf.end_auth_seq_id 
_struct_conf.pdbx_PDB_helix_class 
_struct_conf.details 
_struct_conf.pdbx_PDB_helix_length 
HELX_P HELX_P1 1 PRO A 40  ? GLY A 45  ? PRO A 40  GLY A 45  1 ? 6  
HELX_P HELX_P2 2 ASP A 55  ? GLY A 67  ? ASP A 55  GLY A 67  1 ? 13 
HELX_P HELX_P3 3 LEU A 68  ? ASP A 71  ? LEU A 68  ASP A 71  5 ? 4  
HELX_P HELX_P4 4 SER A 100 ? LEU A 102 ? SER A 100 LEU A 102 5 ? 3  
HELX_P HELX_P5 5 GLY A 116 ? LEU A 120 ? GLY A 116 LEU A 120 5 ? 5  
# 
_struct_conf_type.id          HELX_P 
_struct_conf_type.criteria    ? 
_struct_conf_type.reference   ? 
# 
loop_
_struct_conn.id 
_struct_conn.conn_type_id 
_struct_conn.pdbx_leaving_atom_flag 
_struct_conn.pdbx_PDB_id 
_struct_conn.ptnr1_label_asym_id 
_struct_conn.ptnr1_label_comp_id 
_struct_conn.ptnr1_label_seq_id 
_struct_conn.ptnr1_label_atom_id 
_struct_conn.pdbx_ptnr1_label_alt_id 
_struct_conn.pdbx_ptnr1_PDB_ins_code 
_struct_conn.pdbx_ptnr1_standard_comp_id 
_struct_conn.ptnr1_symmetry 
_struct_conn.ptnr2_label_asym_id 
_struct_conn.ptnr2_label_comp_id 
_struct_conn.ptnr2_label_seq_id 
_struct_conn.ptnr2_label_atom_id 
_struct_conn.pdbx_ptnr2_label_alt_id 
_struct_conn.pdbx_ptnr2_PDB_ins_code 
_struct_conn.ptnr1_auth_asym_id 
_struct_conn.ptnr1_auth_comp_id 
_struct_conn.ptnr1_auth_seq_id 
_struct_conn.ptnr2_auth_asym_id 
_struct_conn.ptnr2_auth_comp_id 
_struct_conn.ptnr2_auth_seq_id 
_struct_conn.ptnr2_symmetry 
_struct_conn.pdbx_ptnr3_label_atom_id 
_struct_conn.pdbx_ptnr3_label_seq_id 
_struct_conn.pdbx_ptnr3_label_comp_id 
_struct_conn.pdbx_ptnr3_label_asym_id 
_struct_conn.pdbx_ptnr3_label_alt_id 
_struct_conn.pdbx_ptnr3_PDB_ins_code 
_struct_conn.details 
_struct_conn.pdbx_dist_value 
_struct_conn.pdbx_value_order 
_struct_conn.pdbx_role 
disulf1 disulf ? ? A CYS 3   SG  ? ? ? 1_555 A CYS 26 SG ? ? A CYS 3   A CYS 26  1_555 ? ? ? ? ? ? ? 1.963 ? ? 
metalc1 metalc ? ? A ALA 1   N   ? ? ? 1_555 C CU  .  CU ? ? A ALA 1   A CU  130 1_555 ? ? ? ? ? ? ? 2.191 ? ? 
metalc2 metalc ? ? A ALA 1   O   ? ? ? 1_555 C CU  .  CU ? ? A ALA 1   A CU  130 1_555 ? ? ? ? ? ? ? 2.248 ? ? 
metalc3 metalc ? ? A GLY 45  O   ? ? ? 1_555 B CU  .  CU ? ? A GLY 45  A CU  129 1_555 ? ? ? ? ? ? ? 2.586 ? ? 
metalc4 metalc ? ? A HIS 46  ND1 ? ? ? 1_555 B CU  .  CU ? ? A HIS 46  A CU  129 1_555 ? ? ? ? ? ? ? 2.052 ? ? 
metalc5 metalc ? ? A ASP 112 OD2 ? ? ? 1_555 B CU  .  CU ? ? A ASP 112 A CU  129 1_555 ? ? ? ? ? ? ? 1.919 ? ? 
metalc6 metalc ? ? A HIS 117 ND1 ? ? ? 1_555 B CU  .  CU ? ? A HIS 117 A CU  129 1_555 ? ? ? ? ? ? ? 2.041 ? ? 
metalc7 metalc ? ? C CU  .   CU  ? ? ? 1_555 D TRS .  N  ? ? A CU  130 A TRS 131 1_555 ? ? ? ? ? ? ? 1.975 ? ? 
metalc8 metalc ? ? C CU  .   CU  ? ? ? 1_555 D TRS .  O3 ? ? A CU  130 A TRS 131 1_555 ? ? ? ? ? ? ? 2.420 ? ? 
metalc9 metalc ? ? C CU  .   CU  ? ? ? 1_555 E HOH .  O  ? ? A CU  130 A HOH 177 1_555 ? ? ? ? ? ? ? 2.625 ? ? 
# 
loop_
_struct_conn_type.id 
_struct_conn_type.criteria 
_struct_conn_type.reference 
disulf ? ? 
metalc ? ? 
# 
loop_
_pdbx_struct_conn_angle.id 
_pdbx_struct_conn_angle.ptnr1_label_atom_id 
_pdbx_struct_conn_angle.ptnr1_label_alt_id 
_pdbx_struct_conn_angle.ptnr1_label_asym_id 
_pdbx_struct_conn_angle.ptnr1_label_comp_id 
_pdbx_struct_conn_angle.ptnr1_label_seq_id 
_pdbx_struct_conn_angle.ptnr1_auth_atom_id 
_pdbx_struct_conn_angle.ptnr1_auth_asym_id 
_pdbx_struct_conn_angle.ptnr1_auth_comp_id 
_pdbx_struct_conn_angle.ptnr1_auth_seq_id 
_pdbx_struct_conn_angle.ptnr1_PDB_ins_code 
_pdbx_struct_conn_angle.ptnr1_symmetry 
_pdbx_struct_conn_angle.ptnr2_label_atom_id 
_pdbx_struct_conn_angle.ptnr2_label_alt_id 
_pdbx_struct_conn_angle.ptnr2_label_asym_id 
_pdbx_struct_conn_angle.ptnr2_label_comp_id 
_pdbx_struct_conn_angle.ptnr2_label_seq_id 
_pdbx_struct_conn_angle.ptnr2_auth_atom_id 
_pdbx_struct_conn_angle.ptnr2_auth_asym_id 
_pdbx_struct_conn_angle.ptnr2_auth_comp_id 
_pdbx_struct_conn_angle.ptnr2_auth_seq_id 
_pdbx_struct_conn_angle.ptnr2_PDB_ins_code 
_pdbx_struct_conn_angle.ptnr2_symmetry 
_pdbx_struct_conn_angle.ptnr3_label_atom_id 
_pdbx_struct_conn_angle.ptnr3_label_alt_id 
_pdbx_struct_conn_angle.ptnr3_label_asym_id 
_pdbx_struct_conn_angle.ptnr3_label_comp_id 
_pdbx_struct_conn_angle.ptnr3_label_seq_id 
_pdbx_struct_conn_angle.ptnr3_auth_atom_id 
_pdbx_struct_conn_angle.ptnr3_auth_asym_id 
_pdbx_struct_conn_angle.ptnr3_auth_comp_id 
_pdbx_struct_conn_angle.ptnr3_auth_seq_id 
_pdbx_struct_conn_angle.ptnr3_PDB_ins_code 
_pdbx_struct_conn_angle.ptnr3_symmetry 
_pdbx_struct_conn_angle.value 
_pdbx_struct_conn_angle.value_esd 
1  N   ? A ALA 1   ? A ALA 1   ? 1_555 CU ? C CU . ? A CU 130 ? 1_555 O   ? A ALA 1   ? A ALA 1   ? 1_555 70.5  ? 
2  N   ? A ALA 1   ? A ALA 1   ? 1_555 CU ? C CU . ? A CU 130 ? 1_555 N   ? D TRS .   ? A TRS 131 ? 1_555 172.2 ? 
3  O   ? A ALA 1   ? A ALA 1   ? 1_555 CU ? C CU . ? A CU 130 ? 1_555 N   ? D TRS .   ? A TRS 131 ? 1_555 102.6 ? 
4  N   ? A ALA 1   ? A ALA 1   ? 1_555 CU ? C CU . ? A CU 130 ? 1_555 O3  ? D TRS .   ? A TRS 131 ? 1_555 96.7  ? 
5  O   ? A ALA 1   ? A ALA 1   ? 1_555 CU ? C CU . ? A CU 130 ? 1_555 O3  ? D TRS .   ? A TRS 131 ? 1_555 93.7  ? 
6  N   ? D TRS .   ? A TRS 131 ? 1_555 CU ? C CU . ? A CU 130 ? 1_555 O3  ? D TRS .   ? A TRS 131 ? 1_555 79.9  ? 
7  N   ? A ALA 1   ? A ALA 1   ? 1_555 CU ? C CU . ? A CU 130 ? 1_555 O   ? E HOH .   ? A HOH 177 ? 1_555 104.7 ? 
8  O   ? A ALA 1   ? A ALA 1   ? 1_555 CU ? C CU . ? A CU 130 ? 1_555 O   ? E HOH .   ? A HOH 177 ? 1_555 90.9  ? 
9  N   ? D TRS .   ? A TRS 131 ? 1_555 CU ? C CU . ? A CU 130 ? 1_555 O   ? E HOH .   ? A HOH 177 ? 1_555 78.4  ? 
10 O3  ? D TRS .   ? A TRS 131 ? 1_555 CU ? C CU . ? A CU 130 ? 1_555 O   ? E HOH .   ? A HOH 177 ? 1_555 158.4 ? 
11 O   ? A GLY 45  ? A GLY 45  ? 1_555 CU ? B CU . ? A CU 129 ? 1_555 ND1 ? A HIS 46  ? A HIS 46  ? 1_555 84.9  ? 
12 O   ? A GLY 45  ? A GLY 45  ? 1_555 CU ? B CU . ? A CU 129 ? 1_555 OD2 ? A ASP 112 ? A ASP 112 ? 1_555 114.3 ? 
13 ND1 ? A HIS 46  ? A HIS 46  ? 1_555 CU ? B CU . ? A CU 129 ? 1_555 OD2 ? A ASP 112 ? A ASP 112 ? 1_555 100.2 ? 
14 O   ? A GLY 45  ? A GLY 45  ? 1_555 CU ? B CU . ? A CU 129 ? 1_555 ND1 ? A HIS 117 ? A HIS 117 ? 1_555 94.4  ? 
15 ND1 ? A HIS 46  ? A HIS 46  ? 1_555 CU ? B CU . ? A CU 129 ? 1_555 ND1 ? A HIS 117 ? A HIS 117 ? 1_555 104.6 ? 
16 OD2 ? A ASP 112 ? A ASP 112 ? 1_555 CU ? B CU . ? A CU 129 ? 1_555 ND1 ? A HIS 117 ? A HIS 117 ? 1_555 143.5 ? 
# 
_pdbx_modification_feature.ordinal                            1 
_pdbx_modification_feature.label_comp_id                      CYS 
_pdbx_modification_feature.label_asym_id                      A 
_pdbx_modification_feature.label_seq_id                       3 
_pdbx_modification_feature.label_alt_id                       ? 
_pdbx_modification_feature.modified_residue_label_comp_id     CYS 
_pdbx_modification_feature.modified_residue_label_asym_id     A 
_pdbx_modification_feature.modified_residue_label_seq_id      26 
_pdbx_modification_feature.modified_residue_label_alt_id      ? 
_pdbx_modification_feature.auth_comp_id                       CYS 
_pdbx_modification_feature.auth_asym_id                       A 
_pdbx_modification_feature.auth_seq_id                        3 
_pdbx_modification_feature.PDB_ins_code                       ? 
_pdbx_modification_feature.symmetry                           1_555 
_pdbx_modification_feature.modified_residue_auth_comp_id      CYS 
_pdbx_modification_feature.modified_residue_auth_asym_id      A 
_pdbx_modification_feature.modified_residue_auth_seq_id       26 
_pdbx_modification_feature.modified_residue_PDB_ins_code      ? 
_pdbx_modification_feature.modified_residue_symmetry          1_555 
_pdbx_modification_feature.comp_id_linking_atom               SG 
_pdbx_modification_feature.modified_residue_id_linking_atom   SG 
_pdbx_modification_feature.modified_residue_id                . 
_pdbx_modification_feature.ref_pcm_id                         . 
_pdbx_modification_feature.ref_comp_id                        . 
_pdbx_modification_feature.type                               None 
_pdbx_modification_feature.category                           'Disulfide bridge' 
# 
loop_
_struct_sheet.id 
_struct_sheet.type 
_struct_sheet.number_strands 
_struct_sheet.details 
A ? 3 ? 
B ? 5 ? 
# 
loop_
_struct_sheet_order.sheet_id 
_struct_sheet_order.range_id_1 
_struct_sheet_order.range_id_2 
_struct_sheet_order.offset 
_struct_sheet_order.sense 
A 1 2 ? parallel      
A 2 3 ? anti-parallel 
B 1 2 ? parallel      
B 2 3 ? anti-parallel 
B 3 4 ? anti-parallel 
B 4 5 ? anti-parallel 
# 
loop_
_struct_sheet_range.sheet_id 
_struct_sheet_range.id 
_struct_sheet_range.beg_label_comp_id 
_struct_sheet_range.beg_label_asym_id 
_struct_sheet_range.beg_label_seq_id 
_struct_sheet_range.pdbx_beg_PDB_ins_code 
_struct_sheet_range.end_label_comp_id 
_struct_sheet_range.end_label_asym_id 
_struct_sheet_range.end_label_seq_id 
_struct_sheet_range.pdbx_end_PDB_ins_code 
_struct_sheet_range.beg_auth_comp_id 
_struct_sheet_range.beg_auth_asym_id 
_struct_sheet_range.beg_auth_seq_id 
_struct_sheet_range.end_auth_comp_id 
_struct_sheet_range.end_auth_asym_id 
_struct_sheet_range.end_auth_seq_id 
A 1 SER A 4   ? GLN A 8   ? SER A 4   GLN A 8   
A 2 GLN A 28  ? SER A 34  ? GLN A 28  SER A 34  
A 3 LYS A 92  ? ASP A 98  ? LYS A 92  ASP A 98  
B 1 ALA A 19  ? ASP A 23  ? ALA A 19  ASP A 23  
B 2 LYS A 122 ? LYS A 128 ? LYS A 122 LYS A 128 
B 3 TYR A 108 ? PHE A 111 ? TYR A 108 PHE A 111 
B 4 VAL A 49  ? THR A 52  ? VAL A 49  THR A 52  
B 5 ALA A 82  ? HIS A 83  ? ALA A 82  HIS A 83  
# 
loop_
_pdbx_struct_sheet_hbond.sheet_id 
_pdbx_struct_sheet_hbond.range_id_1 
_pdbx_struct_sheet_hbond.range_id_2 
_pdbx_struct_sheet_hbond.range_1_label_atom_id 
_pdbx_struct_sheet_hbond.range_1_label_comp_id 
_pdbx_struct_sheet_hbond.range_1_label_asym_id 
_pdbx_struct_sheet_hbond.range_1_label_seq_id 
_pdbx_struct_sheet_hbond.range_1_PDB_ins_code 
_pdbx_struct_sheet_hbond.range_1_auth_atom_id 
_pdbx_struct_sheet_hbond.range_1_auth_comp_id 
_pdbx_struct_sheet_hbond.range_1_auth_asym_id 
_pdbx_struct_sheet_hbond.range_1_auth_seq_id 
_pdbx_struct_sheet_hbond.range_2_label_atom_id 
_pdbx_struct_sheet_hbond.range_2_label_comp_id 
_pdbx_struct_sheet_hbond.range_2_label_asym_id 
_pdbx_struct_sheet_hbond.range_2_label_seq_id 
_pdbx_struct_sheet_hbond.range_2_PDB_ins_code 
_pdbx_struct_sheet_hbond.range_2_auth_atom_id 
_pdbx_struct_sheet_hbond.range_2_auth_comp_id 
_pdbx_struct_sheet_hbond.range_2_auth_asym_id 
_pdbx_struct_sheet_hbond.range_2_auth_seq_id 
A 1 2 N ILE A 7   ? N ILE A 7   O ASN A 32  ? O ASN A 32  
A 2 3 N LEU A 33  ? N LEU A 33  O ASP A 93  ? O ASP A 93  
B 1 2 N VAL A 22  ? N VAL A 22  O THR A 126 ? O THR A 126 
B 2 3 O GLY A 123 ? O GLY A 123 N PHE A 110 ? N PHE A 110 
B 3 4 O MET A 109 ? O MET A 109 N SER A 51  ? N SER A 51  
B 4 5 N LEU A 50  ? N LEU A 50  O ALA A 82  ? O ALA A 82  
# 
loop_
_struct_site.id 
_struct_site.pdbx_evidence_code 
_struct_site.pdbx_auth_asym_id 
_struct_site.pdbx_auth_comp_id 
_struct_site.pdbx_auth_seq_id 
_struct_site.pdbx_auth_ins_code 
_struct_site.pdbx_num_residues 
_struct_site.details 
AC1 Software A CU  129 ? 5  'BINDING SITE FOR RESIDUE CU A 129'  
AC2 Software A CU  130 ? 4  'BINDING SITE FOR RESIDUE CU A 130'  
AC3 Software A TRS 131 ? 12 'BINDING SITE FOR RESIDUE TRS A 131' 
# 
loop_
_struct_site_gen.id 
_struct_site_gen.site_id 
_struct_site_gen.pdbx_num_res 
_struct_site_gen.label_comp_id 
_struct_site_gen.label_asym_id 
_struct_site_gen.label_seq_id 
_struct_site_gen.pdbx_auth_ins_code 
_struct_site_gen.auth_comp_id 
_struct_site_gen.auth_asym_id 
_struct_site_gen.auth_seq_id 
_struct_site_gen.label_atom_id 
_struct_site_gen.label_alt_id 
_struct_site_gen.symmetry 
_struct_site_gen.details 
1  AC1 5  GLY A 45  ? GLY A 45  . ? 1_555 ? 
2  AC1 5  HIS A 46  ? HIS A 46  . ? 1_555 ? 
3  AC1 5  ASP A 112 ? ASP A 112 . ? 1_555 ? 
4  AC1 5  HIS A 117 ? HIS A 117 . ? 1_555 ? 
5  AC1 5  MET A 121 ? MET A 121 . ? 1_555 ? 
6  AC2 4  ALA A 1   ? ALA A 1   . ? 1_555 ? 
7  AC2 4  HIS A 83  ? HIS A 83  . ? 8_455 ? 
8  AC2 4  TRS D .   ? TRS A 131 . ? 1_555 ? 
9  AC2 4  HOH E .   ? HOH A 177 . ? 1_555 ? 
10 AC3 12 ALA A 1   ? ALA A 1   . ? 1_555 ? 
11 AC3 12 CYS A 3   ? CYS A 3   . ? 1_555 ? 
12 AC3 12 LYS A 74  ? LYS A 74  . ? 8_455 ? 
13 AC3 12 ASP A 76  ? ASP A 76  . ? 8_455 ? 
14 AC3 12 ASP A 77  ? ASP A 77  . ? 8_455 ? 
15 AC3 12 HIS A 83  ? HIS A 83  . ? 8_455 ? 
16 AC3 12 CU  C .   ? CU  A 130 . ? 1_555 ? 
17 AC3 12 HOH E .   ? HOH A 165 . ? 8_455 ? 
18 AC3 12 HOH E .   ? HOH A 177 . ? 1_555 ? 
19 AC3 12 HOH E .   ? HOH A 181 . ? 1_555 ? 
20 AC3 12 HOH E .   ? HOH A 211 . ? 1_555 ? 
21 AC3 12 HOH E .   ? HOH A 217 . ? 1_555 ? 
# 
_pdbx_entry_details.entry_id                   3FQY 
_pdbx_entry_details.compound_details           ? 
_pdbx_entry_details.source_details             ? 
_pdbx_entry_details.nonpolymer_details         ? 
_pdbx_entry_details.sequence_details           ? 
_pdbx_entry_details.has_ligand_of_interest     ? 
_pdbx_entry_details.has_protein_modification   Y 
# 
_pdbx_validate_torsion.id              1 
_pdbx_validate_torsion.PDB_model_num   1 
_pdbx_validate_torsion.auth_comp_id    MET 
_pdbx_validate_torsion.auth_asym_id    A 
_pdbx_validate_torsion.auth_seq_id     44 
_pdbx_validate_torsion.PDB_ins_code    ? 
_pdbx_validate_torsion.label_alt_id    ? 
_pdbx_validate_torsion.phi             -146.99 
_pdbx_validate_torsion.psi             38.20 
# 
_pdbx_struct_special_symmetry.id              1 
_pdbx_struct_special_symmetry.PDB_model_num   1 
_pdbx_struct_special_symmetry.auth_asym_id    A 
_pdbx_struct_special_symmetry.auth_comp_id    HOH 
_pdbx_struct_special_symmetry.auth_seq_id     180 
_pdbx_struct_special_symmetry.PDB_ins_code    ? 
_pdbx_struct_special_symmetry.label_asym_id   E 
_pdbx_struct_special_symmetry.label_comp_id   HOH 
_pdbx_struct_special_symmetry.label_seq_id    . 
# 
loop_
_chem_comp_atom.comp_id 
_chem_comp_atom.atom_id 
_chem_comp_atom.type_symbol 
_chem_comp_atom.pdbx_aromatic_flag 
_chem_comp_atom.pdbx_stereo_config 
_chem_comp_atom.pdbx_ordinal 
ALA N    N  N N 1   
ALA CA   C  N S 2   
ALA C    C  N N 3   
ALA O    O  N N 4   
ALA CB   C  N N 5   
ALA OXT  O  N N 6   
ALA H    H  N N 7   
ALA H2   H  N N 8   
ALA HA   H  N N 9   
ALA HB1  H  N N 10  
ALA HB2  H  N N 11  
ALA HB3  H  N N 12  
ALA HXT  H  N N 13  
ARG N    N  N N 14  
ARG CA   C  N S 15  
ARG C    C  N N 16  
ARG O    O  N N 17  
ARG CB   C  N N 18  
ARG CG   C  N N 19  
ARG CD   C  N N 20  
ARG NE   N  N N 21  
ARG CZ   C  N N 22  
ARG NH1  N  N N 23  
ARG NH2  N  N N 24  
ARG OXT  O  N N 25  
ARG H    H  N N 26  
ARG H2   H  N N 27  
ARG HA   H  N N 28  
ARG HB2  H  N N 29  
ARG HB3  H  N N 30  
ARG HG2  H  N N 31  
ARG HG3  H  N N 32  
ARG HD2  H  N N 33  
ARG HD3  H  N N 34  
ARG HE   H  N N 35  
ARG HH11 H  N N 36  
ARG HH12 H  N N 37  
ARG HH21 H  N N 38  
ARG HH22 H  N N 39  
ARG HXT  H  N N 40  
ASN N    N  N N 41  
ASN CA   C  N S 42  
ASN C    C  N N 43  
ASN O    O  N N 44  
ASN CB   C  N N 45  
ASN CG   C  N N 46  
ASN OD1  O  N N 47  
ASN ND2  N  N N 48  
ASN OXT  O  N N 49  
ASN H    H  N N 50  
ASN H2   H  N N 51  
ASN HA   H  N N 52  
ASN HB2  H  N N 53  
ASN HB3  H  N N 54  
ASN HD21 H  N N 55  
ASN HD22 H  N N 56  
ASN HXT  H  N N 57  
ASP N    N  N N 58  
ASP CA   C  N S 59  
ASP C    C  N N 60  
ASP O    O  N N 61  
ASP CB   C  N N 62  
ASP CG   C  N N 63  
ASP OD1  O  N N 64  
ASP OD2  O  N N 65  
ASP OXT  O  N N 66  
ASP H    H  N N 67  
ASP H2   H  N N 68  
ASP HA   H  N N 69  
ASP HB2  H  N N 70  
ASP HB3  H  N N 71  
ASP HD2  H  N N 72  
ASP HXT  H  N N 73  
CU  CU   CU N N 74  
CYS N    N  N N 75  
CYS CA   C  N R 76  
CYS C    C  N N 77  
CYS O    O  N N 78  
CYS CB   C  N N 79  
CYS SG   S  N N 80  
CYS OXT  O  N N 81  
CYS H    H  N N 82  
CYS H2   H  N N 83  
CYS HA   H  N N 84  
CYS HB2  H  N N 85  
CYS HB3  H  N N 86  
CYS HG   H  N N 87  
CYS HXT  H  N N 88  
GLN N    N  N N 89  
GLN CA   C  N S 90  
GLN C    C  N N 91  
GLN O    O  N N 92  
GLN CB   C  N N 93  
GLN CG   C  N N 94  
GLN CD   C  N N 95  
GLN OE1  O  N N 96  
GLN NE2  N  N N 97  
GLN OXT  O  N N 98  
GLN H    H  N N 99  
GLN H2   H  N N 100 
GLN HA   H  N N 101 
GLN HB2  H  N N 102 
GLN HB3  H  N N 103 
GLN HG2  H  N N 104 
GLN HG3  H  N N 105 
GLN HE21 H  N N 106 
GLN HE22 H  N N 107 
GLN HXT  H  N N 108 
GLU N    N  N N 109 
GLU CA   C  N S 110 
GLU C    C  N N 111 
GLU O    O  N N 112 
GLU CB   C  N N 113 
GLU CG   C  N N 114 
GLU CD   C  N N 115 
GLU OE1  O  N N 116 
GLU OE2  O  N N 117 
GLU OXT  O  N N 118 
GLU H    H  N N 119 
GLU H2   H  N N 120 
GLU HA   H  N N 121 
GLU HB2  H  N N 122 
GLU HB3  H  N N 123 
GLU HG2  H  N N 124 
GLU HG3  H  N N 125 
GLU HE2  H  N N 126 
GLU HXT  H  N N 127 
GLY N    N  N N 128 
GLY CA   C  N N 129 
GLY C    C  N N 130 
GLY O    O  N N 131 
GLY OXT  O  N N 132 
GLY H    H  N N 133 
GLY H2   H  N N 134 
GLY HA2  H  N N 135 
GLY HA3  H  N N 136 
GLY HXT  H  N N 137 
HIS N    N  N N 138 
HIS CA   C  N S 139 
HIS C    C  N N 140 
HIS O    O  N N 141 
HIS CB   C  N N 142 
HIS CG   C  Y N 143 
HIS ND1  N  Y N 144 
HIS CD2  C  Y N 145 
HIS CE1  C  Y N 146 
HIS NE2  N  Y N 147 
HIS OXT  O  N N 148 
HIS H    H  N N 149 
HIS H2   H  N N 150 
HIS HA   H  N N 151 
HIS HB2  H  N N 152 
HIS HB3  H  N N 153 
HIS HD1  H  N N 154 
HIS HD2  H  N N 155 
HIS HE1  H  N N 156 
HIS HE2  H  N N 157 
HIS HXT  H  N N 158 
HOH O    O  N N 159 
HOH H1   H  N N 160 
HOH H2   H  N N 161 
ILE N    N  N N 162 
ILE CA   C  N S 163 
ILE C    C  N N 164 
ILE O    O  N N 165 
ILE CB   C  N S 166 
ILE CG1  C  N N 167 
ILE CG2  C  N N 168 
ILE CD1  C  N N 169 
ILE OXT  O  N N 170 
ILE H    H  N N 171 
ILE H2   H  N N 172 
ILE HA   H  N N 173 
ILE HB   H  N N 174 
ILE HG12 H  N N 175 
ILE HG13 H  N N 176 
ILE HG21 H  N N 177 
ILE HG22 H  N N 178 
ILE HG23 H  N N 179 
ILE HD11 H  N N 180 
ILE HD12 H  N N 181 
ILE HD13 H  N N 182 
ILE HXT  H  N N 183 
LEU N    N  N N 184 
LEU CA   C  N S 185 
LEU C    C  N N 186 
LEU O    O  N N 187 
LEU CB   C  N N 188 
LEU CG   C  N N 189 
LEU CD1  C  N N 190 
LEU CD2  C  N N 191 
LEU OXT  O  N N 192 
LEU H    H  N N 193 
LEU H2   H  N N 194 
LEU HA   H  N N 195 
LEU HB2  H  N N 196 
LEU HB3  H  N N 197 
LEU HG   H  N N 198 
LEU HD11 H  N N 199 
LEU HD12 H  N N 200 
LEU HD13 H  N N 201 
LEU HD21 H  N N 202 
LEU HD22 H  N N 203 
LEU HD23 H  N N 204 
LEU HXT  H  N N 205 
LYS N    N  N N 206 
LYS CA   C  N S 207 
LYS C    C  N N 208 
LYS O    O  N N 209 
LYS CB   C  N N 210 
LYS CG   C  N N 211 
LYS CD   C  N N 212 
LYS CE   C  N N 213 
LYS NZ   N  N N 214 
LYS OXT  O  N N 215 
LYS H    H  N N 216 
LYS H2   H  N N 217 
LYS HA   H  N N 218 
LYS HB2  H  N N 219 
LYS HB3  H  N N 220 
LYS HG2  H  N N 221 
LYS HG3  H  N N 222 
LYS HD2  H  N N 223 
LYS HD3  H  N N 224 
LYS HE2  H  N N 225 
LYS HE3  H  N N 226 
LYS HZ1  H  N N 227 
LYS HZ2  H  N N 228 
LYS HZ3  H  N N 229 
LYS HXT  H  N N 230 
MET N    N  N N 231 
MET CA   C  N S 232 
MET C    C  N N 233 
MET O    O  N N 234 
MET CB   C  N N 235 
MET CG   C  N N 236 
MET SD   S  N N 237 
MET CE   C  N N 238 
MET OXT  O  N N 239 
MET H    H  N N 240 
MET H2   H  N N 241 
MET HA   H  N N 242 
MET HB2  H  N N 243 
MET HB3  H  N N 244 
MET HG2  H  N N 245 
MET HG3  H  N N 246 
MET HE1  H  N N 247 
MET HE2  H  N N 248 
MET HE3  H  N N 249 
MET HXT  H  N N 250 
PHE N    N  N N 251 
PHE CA   C  N S 252 
PHE C    C  N N 253 
PHE O    O  N N 254 
PHE CB   C  N N 255 
PHE CG   C  Y N 256 
PHE CD1  C  Y N 257 
PHE CD2  C  Y N 258 
PHE CE1  C  Y N 259 
PHE CE2  C  Y N 260 
PHE CZ   C  Y N 261 
PHE OXT  O  N N 262 
PHE H    H  N N 263 
PHE H2   H  N N 264 
PHE HA   H  N N 265 
PHE HB2  H  N N 266 
PHE HB3  H  N N 267 
PHE HD1  H  N N 268 
PHE HD2  H  N N 269 
PHE HE1  H  N N 270 
PHE HE2  H  N N 271 
PHE HZ   H  N N 272 
PHE HXT  H  N N 273 
PRO N    N  N N 274 
PRO CA   C  N S 275 
PRO C    C  N N 276 
PRO O    O  N N 277 
PRO CB   C  N N 278 
PRO CG   C  N N 279 
PRO CD   C  N N 280 
PRO OXT  O  N N 281 
PRO H    H  N N 282 
PRO HA   H  N N 283 
PRO HB2  H  N N 284 
PRO HB3  H  N N 285 
PRO HG2  H  N N 286 
PRO HG3  H  N N 287 
PRO HD2  H  N N 288 
PRO HD3  H  N N 289 
PRO HXT  H  N N 290 
SER N    N  N N 291 
SER CA   C  N S 292 
SER C    C  N N 293 
SER O    O  N N 294 
SER CB   C  N N 295 
SER OG   O  N N 296 
SER OXT  O  N N 297 
SER H    H  N N 298 
SER H2   H  N N 299 
SER HA   H  N N 300 
SER HB2  H  N N 301 
SER HB3  H  N N 302 
SER HG   H  N N 303 
SER HXT  H  N N 304 
THR N    N  N N 305 
THR CA   C  N S 306 
THR C    C  N N 307 
THR O    O  N N 308 
THR CB   C  N R 309 
THR OG1  O  N N 310 
THR CG2  C  N N 311 
THR OXT  O  N N 312 
THR H    H  N N 313 
THR H2   H  N N 314 
THR HA   H  N N 315 
THR HB   H  N N 316 
THR HG1  H  N N 317 
THR HG21 H  N N 318 
THR HG22 H  N N 319 
THR HG23 H  N N 320 
THR HXT  H  N N 321 
TRP N    N  N N 322 
TRP CA   C  N S 323 
TRP C    C  N N 324 
TRP O    O  N N 325 
TRP CB   C  N N 326 
TRP CG   C  Y N 327 
TRP CD1  C  Y N 328 
TRP CD2  C  Y N 329 
TRP NE1  N  Y N 330 
TRP CE2  C  Y N 331 
TRP CE3  C  Y N 332 
TRP CZ2  C  Y N 333 
TRP CZ3  C  Y N 334 
TRP CH2  C  Y N 335 
TRP OXT  O  N N 336 
TRP H    H  N N 337 
TRP H2   H  N N 338 
TRP HA   H  N N 339 
TRP HB2  H  N N 340 
TRP HB3  H  N N 341 
TRP HD1  H  N N 342 
TRP HE1  H  N N 343 
TRP HE3  H  N N 344 
TRP HZ2  H  N N 345 
TRP HZ3  H  N N 346 
TRP HH2  H  N N 347 
TRP HXT  H  N N 348 
TRS C    C  N N 349 
TRS C1   C  N N 350 
TRS C2   C  N N 351 
TRS C3   C  N N 352 
TRS N    N  N N 353 
TRS O1   O  N N 354 
TRS O2   O  N N 355 
TRS O3   O  N N 356 
TRS H11  H  N N 357 
TRS H12  H  N N 358 
TRS H21  H  N N 359 
TRS H22  H  N N 360 
TRS H31  H  N N 361 
TRS H32  H  N N 362 
TRS HN1  H  N N 363 
TRS HN2  H  N N 364 
TRS HN3  H  N N 365 
TRS HO1  H  N N 366 
TRS HO2  H  N N 367 
TRS HO3  H  N N 368 
TYR N    N  N N 369 
TYR CA   C  N S 370 
TYR C    C  N N 371 
TYR O    O  N N 372 
TYR CB   C  N N 373 
TYR CG   C  Y N 374 
TYR CD1  C  Y N 375 
TYR CD2  C  Y N 376 
TYR CE1  C  Y N 377 
TYR CE2  C  Y N 378 
TYR CZ   C  Y N 379 
TYR OH   O  N N 380 
TYR OXT  O  N N 381 
TYR H    H  N N 382 
TYR H2   H  N N 383 
TYR HA   H  N N 384 
TYR HB2  H  N N 385 
TYR HB3  H  N N 386 
TYR HD1  H  N N 387 
TYR HD2  H  N N 388 
TYR HE1  H  N N 389 
TYR HE2  H  N N 390 
TYR HH   H  N N 391 
TYR HXT  H  N N 392 
VAL N    N  N N 393 
VAL CA   C  N S 394 
VAL C    C  N N 395 
VAL O    O  N N 396 
VAL CB   C  N N 397 
VAL CG1  C  N N 398 
VAL CG2  C  N N 399 
VAL OXT  O  N N 400 
VAL H    H  N N 401 
VAL H2   H  N N 402 
VAL HA   H  N N 403 
VAL HB   H  N N 404 
VAL HG11 H  N N 405 
VAL HG12 H  N N 406 
VAL HG13 H  N N 407 
VAL HG21 H  N N 408 
VAL HG22 H  N N 409 
VAL HG23 H  N N 410 
VAL HXT  H  N N 411 
# 
loop_
_chem_comp_bond.comp_id 
_chem_comp_bond.atom_id_1 
_chem_comp_bond.atom_id_2 
_chem_comp_bond.value_order 
_chem_comp_bond.pdbx_aromatic_flag 
_chem_comp_bond.pdbx_stereo_config 
_chem_comp_bond.pdbx_ordinal 
ALA N   CA   sing N N 1   
ALA N   H    sing N N 2   
ALA N   H2   sing N N 3   
ALA CA  C    sing N N 4   
ALA CA  CB   sing N N 5   
ALA CA  HA   sing N N 6   
ALA C   O    doub N N 7   
ALA C   OXT  sing N N 8   
ALA CB  HB1  sing N N 9   
ALA CB  HB2  sing N N 10  
ALA CB  HB3  sing N N 11  
ALA OXT HXT  sing N N 12  
ARG N   CA   sing N N 13  
ARG N   H    sing N N 14  
ARG N   H2   sing N N 15  
ARG CA  C    sing N N 16  
ARG CA  CB   sing N N 17  
ARG CA  HA   sing N N 18  
ARG C   O    doub N N 19  
ARG C   OXT  sing N N 20  
ARG CB  CG   sing N N 21  
ARG CB  HB2  sing N N 22  
ARG CB  HB3  sing N N 23  
ARG CG  CD   sing N N 24  
ARG CG  HG2  sing N N 25  
ARG CG  HG3  sing N N 26  
ARG CD  NE   sing N N 27  
ARG CD  HD2  sing N N 28  
ARG CD  HD3  sing N N 29  
ARG NE  CZ   sing N N 30  
ARG NE  HE   sing N N 31  
ARG CZ  NH1  sing N N 32  
ARG CZ  NH2  doub N N 33  
ARG NH1 HH11 sing N N 34  
ARG NH1 HH12 sing N N 35  
ARG NH2 HH21 sing N N 36  
ARG NH2 HH22 sing N N 37  
ARG OXT HXT  sing N N 38  
ASN N   CA   sing N N 39  
ASN N   H    sing N N 40  
ASN N   H2   sing N N 41  
ASN CA  C    sing N N 42  
ASN CA  CB   sing N N 43  
ASN CA  HA   sing N N 44  
ASN C   O    doub N N 45  
ASN C   OXT  sing N N 46  
ASN CB  CG   sing N N 47  
ASN CB  HB2  sing N N 48  
ASN CB  HB3  sing N N 49  
ASN CG  OD1  doub N N 50  
ASN CG  ND2  sing N N 51  
ASN ND2 HD21 sing N N 52  
ASN ND2 HD22 sing N N 53  
ASN OXT HXT  sing N N 54  
ASP N   CA   sing N N 55  
ASP N   H    sing N N 56  
ASP N   H2   sing N N 57  
ASP CA  C    sing N N 58  
ASP CA  CB   sing N N 59  
ASP CA  HA   sing N N 60  
ASP C   O    doub N N 61  
ASP C   OXT  sing N N 62  
ASP CB  CG   sing N N 63  
ASP CB  HB2  sing N N 64  
ASP CB  HB3  sing N N 65  
ASP CG  OD1  doub N N 66  
ASP CG  OD2  sing N N 67  
ASP OD2 HD2  sing N N 68  
ASP OXT HXT  sing N N 69  
CYS N   CA   sing N N 70  
CYS N   H    sing N N 71  
CYS N   H2   sing N N 72  
CYS CA  C    sing N N 73  
CYS CA  CB   sing N N 74  
CYS CA  HA   sing N N 75  
CYS C   O    doub N N 76  
CYS C   OXT  sing N N 77  
CYS CB  SG   sing N N 78  
CYS CB  HB2  sing N N 79  
CYS CB  HB3  sing N N 80  
CYS SG  HG   sing N N 81  
CYS OXT HXT  sing N N 82  
GLN N   CA   sing N N 83  
GLN N   H    sing N N 84  
GLN N   H2   sing N N 85  
GLN CA  C    sing N N 86  
GLN CA  CB   sing N N 87  
GLN CA  HA   sing N N 88  
GLN C   O    doub N N 89  
GLN C   OXT  sing N N 90  
GLN CB  CG   sing N N 91  
GLN CB  HB2  sing N N 92  
GLN CB  HB3  sing N N 93  
GLN CG  CD   sing N N 94  
GLN CG  HG2  sing N N 95  
GLN CG  HG3  sing N N 96  
GLN CD  OE1  doub N N 97  
GLN CD  NE2  sing N N 98  
GLN NE2 HE21 sing N N 99  
GLN NE2 HE22 sing N N 100 
GLN OXT HXT  sing N N 101 
GLU N   CA   sing N N 102 
GLU N   H    sing N N 103 
GLU N   H2   sing N N 104 
GLU CA  C    sing N N 105 
GLU CA  CB   sing N N 106 
GLU CA  HA   sing N N 107 
GLU C   O    doub N N 108 
GLU C   OXT  sing N N 109 
GLU CB  CG   sing N N 110 
GLU CB  HB2  sing N N 111 
GLU CB  HB3  sing N N 112 
GLU CG  CD   sing N N 113 
GLU CG  HG2  sing N N 114 
GLU CG  HG3  sing N N 115 
GLU CD  OE1  doub N N 116 
GLU CD  OE2  sing N N 117 
GLU OE2 HE2  sing N N 118 
GLU OXT HXT  sing N N 119 
GLY N   CA   sing N N 120 
GLY N   H    sing N N 121 
GLY N   H2   sing N N 122 
GLY CA  C    sing N N 123 
GLY CA  HA2  sing N N 124 
GLY CA  HA3  sing N N 125 
GLY C   O    doub N N 126 
GLY C   OXT  sing N N 127 
GLY OXT HXT  sing N N 128 
HIS N   CA   sing N N 129 
HIS N   H    sing N N 130 
HIS N   H2   sing N N 131 
HIS CA  C    sing N N 132 
HIS CA  CB   sing N N 133 
HIS CA  HA   sing N N 134 
HIS C   O    doub N N 135 
HIS C   OXT  sing N N 136 
HIS CB  CG   sing N N 137 
HIS CB  HB2  sing N N 138 
HIS CB  HB3  sing N N 139 
HIS CG  ND1  sing Y N 140 
HIS CG  CD2  doub Y N 141 
HIS ND1 CE1  doub Y N 142 
HIS ND1 HD1  sing N N 143 
HIS CD2 NE2  sing Y N 144 
HIS CD2 HD2  sing N N 145 
HIS CE1 NE2  sing Y N 146 
HIS CE1 HE1  sing N N 147 
HIS NE2 HE2  sing N N 148 
HIS OXT HXT  sing N N 149 
HOH O   H1   sing N N 150 
HOH O   H2   sing N N 151 
ILE N   CA   sing N N 152 
ILE N   H    sing N N 153 
ILE N   H2   sing N N 154 
ILE CA  C    sing N N 155 
ILE CA  CB   sing N N 156 
ILE CA  HA   sing N N 157 
ILE C   O    doub N N 158 
ILE C   OXT  sing N N 159 
ILE CB  CG1  sing N N 160 
ILE CB  CG2  sing N N 161 
ILE CB  HB   sing N N 162 
ILE CG1 CD1  sing N N 163 
ILE CG1 HG12 sing N N 164 
ILE CG1 HG13 sing N N 165 
ILE CG2 HG21 sing N N 166 
ILE CG2 HG22 sing N N 167 
ILE CG2 HG23 sing N N 168 
ILE CD1 HD11 sing N N 169 
ILE CD1 HD12 sing N N 170 
ILE CD1 HD13 sing N N 171 
ILE OXT HXT  sing N N 172 
LEU N   CA   sing N N 173 
LEU N   H    sing N N 174 
LEU N   H2   sing N N 175 
LEU CA  C    sing N N 176 
LEU CA  CB   sing N N 177 
LEU CA  HA   sing N N 178 
LEU C   O    doub N N 179 
LEU C   OXT  sing N N 180 
LEU CB  CG   sing N N 181 
LEU CB  HB2  sing N N 182 
LEU CB  HB3  sing N N 183 
LEU CG  CD1  sing N N 184 
LEU CG  CD2  sing N N 185 
LEU CG  HG   sing N N 186 
LEU CD1 HD11 sing N N 187 
LEU CD1 HD12 sing N N 188 
LEU CD1 HD13 sing N N 189 
LEU CD2 HD21 sing N N 190 
LEU CD2 HD22 sing N N 191 
LEU CD2 HD23 sing N N 192 
LEU OXT HXT  sing N N 193 
LYS N   CA   sing N N 194 
LYS N   H    sing N N 195 
LYS N   H2   sing N N 196 
LYS CA  C    sing N N 197 
LYS CA  CB   sing N N 198 
LYS CA  HA   sing N N 199 
LYS C   O    doub N N 200 
LYS C   OXT  sing N N 201 
LYS CB  CG   sing N N 202 
LYS CB  HB2  sing N N 203 
LYS CB  HB3  sing N N 204 
LYS CG  CD   sing N N 205 
LYS CG  HG2  sing N N 206 
LYS CG  HG3  sing N N 207 
LYS CD  CE   sing N N 208 
LYS CD  HD2  sing N N 209 
LYS CD  HD3  sing N N 210 
LYS CE  NZ   sing N N 211 
LYS CE  HE2  sing N N 212 
LYS CE  HE3  sing N N 213 
LYS NZ  HZ1  sing N N 214 
LYS NZ  HZ2  sing N N 215 
LYS NZ  HZ3  sing N N 216 
LYS OXT HXT  sing N N 217 
MET N   CA   sing N N 218 
MET N   H    sing N N 219 
MET N   H2   sing N N 220 
MET CA  C    sing N N 221 
MET CA  CB   sing N N 222 
MET CA  HA   sing N N 223 
MET C   O    doub N N 224 
MET C   OXT  sing N N 225 
MET CB  CG   sing N N 226 
MET CB  HB2  sing N N 227 
MET CB  HB3  sing N N 228 
MET CG  SD   sing N N 229 
MET CG  HG2  sing N N 230 
MET CG  HG3  sing N N 231 
MET SD  CE   sing N N 232 
MET CE  HE1  sing N N 233 
MET CE  HE2  sing N N 234 
MET CE  HE3  sing N N 235 
MET OXT HXT  sing N N 236 
PHE N   CA   sing N N 237 
PHE N   H    sing N N 238 
PHE N   H2   sing N N 239 
PHE CA  C    sing N N 240 
PHE CA  CB   sing N N 241 
PHE CA  HA   sing N N 242 
PHE C   O    doub N N 243 
PHE C   OXT  sing N N 244 
PHE CB  CG   sing N N 245 
PHE CB  HB2  sing N N 246 
PHE CB  HB3  sing N N 247 
PHE CG  CD1  doub Y N 248 
PHE CG  CD2  sing Y N 249 
PHE CD1 CE1  sing Y N 250 
PHE CD1 HD1  sing N N 251 
PHE CD2 CE2  doub Y N 252 
PHE CD2 HD2  sing N N 253 
PHE CE1 CZ   doub Y N 254 
PHE CE1 HE1  sing N N 255 
PHE CE2 CZ   sing Y N 256 
PHE CE2 HE2  sing N N 257 
PHE CZ  HZ   sing N N 258 
PHE OXT HXT  sing N N 259 
PRO N   CA   sing N N 260 
PRO N   CD   sing N N 261 
PRO N   H    sing N N 262 
PRO CA  C    sing N N 263 
PRO CA  CB   sing N N 264 
PRO CA  HA   sing N N 265 
PRO C   O    doub N N 266 
PRO C   OXT  sing N N 267 
PRO CB  CG   sing N N 268 
PRO CB  HB2  sing N N 269 
PRO CB  HB3  sing N N 270 
PRO CG  CD   sing N N 271 
PRO CG  HG2  sing N N 272 
PRO CG  HG3  sing N N 273 
PRO CD  HD2  sing N N 274 
PRO CD  HD3  sing N N 275 
PRO OXT HXT  sing N N 276 
SER N   CA   sing N N 277 
SER N   H    sing N N 278 
SER N   H2   sing N N 279 
SER CA  C    sing N N 280 
SER CA  CB   sing N N 281 
SER CA  HA   sing N N 282 
SER C   O    doub N N 283 
SER C   OXT  sing N N 284 
SER CB  OG   sing N N 285 
SER CB  HB2  sing N N 286 
SER CB  HB3  sing N N 287 
SER OG  HG   sing N N 288 
SER OXT HXT  sing N N 289 
THR N   CA   sing N N 290 
THR N   H    sing N N 291 
THR N   H2   sing N N 292 
THR CA  C    sing N N 293 
THR CA  CB   sing N N 294 
THR CA  HA   sing N N 295 
THR C   O    doub N N 296 
THR C   OXT  sing N N 297 
THR CB  OG1  sing N N 298 
THR CB  CG2  sing N N 299 
THR CB  HB   sing N N 300 
THR OG1 HG1  sing N N 301 
THR CG2 HG21 sing N N 302 
THR CG2 HG22 sing N N 303 
THR CG2 HG23 sing N N 304 
THR OXT HXT  sing N N 305 
TRP N   CA   sing N N 306 
TRP N   H    sing N N 307 
TRP N   H2   sing N N 308 
TRP CA  C    sing N N 309 
TRP CA  CB   sing N N 310 
TRP CA  HA   sing N N 311 
TRP C   O    doub N N 312 
TRP C   OXT  sing N N 313 
TRP CB  CG   sing N N 314 
TRP CB  HB2  sing N N 315 
TRP CB  HB3  sing N N 316 
TRP CG  CD1  doub Y N 317 
TRP CG  CD2  sing Y N 318 
TRP CD1 NE1  sing Y N 319 
TRP CD1 HD1  sing N N 320 
TRP CD2 CE2  doub Y N 321 
TRP CD2 CE3  sing Y N 322 
TRP NE1 CE2  sing Y N 323 
TRP NE1 HE1  sing N N 324 
TRP CE2 CZ2  sing Y N 325 
TRP CE3 CZ3  doub Y N 326 
TRP CE3 HE3  sing N N 327 
TRP CZ2 CH2  doub Y N 328 
TRP CZ2 HZ2  sing N N 329 
TRP CZ3 CH2  sing Y N 330 
TRP CZ3 HZ3  sing N N 331 
TRP CH2 HH2  sing N N 332 
TRP OXT HXT  sing N N 333 
TRS C   C1   sing N N 334 
TRS C   C2   sing N N 335 
TRS C   C3   sing N N 336 
TRS C   N    sing N N 337 
TRS C1  O1   sing N N 338 
TRS C1  H11  sing N N 339 
TRS C1  H12  sing N N 340 
TRS C2  O2   sing N N 341 
TRS C2  H21  sing N N 342 
TRS C2  H22  sing N N 343 
TRS C3  O3   sing N N 344 
TRS C3  H31  sing N N 345 
TRS C3  H32  sing N N 346 
TRS N   HN1  sing N N 347 
TRS N   HN2  sing N N 348 
TRS N   HN3  sing N N 349 
TRS O1  HO1  sing N N 350 
TRS O2  HO2  sing N N 351 
TRS O3  HO3  sing N N 352 
TYR N   CA   sing N N 353 
TYR N   H    sing N N 354 
TYR N   H2   sing N N 355 
TYR CA  C    sing N N 356 
TYR CA  CB   sing N N 357 
TYR CA  HA   sing N N 358 
TYR C   O    doub N N 359 
TYR C   OXT  sing N N 360 
TYR CB  CG   sing N N 361 
TYR CB  HB2  sing N N 362 
TYR CB  HB3  sing N N 363 
TYR CG  CD1  doub Y N 364 
TYR CG  CD2  sing Y N 365 
TYR CD1 CE1  sing Y N 366 
TYR CD1 HD1  sing N N 367 
TYR CD2 CE2  doub Y N 368 
TYR CD2 HD2  sing N N 369 
TYR CE1 CZ   doub Y N 370 
TYR CE1 HE1  sing N N 371 
TYR CE2 CZ   sing Y N 372 
TYR CE2 HE2  sing N N 373 
TYR CZ  OH   sing N N 374 
TYR OH  HH   sing N N 375 
TYR OXT HXT  sing N N 376 
VAL N   CA   sing N N 377 
VAL N   H    sing N N 378 
VAL N   H2   sing N N 379 
VAL CA  C    sing N N 380 
VAL CA  CB   sing N N 381 
VAL CA  HA   sing N N 382 
VAL C   O    doub N N 383 
VAL C   OXT  sing N N 384 
VAL CB  CG1  sing N N 385 
VAL CB  CG2  sing N N 386 
VAL CB  HB   sing N N 387 
VAL CG1 HG11 sing N N 388 
VAL CG1 HG12 sing N N 389 
VAL CG1 HG13 sing N N 390 
VAL CG2 HG21 sing N N 391 
VAL CG2 HG22 sing N N 392 
VAL CG2 HG23 sing N N 393 
VAL OXT HXT  sing N N 394 
# 
_pdbx_initial_refinement_model.id               1 
_pdbx_initial_refinement_model.entity_id_list   ? 
_pdbx_initial_refinement_model.type             'experimental model' 
_pdbx_initial_refinement_model.source_name      PDB 
_pdbx_initial_refinement_model.accession_code   1AG0 
_pdbx_initial_refinement_model.details          'PDB entry 1AG0' 
# 
_atom_sites.entry_id                    3FQY 
_atom_sites.fract_transf_matrix[1][1]   -0.00073931 
_atom_sites.fract_transf_matrix[1][2]   -0.01987572 
_atom_sites.fract_transf_matrix[1][3]   -0.00469894 
_atom_sites.fract_transf_matrix[2][1]   -0.01805878 
_atom_sites.fract_transf_matrix[2][2]   0.00103845 
_atom_sites.fract_transf_matrix[2][3]   -0.00155117 
_atom_sites.fract_transf_matrix[3][1]   0.00101914 
_atom_sites.fract_transf_matrix[3][2]   0.00238902 
_atom_sites.fract_transf_matrix[3][3]   -0.01026552 
_atom_sites.fract_transf_vector[1]      0.796609 
_atom_sites.fract_transf_vector[2]      0.231868 
_atom_sites.fract_transf_vector[3]      -0.117148 
# 
loop_
_atom_type.symbol 
C  
CU 
N  
O  
S  
# 
loop_
_atom_site.group_PDB 
_atom_site.id 
_atom_site.type_symbol 
_atom_site.label_atom_id 
_atom_site.label_alt_id 
_atom_site.label_comp_id 
_atom_site.label_asym_id 
_atom_site.label_entity_id 
_atom_site.label_seq_id 
_atom_site.pdbx_PDB_ins_code 
_atom_site.Cartn_x 
_atom_site.Cartn_y 
_atom_site.Cartn_z 
_atom_site.occupancy 
_atom_site.B_iso_or_equiv 
_atom_site.pdbx_formal_charge 
_atom_site.auth_seq_id 
_atom_site.auth_comp_id 
_atom_site.auth_asym_id 
_atom_site.auth_atom_id 
_atom_site.pdbx_PDB_model_num 
ATOM   1    N  N   . ALA A 1 1   ? 3.262   20.787  -8.057  1.00 23.54 ? 1   ALA A N   1 
ATOM   2    C  CA  . ALA A 1 1   ? 3.221   20.018  -6.784  1.00 22.89 ? 1   ALA A CA  1 
ATOM   3    C  C   . ALA A 1 1   ? 4.034   18.809  -7.075  1.00 23.14 ? 1   ALA A C   1 
ATOM   4    O  O   . ALA A 1 1   ? 4.097   18.370  -8.233  1.00 23.01 ? 1   ALA A O   1 
ATOM   5    C  CB  . ALA A 1 1   ? 1.833   19.574  -6.512  1.00 24.66 ? 1   ALA A CB  1 
ATOM   6    N  N   . GLU A 1 2   ? 4.582   18.188  -6.063  1.00 22.60 ? 2   GLU A N   1 
ATOM   7    C  CA  . GLU A 1 2   ? 5.263   16.910  -6.290  1.00 24.79 ? 2   GLU A CA  1 
ATOM   8    C  C   . GLU A 1 2   ? 4.242   15.823  -6.456  1.00 22.76 ? 2   GLU A C   1 
ATOM   9    O  O   . GLU A 1 2   ? 3.153   15.948  -5.876  1.00 26.38 ? 2   GLU A O   1 
ATOM   10   C  CB  . GLU A 1 2   ? 6.131   16.566  -5.106  1.00 25.84 ? 2   GLU A CB  1 
ATOM   11   C  CG  . GLU A 1 2   ? 7.476   17.251  -5.251  1.00 36.09 ? 2   GLU A CG  1 
ATOM   12   C  CD  . GLU A 1 2   ? 8.481   16.709  -4.282  1.00 49.43 ? 2   GLU A CD  1 
ATOM   13   O  OE1 . GLU A 1 2   ? 8.998   15.561  -4.515  1.00 55.97 ? 2   GLU A OE1 1 
ATOM   14   O  OE2 . GLU A 1 2   ? 8.750   17.451  -3.288  1.00 54.22 ? 2   GLU A OE2 1 
ATOM   15   N  N   . CYS A 1 3   ? 4.575   14.767  -7.194  1.00 20.04 ? 3   CYS A N   1 
ATOM   16   C  CA  . CYS A 1 3   ? 3.631   13.663  -7.480  1.00 18.73 ? 3   CYS A CA  1 
ATOM   17   C  C   . CYS A 1 3   ? 4.237   12.311  -7.133  1.00 18.49 ? 3   CYS A C   1 
ATOM   18   O  O   . CYS A 1 3   ? 4.003   11.345  -7.837  1.00 17.56 ? 3   CYS A O   1 
ATOM   19   C  CB  . CYS A 1 3   ? 3.260   13.639  -8.951  1.00 19.58 ? 3   CYS A CB  1 
ATOM   20   S  SG  . CYS A 1 3   ? 2.498   15.217  -9.519  1.00 21.83 ? 3   CYS A SG  1 
ATOM   21   N  N   . SER A 1 4   ? 5.031   12.241  -6.069  1.00 17.41 ? 4   SER A N   1 
ATOM   22   C  CA  . SER A 1 4   ? 5.522   10.921  -5.650  1.00 17.99 ? 4   SER A CA  1 
ATOM   23   C  C   . SER A 1 4   ? 5.837   11.030  -4.150  1.00 18.38 ? 4   SER A C   1 
ATOM   24   O  O   . SER A 1 4   ? 5.869   12.145  -3.576  1.00 21.17 ? 4   SER A O   1 
ATOM   25   C  CB  . SER A 1 4   ? 6.721   10.465  -6.434  1.00 20.73 ? 4   SER A CB  1 
ATOM   26   O  OG  . SER A 1 4   ? 7.759   11.384  -6.145  1.00 26.58 ? 4   SER A OG  1 
ATOM   27   N  N   . VAL A 1 5   ? 5.961   9.884   -3.492  1.00 18.19 ? 5   VAL A N   1 
ATOM   28   C  CA  . VAL A 1 5   ? 6.263   9.825   -2.092  1.00 19.34 ? 5   VAL A CA  1 
ATOM   29   C  C   . VAL A 1 5   ? 7.106   8.564   -1.867  1.00 19.08 ? 5   VAL A C   1 
ATOM   30   O  O   . VAL A 1 5   ? 6.946   7.573   -2.587  1.00 17.08 ? 5   VAL A O   1 
ATOM   31   C  CB  . VAL A 1 5   ? 4.929   9.788   -1.215  1.00 19.51 ? 5   VAL A CB  1 
ATOM   32   C  CG1 . VAL A 1 5   ? 4.113   8.454   -1.480  1.00 18.99 ? 5   VAL A CG1 1 
ATOM   33   C  CG2 . VAL A 1 5   ? 5.230   9.949   0.287   1.00 22.12 ? 5   VAL A CG2 1 
ATOM   34   N  N   . ASP A 1 6   ? 8.048   8.640   -0.932  1.00 19.20 ? 6   ASP A N   1 
ATOM   35   C  CA  . ASP A 1 6   ? 8.930   7.482   -0.597  1.00 20.90 ? 6   ASP A CA  1 
ATOM   36   C  C   . ASP A 1 6   ? 8.463   6.888   0.681   1.00 20.56 ? 6   ASP A C   1 
ATOM   37   O  O   . ASP A 1 6   ? 8.302   7.612   1.645   1.00 22.42 ? 6   ASP A O   1 
ATOM   38   C  CB  . ASP A 1 6   ? 10.400  7.893   -0.401  1.00 22.46 ? 6   ASP A CB  1 
ATOM   39   C  CG  . ASP A 1 6   ? 11.042  8.407   -1.695  1.00 25.98 ? 6   ASP A CG  1 
ATOM   40   O  OD1 . ASP A 1 6   ? 10.549  8.182   -2.820  1.00 19.57 ? 6   ASP A OD1 1 
ATOM   41   O  OD2 . ASP A 1 6   ? 12.082  9.064   -1.578  1.00 30.92 ? 6   ASP A OD2 1 
ATOM   42   N  N   . ILE A 1 7   ? 8.179   5.586   0.693   1.00 19.97 ? 7   ILE A N   1 
ATOM   43   C  CA  . ILE A 1 7   ? 7.539   4.989   1.891   1.00 20.55 ? 7   ILE A CA  1 
ATOM   44   C  C   . ILE A 1 7   ? 8.476   3.844   2.262   1.00 19.55 ? 7   ILE A C   1 
ATOM   45   O  O   . ILE A 1 7   ? 8.954   3.135   1.368   1.00 18.36 ? 7   ILE A O   1 
ATOM   46   C  CB  . ILE A 1 7   ? 6.084   4.368   1.568   1.00 21.73 ? 7   ILE A CB  1 
ATOM   47   C  CG1 . ILE A 1 7   ? 5.036   5.403   1.083   1.00 20.52 ? 7   ILE A CG1 1 
ATOM   48   C  CG2 . ILE A 1 7   ? 5.483   3.660   2.838   1.00 23.24 ? 7   ILE A CG2 1 
ATOM   49   C  CD1 . ILE A 1 7   ? 4.505   6.339   2.121   1.00 25.38 ? 7   ILE A CD1 1 
ATOM   50   N  N   . GLN A 1 8   ? 8.754   3.688   3.559   1.00 19.57 ? 8   GLN A N   1 
ATOM   51   C  CA  . GLN A 1 8   ? 9.557   2.570   4.065   1.00 20.93 ? 8   GLN A CA  1 
ATOM   52   C  C   . GLN A 1 8   ? 8.751   1.783   5.064   1.00 20.34 ? 8   GLN A C   1 
ATOM   53   O  O   . GLN A 1 8   ? 7.969   2.337   5.845   1.00 19.56 ? 8   GLN A O   1 
ATOM   54   C  CB  . GLN A 1 8   ? 10.838  3.026   4.770   1.00 22.14 ? 8   GLN A CB  1 
ATOM   55   C  CG  . GLN A 1 8   ? 11.762  3.964   3.979   1.00 24.56 ? 8   GLN A CG  1 
ATOM   56   C  CD  . GLN A 1 8   ? 13.009  4.450   4.792   1.00 34.67 ? 8   GLN A CD  1 
ATOM   57   O  OE1 . GLN A 1 8   ? 13.071  4.274   6.022   1.00 41.78 ? 8   GLN A OE1 1 
ATOM   58   N  NE2 . GLN A 1 8   ? 13.994  5.102   4.100   1.00 36.10 ? 8   GLN A NE2 1 
ATOM   59   N  N   . GLY A 1 9   ? 8.933   0.485   4.986   1.00 21.26 ? 9   GLY A N   1 
ATOM   60   C  CA  . GLY A 1 9   ? 8.359   -0.450  5.942   1.00 23.27 ? 9   GLY A CA  1 
ATOM   61   C  C   . GLY A 1 9   ? 9.523   -1.212  6.556   1.00 24.32 ? 9   GLY A C   1 
ATOM   62   O  O   . GLY A 1 9   ? 10.382  -1.708  5.817   1.00 23.97 ? 9   GLY A O   1 
ATOM   63   N  N   . ASN A 1 10  ? 9.567   -1.278  7.894   1.00 26.12 ? 10  ASN A N   1 
ATOM   64   C  CA  . ASN A 1 10  ? 10.735  -1.913  8.561   1.00 27.22 ? 10  ASN A CA  1 
ATOM   65   C  C   . ASN A 1 10  ? 10.444  -3.312  9.190   1.00 28.44 ? 10  ASN A C   1 
ATOM   66   O  O   . ASN A 1 10  ? 9.302   -3.886  9.104   1.00 25.71 ? 10  ASN A O   1 
ATOM   67   C  CB  . ASN A 1 10  ? 11.389  -0.903  9.574   1.00 27.33 ? 10  ASN A CB  1 
ATOM   68   C  CG  . ASN A 1 10  ? 10.483  -0.558  10.729  1.00 27.25 ? 10  ASN A CG  1 
ATOM   69   O  OD1 . ASN A 1 10  ? 9.554   -1.295  11.068  1.00 34.64 ? 10  ASN A OD1 1 
ATOM   70   N  ND2 . ASN A 1 10  ? 10.716  0.564   11.333  1.00 27.18 ? 10  ASN A ND2 1 
ATOM   71   N  N   . ASP A 1 11  ? 11.475  -3.840  9.880   1.00 29.23 ? 11  ASP A N   1 
ATOM   72   C  CA  . ASP A 1 11  ? 11.376  -5.111  10.597  1.00 30.60 ? 11  ASP A CA  1 
ATOM   73   C  C   . ASP A 1 11  ? 10.489  -5.014  11.848  1.00 30.72 ? 11  ASP A C   1 
ATOM   74   O  O   . ASP A 1 11  ? 10.085  -6.058  12.412  1.00 32.10 ? 11  ASP A O   1 
ATOM   75   C  CB  . ASP A 1 11  ? 12.769  -5.638  10.959  1.00 31.26 ? 11  ASP A CB  1 
ATOM   76   C  CG  . ASP A 1 11  ? 13.447  -6.343  9.802   1.00 35.34 ? 11  ASP A CG  1 
ATOM   77   O  OD1 . ASP A 1 11  ? 12.746  -6.563  8.765   1.00 37.30 ? 11  ASP A OD1 1 
ATOM   78   O  OD2 . ASP A 1 11  ? 14.693  -6.669  9.926   1.00 36.53 ? 11  ASP A OD2 1 
ATOM   79   N  N   . GLN A 1 12  ? 10.126  -3.788  12.207  1.00 29.09 ? 12  GLN A N   1 
ATOM   80   C  CA  . GLN A 1 12  ? 9.236   -3.470  13.316  1.00 29.98 ? 12  GLN A CA  1 
ATOM   81   C  C   . GLN A 1 12  ? 7.752   -3.357  12.954  1.00 28.94 ? 12  GLN A C   1 
ATOM   82   O  O   . GLN A 1 12  ? 6.928   -2.913  13.792  1.00 27.78 ? 12  GLN A O   1 
ATOM   83   C  CB  . GLN A 1 12  ? 9.682   -2.167  13.978  1.00 30.68 ? 12  GLN A CB  1 
ATOM   84   C  CG  . GLN A 1 12  ? 10.923  -2.291  14.865  1.00 35.97 ? 12  GLN A CG  1 
ATOM   85   C  CD  . GLN A 1 12  ? 12.172  -2.623  14.124  1.00 42.80 ? 12  GLN A CD  1 
ATOM   86   O  OE1 . GLN A 1 12  ? 12.683  -1.824  13.317  1.00 48.01 ? 12  GLN A OE1 1 
ATOM   87   N  NE2 . GLN A 1 12  ? 12.704  -3.832  14.385  1.00 44.56 ? 12  GLN A NE2 1 
ATOM   88   N  N   . MET A 1 13  ? 7.403   -3.724  11.710  1.00 27.69 ? 13  MET A N   1 
ATOM   89   C  CA  . MET A 1 13  ? 6.016   -3.667  11.246  1.00 27.22 ? 13  MET A CA  1 
ATOM   90   C  C   . MET A 1 13  ? 5.564   -2.193  11.336  1.00 25.78 ? 13  MET A C   1 
ATOM   91   O  O   . MET A 1 13  ? 4.433   -1.880  11.722  1.00 25.30 ? 13  MET A O   1 
ATOM   92   C  CB  . MET A 1 13  ? 5.127   -4.606  12.089  1.00 26.50 ? 13  MET A CB  1 
ATOM   93   C  CG  . MET A 1 13  ? 3.834   -5.092  11.439  1.00 29.32 ? 13  MET A CG  1 
ATOM   94   S  SD  . MET A 1 13  ? 2.815   -6.130  12.558  1.00 33.43 ? 13  MET A SD  1 
ATOM   95   C  CE  . MET A 1 13  ? 1.757   -4.906  13.363  1.00 30.33 ? 13  MET A CE  1 
ATOM   96   N  N   . GLN A 1 14  ? 6.484   -1.289  11.008  1.00 25.95 ? 14  GLN A N   1 
ATOM   97   C  CA  . GLN A 1 14  ? 6.154   0.137   10.797  1.00 26.85 ? 14  GLN A CA  1 
ATOM   98   C  C   . GLN A 1 14  ? 6.362   0.735   9.405   1.00 25.18 ? 14  GLN A C   1 
ATOM   99   O  O   . GLN A 1 14  ? 7.368   0.487   8.779   1.00 24.00 ? 14  GLN A O   1 
ATOM   100  C  CB  . GLN A 1 14  ? 6.918   1.056   11.773  1.00 28.91 ? 14  GLN A CB  1 
ATOM   101  C  CG  . GLN A 1 14  ? 6.628   0.753   13.235  1.00 32.87 ? 14  GLN A CG  1 
ATOM   102  C  CD  . GLN A 1 14  ? 7.751   1.180   14.115  1.00 37.76 ? 14  GLN A CD  1 
ATOM   103  O  OE1 . GLN A 1 14  ? 8.863   1.492   13.655  1.00 39.40 ? 14  GLN A OE1 1 
ATOM   104  N  NE2 . GLN A 1 14  ? 7.491   1.162   15.408  1.00 43.29 ? 14  GLN A NE2 1 
ATOM   105  N  N   . PHE A 1 15  ? 5.393   1.578   8.982   1.00 25.32 ? 15  PHE A N   1 
ATOM   106  C  CA  . PHE A 1 15  ? 5.616   2.501   7.874   1.00 25.35 ? 15  PHE A CA  1 
ATOM   107  C  C   . PHE A 1 15  ? 6.210   3.790   8.447   1.00 26.84 ? 15  PHE A C   1 
ATOM   108  O  O   . PHE A 1 15  ? 5.906   4.164   9.578   1.00 28.12 ? 15  PHE A O   1 
ATOM   109  C  CB  . PHE A 1 15  ? 4.301   2.892   7.173   1.00 23.00 ? 15  PHE A CB  1 
ATOM   110  C  CG  . PHE A 1 15  ? 3.787   1.884   6.161   1.00 19.38 ? 15  PHE A CG  1 
ATOM   111  C  CD1 . PHE A 1 15  ? 4.682   1.283   5.211   1.00 19.88 ? 15  PHE A CD1 1 
ATOM   112  C  CD2 . PHE A 1 15  ? 2.447   1.570   6.110   1.00 19.66 ? 15  PHE A CD2 1 
ATOM   113  C  CE1 . PHE A 1 15  ? 4.235   0.436   4.234   1.00 18.71 ? 15  PHE A CE1 1 
ATOM   114  C  CE2 . PHE A 1 15  ? 1.949   0.664   5.124   1.00 19.04 ? 15  PHE A CE2 1 
ATOM   115  C  CZ  . PHE A 1 15  ? 2.854   0.089   4.216   1.00 15.77 ? 15  PHE A CZ  1 
ATOM   116  N  N   . ASN A 1 16  ? 6.963   4.510   7.627   1.00 26.78 ? 16  ASN A N   1 
ATOM   117  C  CA  . ASN A 1 16  ? 7.513   5.824   7.966   1.00 26.87 ? 16  ASN A CA  1 
ATOM   118  C  C   . ASN A 1 16  ? 6.435   6.928   8.030   1.00 27.58 ? 16  ASN A C   1 
ATOM   119  O  O   . ASN A 1 16  ? 6.723   8.033   8.533   1.00 28.03 ? 16  ASN A O   1 
ATOM   120  C  CB  . ASN A 1 16  ? 8.593   6.237   6.958   1.00 27.11 ? 16  ASN A CB  1 
ATOM   121  C  CG  . ASN A 1 16  ? 8.023   6.479   5.545   1.00 26.84 ? 16  ASN A CG  1 
ATOM   122  O  OD1 . ASN A 1 16  ? 7.234   5.680   5.075   1.00 25.95 ? 16  ASN A OD1 1 
ATOM   123  N  ND2 . ASN A 1 16  ? 8.419   7.609   4.864   1.00 28.62 ? 16  ASN A ND2 1 
ATOM   124  N  N   . THR A 1 17  ? 5.210   6.678   7.566   1.00 25.82 ? 17  THR A N   1 
ATOM   125  C  CA  . THR A 1 17  ? 4.196   7.733   7.600   1.00 26.11 ? 17  THR A CA  1 
ATOM   126  C  C   . THR A 1 17  ? 2.810   7.118   7.654   1.00 24.78 ? 17  THR A C   1 
ATOM   127  O  O   . THR A 1 17  ? 2.596   5.991   7.173   1.00 24.11 ? 17  THR A O   1 
ATOM   128  C  CB  . THR A 1 17  ? 4.188   8.615   6.279   1.00 27.09 ? 17  THR A CB  1 
ATOM   129  O  OG1 . THR A 1 17  ? 3.104   9.537   6.287   1.00 28.39 ? 17  THR A OG1 1 
ATOM   130  C  CG2 . THR A 1 17  ? 3.920   7.749   5.114   1.00 27.08 ? 17  THR A CG2 1 
ATOM   131  N  N   . ASN A 1 18  ? 1.851   7.837   8.232   1.00 23.88 ? 18  ASN A N   1 
ATOM   132  C  CA  . ASN A 1 18  ? 0.464   7.356   8.173   1.00 24.24 ? 18  ASN A CA  1 
ATOM   133  C  C   . ASN A 1 18  ? -0.436  8.317   7.425   1.00 23.01 ? 18  ASN A C   1 
ATOM   134  O  O   . ASN A 1 18  ? -1.611  8.211   7.538   1.00 24.83 ? 18  ASN A O   1 
ATOM   135  C  CB  . ASN A 1 18  ? -0.119  7.051   9.579   1.00 26.78 ? 18  ASN A CB  1 
ATOM   136  C  CG  . ASN A 1 18  ? -0.315  8.341   10.422  1.00 31.75 ? 18  ASN A CG  1 
ATOM   137  O  OD1 . ASN A 1 18  ? -0.298  9.470   9.885   1.00 34.10 ? 18  ASN A OD1 1 
ATOM   138  N  ND2 . ASN A 1 18  ? -0.493  8.173   11.747  1.00 37.78 ? 18  ASN A ND2 1 
ATOM   139  N  N   . ALA A 1 19  ? 0.099   9.187   6.583   1.00 22.06 ? 19  ALA A N   1 
ATOM   140  C  CA  . ALA A 1 19  ? -0.759  10.098  5.824   1.00 22.17 ? 19  ALA A CA  1 
ATOM   141  C  C   . ALA A 1 19  ? 0.000   10.491  4.584   1.00 22.55 ? 19  ALA A C   1 
ATOM   142  O  O   . ALA A 1 19  ? 1.135   10.928  4.665   1.00 24.43 ? 19  ALA A O   1 
ATOM   143  C  CB  . ALA A 1 19  ? -1.103  11.392  6.661   1.00 23.02 ? 19  ALA A CB  1 
ATOM   144  N  N   . ILE A 1 20  ? -0.646  10.344  3.447   1.00 22.08 ? 20  ILE A N   1 
ATOM   145  C  CA  . ILE A 1 20  ? -0.112  10.721  2.141   1.00 21.47 ? 20  ILE A CA  1 
ATOM   146  C  C   . ILE A 1 20  ? -1.099  11.686  1.541   1.00 23.38 ? 20  ILE A C   1 
ATOM   147  O  O   . ILE A 1 20  ? -2.306  11.494  1.620   1.00 21.82 ? 20  ILE A O   1 
ATOM   148  C  CB  . ILE A 1 20  ? -0.030  9.471   1.211   1.00 21.85 ? 20  ILE A CB  1 
ATOM   149  C  CG1 . ILE A 1 20  ? 0.962   8.450   1.811   1.00 24.23 ? 20  ILE A CG1 1 
ATOM   150  C  CG2 . ILE A 1 20  ? 0.222   9.880   -0.310  1.00 20.83 ? 20  ILE A CG2 1 
ATOM   151  C  CD1 . ILE A 1 20  ? 1.175   7.106   0.989   1.00 20.42 ? 20  ILE A CD1 1 
ATOM   152  N  N   . THR A 1 21  ? -0.611  12.722  0.885   1.00 24.87 ? 21  THR A N   1 
ATOM   153  C  CA  . THR A 1 21  ? -1.575  13.592  0.162   1.00 26.51 ? 21  THR A CA  1 
ATOM   154  C  C   . THR A 1 21  ? -1.239  13.639  -1.309  1.00 25.86 ? 21  THR A C   1 
ATOM   155  O  O   . THR A 1 21  ? -0.021  13.716  -1.672  1.00 29.70 ? 21  THR A O   1 
ATOM   156  C  CB  . THR A 1 21  ? -1.645  15.071  0.725   1.00 28.65 ? 21  THR A CB  1 
ATOM   157  O  OG1 . THR A 1 21  ? -0.434  15.733  0.346   1.00 34.94 ? 21  THR A OG1 1 
ATOM   158  C  CG2 . THR A 1 21  ? -1.790  15.157  2.251   1.00 28.24 ? 21  THR A CG2 1 
ATOM   159  N  N   . VAL A 1 22  ? -2.255  13.566  -2.176  1.00 23.46 ? 22  VAL A N   1 
ATOM   160  C  CA  . VAL A 1 22  ? -2.013  13.557  -3.627  1.00 21.52 ? 22  VAL A CA  1 
ATOM   161  C  C   . VAL A 1 22  ? -2.600  14.840  -4.192  1.00 23.28 ? 22  VAL A C   1 
ATOM   162  O  O   . VAL A 1 22  ? -3.789  15.074  -4.073  1.00 22.13 ? 22  VAL A O   1 
ATOM   163  C  CB  . VAL A 1 22  ? -2.683  12.406  -4.268  1.00 20.13 ? 22  VAL A CB  1 
ATOM   164  C  CG1 . VAL A 1 22  ? -2.559  12.433  -5.846  1.00 16.99 ? 22  VAL A CG1 1 
ATOM   165  C  CG2 . VAL A 1 22  ? -2.090  11.101  -3.730  1.00 21.27 ? 22  VAL A CG2 1 
ATOM   166  N  N   . ASP A 1 23  ? -1.777  15.674  -4.811  1.00 23.96 ? 23  ASP A N   1 
ATOM   167  C  CA  . ASP A 1 23  ? -2.304  16.941  -5.315  1.00 24.38 ? 23  ASP A CA  1 
ATOM   168  C  C   . ASP A 1 23  ? -3.057  16.641  -6.601  1.00 25.37 ? 23  ASP A C   1 
ATOM   169  O  O   . ASP A 1 23  ? -2.554  15.925  -7.475  1.00 23.89 ? 23  ASP A O   1 
ATOM   170  C  CB  . ASP A 1 23  ? -1.118  17.871  -5.540  1.00 24.89 ? 23  ASP A CB  1 
ATOM   171  C  CG  . ASP A 1 23  ? -1.527  19.229  -6.016  1.00 29.64 ? 23  ASP A CG  1 
ATOM   172  O  OD1 . ASP A 1 23  ? -2.081  19.351  -7.186  1.00 28.82 ? 23  ASP A OD1 1 
ATOM   173  O  OD2 . ASP A 1 23  ? -1.230  20.163  -5.247  1.00 28.76 ? 23  ASP A OD2 1 
ATOM   174  N  N   . LYS A 1 24  ? -4.279  17.205  -6.704  1.00 26.75 ? 24  LYS A N   1 
ATOM   175  C  CA  . LYS A 1 24  ? -5.154  17.106  -7.868  1.00 30.41 ? 24  LYS A CA  1 
ATOM   176  C  C   . LYS A 1 24  ? -4.357  17.335  -9.116  1.00 29.55 ? 24  LYS A C   1 
ATOM   177  O  O   . LYS A 1 24  ? -4.374  16.412  -9.991  1.00 35.64 ? 24  LYS A O   1 
ATOM   178  C  CB  . LYS A 1 24  ? -6.308  18.098  -7.814  1.00 32.13 ? 24  LYS A CB  1 
ATOM   179  C  CG  . LYS A 1 24  ? -7.309  17.857  -6.706  1.00 38.77 ? 24  LYS A CG  1 
ATOM   180  C  CD  . LYS A 1 24  ? -8.775  18.195  -7.232  1.00 42.22 ? 24  LYS A CD  1 
ATOM   181  C  CE  . LYS A 1 24  ? -9.814  17.709  -6.190  1.00 43.12 ? 24  LYS A CE  1 
ATOM   182  N  NZ  . LYS A 1 24  ? -9.858  18.619  -4.968  1.00 41.85 ? 24  LYS A NZ  1 
ATOM   183  N  N   . SER A 1 25  ? -3.467  18.330  -9.163  1.00 23.40 ? 25  SER A N   1 
ATOM   184  C  CA  . SER A 1 25  ? -2.871  18.656  -10.480 1.00 22.20 ? 25  SER A CA  1 
ATOM   185  C  C   . SER A 1 25  ? -1.943  17.567  -11.002 1.00 21.82 ? 25  SER A C   1 
ATOM   186  O  O   . SER A 1 25  ? -1.472  17.646  -12.134 1.00 22.21 ? 25  SER A O   1 
ATOM   187  C  CB  . SER A 1 25  ? -2.125  19.975  -10.430 1.00 21.72 ? 25  SER A CB  1 
ATOM   188  O  OG  . SER A 1 25  ? -1.100  19.912  -9.434  1.00 21.02 ? 25  SER A OG  1 
ATOM   189  N  N   . CYS A 1 26  ? -1.662  16.551  -10.179 1.00 21.83 ? 26  CYS A N   1 
ATOM   190  C  CA  . CYS A 1 26  ? -0.918  15.357  -10.660 1.00 21.73 ? 26  CYS A CA  1 
ATOM   191  C  C   . CYS A 1 26  ? -1.804  14.559  -11.557 1.00 21.18 ? 26  CYS A C   1 
ATOM   192  O  O   . CYS A 1 26  ? -2.887  14.192  -11.167 1.00 21.25 ? 26  CYS A O   1 
ATOM   193  C  CB  . CYS A 1 26  ? -0.481  14.450  -9.446  1.00 20.97 ? 26  CYS A CB  1 
ATOM   194  S  SG  . CYS A 1 26  ? 0.830   15.344  -8.491  1.00 24.11 ? 26  CYS A SG  1 
ATOM   195  N  N   . LYS A 1 27  ? -1.329  14.230  -12.755 1.00 20.54 ? 27  LYS A N   1 
ATOM   196  C  CA  . LYS A 1 27  ? -2.065  13.258  -13.575 1.00 21.77 ? 27  LYS A CA  1 
ATOM   197  C  C   . LYS A 1 27  ? -1.739  11.780  -13.193 1.00 20.96 ? 27  LYS A C   1 
ATOM   198  O  O   . LYS A 1 27  ? -2.602  10.871  -13.248 1.00 19.80 ? 27  LYS A O   1 
ATOM   199  C  CB  . LYS A 1 27  ? -1.755  13.524  -15.036 1.00 22.54 ? 27  LYS A CB  1 
ATOM   200  C  CG  . LYS A 1 27  ? -2.357  14.842  -15.471 1.00 28.75 ? 27  LYS A CG  1 
ATOM   201  C  CD  . LYS A 1 27  ? -3.916  14.846  -15.420 1.00 34.18 ? 27  LYS A CD  1 
ATOM   202  C  CE  . LYS A 1 27  ? -4.540  14.359  -16.705 1.00 35.20 ? 27  LYS A CE  1 
ATOM   203  N  NZ  . LYS A 1 27  ? -3.891  13.187  -17.359 1.00 42.03 ? 27  LYS A NZ  1 
ATOM   204  N  N   . GLN A 1 28  ? -0.483  11.567  -12.796 1.00 20.90 ? 28  GLN A N   1 
ATOM   205  C  CA  . GLN A 1 28  ? -0.085  10.285  -12.233 1.00 20.20 ? 28  GLN A CA  1 
ATOM   206  C  C   . GLN A 1 28  ? 0.557   10.518  -10.887 1.00 19.26 ? 28  GLN A C   1 
ATOM   207  O  O   . GLN A 1 28  ? 1.022   11.634  -10.601 1.00 19.05 ? 28  GLN A O   1 
ATOM   208  C  CB  . GLN A 1 28  ? 0.938   9.636   -13.122 1.00 20.99 ? 28  GLN A CB  1 
ATOM   209  C  CG  . GLN A 1 28  ? 0.379   9.197   -14.428 1.00 30.42 ? 28  GLN A CG  1 
ATOM   210  C  CD  . GLN A 1 28  ? 1.505   8.702   -15.340 1.00 39.20 ? 28  GLN A CD  1 
ATOM   211  O  OE1 . GLN A 1 28  ? 2.533   9.402   -15.539 1.00 43.42 ? 28  GLN A OE1 1 
ATOM   212  N  NE2 . GLN A 1 28  ? 1.350   7.480   -15.843 1.00 41.37 ? 28  GLN A NE2 1 
ATOM   213  N  N   . PHE A 1 29  ? 0.593   9.470   -10.062 1.00 17.45 ? 29  PHE A N   1 
ATOM   214  C  CA  . PHE A 1 29  ? 1.222   9.606   -8.753  1.00 16.79 ? 29  PHE A CA  1 
ATOM   215  C  C   . PHE A 1 29  ? 2.010   8.351   -8.512  1.00 15.59 ? 29  PHE A C   1 
ATOM   216  O  O   . PHE A 1 29  ? 1.503   7.231   -8.738  1.00 13.85 ? 29  PHE A O   1 
ATOM   217  C  CB  . PHE A 1 29  ? 0.172   9.748   -7.668  1.00 17.63 ? 29  PHE A CB  1 
ATOM   218  C  CG  . PHE A 1 29  ? 0.766   10.086  -6.281  1.00 18.41 ? 29  PHE A CG  1 
ATOM   219  C  CD1 . PHE A 1 29  ? 1.188   11.394  -5.983  1.00 17.13 ? 29  PHE A CD1 1 
ATOM   220  C  CD2 . PHE A 1 29  ? 0.945   9.087   -5.326  1.00 18.91 ? 29  PHE A CD2 1 
ATOM   221  C  CE1 . PHE A 1 29  ? 1.704   11.721  -4.754  1.00 19.43 ? 29  PHE A CE1 1 
ATOM   222  C  CE2 . PHE A 1 29  ? 1.515   9.430   -4.024  1.00 17.25 ? 29  PHE A CE2 1 
ATOM   223  C  CZ  . PHE A 1 29  ? 1.892   10.729  -3.781  1.00 17.90 ? 29  PHE A CZ  1 
ATOM   224  N  N   . THR A 1 30  ? 3.190   8.509   -7.944  1.00 16.04 ? 30  THR A N   1 
ATOM   225  C  CA  . THR A 1 30  ? 4.071   7.322   -7.767  1.00 15.70 ? 30  THR A CA  1 
ATOM   226  C  C   . THR A 1 30  ? 4.386   7.118   -6.300  1.00 15.35 ? 30  THR A C   1 
ATOM   227  O  O   . THR A 1 30  ? 4.730   8.062   -5.582  1.00 14.99 ? 30  THR A O   1 
ATOM   228  C  CB  . THR A 1 30  ? 5.420   7.540   -8.427  1.00 16.91 ? 30  THR A CB  1 
ATOM   229  O  OG1 . THR A 1 30  ? 5.205   7.615   -9.822  1.00 19.15 ? 30  THR A OG1 1 
ATOM   230  C  CG2 . THR A 1 30  ? 6.349   6.317   -8.108  1.00 16.21 ? 30  THR A CG2 1 
ATOM   231  N  N   . VAL A 1 31  ? 4.297   5.881   -5.863  1.00 13.90 ? 31  VAL A N   1 
ATOM   232  C  CA  . VAL A 1 31  ? 4.734   5.526   -4.488  1.00 13.84 ? 31  VAL A CA  1 
ATOM   233  C  C   . VAL A 1 31  ? 5.989   4.659   -4.652  1.00 13.47 ? 31  VAL A C   1 
ATOM   234  O  O   . VAL A 1 31  ? 5.965   3.660   -5.371  1.00 13.92 ? 31  VAL A O   1 
ATOM   235  C  CB  . VAL A 1 31  ? 3.672   4.724   -3.678  1.00 15.31 ? 31  VAL A CB  1 
ATOM   236  C  CG1 . VAL A 1 31  ? 4.203   4.282   -2.247  1.00 14.02 ? 31  VAL A CG1 1 
ATOM   237  C  CG2 . VAL A 1 31  ? 2.372   5.660   -3.442  1.00 12.72 ? 31  VAL A CG2 1 
ATOM   238  N  N   . ASN A 1 32  ? 7.056   5.077   -3.980  1.00 13.02 ? 32  ASN A N   1 
ATOM   239  C  CA  . ASN A 1 32  ? 8.327   4.312   -3.996  1.00 16.51 ? 32  ASN A CA  1 
ATOM   240  C  C   . ASN A 1 32  ? 8.503   3.603   -2.665  1.00 15.66 ? 32  ASN A C   1 
ATOM   241  O  O   . ASN A 1 32  ? 8.743   4.226   -1.693  1.00 15.95 ? 32  ASN A O   1 
ATOM   242  C  CB  . ASN A 1 32  ? 9.518   5.258   -4.279  1.00 18.29 ? 32  ASN A CB  1 
ATOM   243  C  CG  . ASN A 1 32  ? 9.420   5.992   -5.624  1.00 16.62 ? 32  ASN A CG  1 
ATOM   244  O  OD1 . ASN A 1 32  ? 9.433   7.256   -5.666  1.00 27.36 ? 32  ASN A OD1 1 
ATOM   245  N  ND2 . ASN A 1 32  ? 9.311   5.281   -6.675  1.00 16.36 ? 32  ASN A ND2 1 
ATOM   246  N  N   . LEU A 1 33  ? 8.383   2.290   -2.633  1.00 15.35 ? 33  LEU A N   1 
ATOM   247  C  CA  . LEU A 1 33  ? 8.371   1.553   -1.364  1.00 16.63 ? 33  LEU A CA  1 
ATOM   248  C  C   . LEU A 1 33  ? 9.745   0.890   -1.206  1.00 18.42 ? 33  LEU A C   1 
ATOM   249  O  O   . LEU A 1 33  ? 10.163  0.246   -2.147  1.00 18.25 ? 33  LEU A O   1 
ATOM   250  C  CB  . LEU A 1 33  ? 7.310   0.442   -1.379  1.00 15.59 ? 33  LEU A CB  1 
ATOM   251  C  CG  . LEU A 1 33  ? 7.113   -0.411  -0.075  1.00 15.33 ? 33  LEU A CG  1 
ATOM   252  C  CD1 . LEU A 1 33  ? 6.567   0.405   1.117   1.00 15.76 ? 33  LEU A CD1 1 
ATOM   253  C  CD2 . LEU A 1 33  ? 6.329   -1.715  -0.329  1.00 19.44 ? 33  LEU A CD2 1 
ATOM   254  N  N   . SER A 1 34  ? 10.334  0.990   0.006   1.00 19.54 ? 34  SER A N   1 
ATOM   255  C  CA  . SER A 1 34  ? 11.538  0.218   0.370   1.00 20.67 ? 34  SER A CA  1 
ATOM   256  C  C   . SER A 1 34  ? 11.409  -0.434  1.735   1.00 22.10 ? 34  SER A C   1 
ATOM   257  O  O   . SER A 1 34  ? 10.536  -0.111  2.544   1.00 20.66 ? 34  SER A O   1 
ATOM   258  C  CB  . SER A 1 34  ? 12.782  1.103   0.298   1.00 19.21 ? 34  SER A CB  1 
ATOM   259  O  OG  . SER A 1 34  ? 12.642  2.197   1.152   1.00 22.81 ? 34  SER A OG  1 
ATOM   260  N  N   . HIS A 1 35  ? 12.329  -1.360  2.015   1.00 23.61 ? 35  HIS A N   1 
ATOM   261  C  CA  . HIS A 1 35  ? 12.193  -2.175  3.225   1.00 23.69 ? 35  HIS A CA  1 
ATOM   262  C  C   . HIS A 1 35  ? 13.562  -2.164  3.935   1.00 25.83 ? 35  HIS A C   1 
ATOM   263  O  O   . HIS A 1 35  ? 14.320  -3.025  3.666   1.00 26.54 ? 35  HIS A O   1 
ATOM   264  C  CB  . HIS A 1 35  ? 11.796  -3.597  2.797   1.00 22.89 ? 35  HIS A CB  1 
ATOM   265  C  CG  . HIS A 1 35  ? 11.369  -4.507  3.926   1.00 22.24 ? 35  HIS A CG  1 
ATOM   266  N  ND1 . HIS A 1 35  ? 11.998  -4.557  5.155   1.00 24.01 ? 35  HIS A ND1 1 
ATOM   267  C  CD2 . HIS A 1 35  ? 10.392  -5.452  3.975   1.00 19.10 ? 35  HIS A CD2 1 
ATOM   268  C  CE1 . HIS A 1 35  ? 11.380  -5.431  5.942   1.00 19.93 ? 35  HIS A CE1 1 
ATOM   269  N  NE2 . HIS A 1 35  ? 10.435  -6.025  5.235   1.00 25.79 ? 35  HIS A NE2 1 
ATOM   270  N  N   . PRO A 1 36  ? 13.846  -1.178  4.791   1.00 28.03 ? 36  PRO A N   1 
ATOM   271  C  CA  . PRO A 1 36  ? 14.995  -1.336  5.729   1.00 30.39 ? 36  PRO A CA  1 
ATOM   272  C  C   . PRO A 1 36  ? 14.782  -2.527  6.688   1.00 32.35 ? 36  PRO A C   1 
ATOM   273  O  O   . PRO A 1 36  ? 13.628  -2.907  7.051   1.00 32.48 ? 36  PRO A O   1 
ATOM   274  C  CB  . PRO A 1 36  ? 14.982  -0.058  6.518   1.00 30.94 ? 36  PRO A CB  1 
ATOM   275  C  CG  . PRO A 1 36  ? 13.723  0.743   6.077   1.00 30.07 ? 36  PRO A CG  1 
ATOM   276  C  CD  . PRO A 1 36  ? 13.126  0.099   4.947   1.00 28.06 ? 36  PRO A CD  1 
ATOM   277  N  N   . GLY A 1 37  ? 15.863  -3.165  7.064   1.00 33.49 ? 37  GLY A N   1 
ATOM   278  C  CA  . GLY A 1 37  ? 15.702  -4.339  7.914   1.00 33.44 ? 37  GLY A CA  1 
ATOM   279  C  C   . GLY A 1 37  ? 16.487  -5.486  7.375   1.00 33.35 ? 37  GLY A C   1 
ATOM   280  O  O   . GLY A 1 37  ? 17.281  -5.315  6.449   1.00 33.63 ? 37  GLY A O   1 
ATOM   281  N  N   . ASN A 1 38  ? 16.273  -6.664  7.950   1.00 32.91 ? 38  ASN A N   1 
ATOM   282  C  CA  . ASN A 1 38  ? 17.040  -7.838  7.571   1.00 33.21 ? 38  ASN A CA  1 
ATOM   283  C  C   . ASN A 1 38  ? 16.135  -8.987  7.305   1.00 31.99 ? 38  ASN A C   1 
ATOM   284  O  O   . ASN A 1 38  ? 16.566  -9.972  6.731   1.00 34.07 ? 38  ASN A O   1 
ATOM   285  C  CB  . ASN A 1 38  ? 18.112  -8.201  8.636   1.00 35.15 ? 38  ASN A CB  1 
ATOM   286  C  CG  . ASN A 1 38  ? 18.995  -6.975  9.007   1.00 38.71 ? 38  ASN A CG  1 
ATOM   287  O  OD1 . ASN A 1 38  ? 18.940  -6.461  10.135  1.00 45.67 ? 38  ASN A OD1 1 
ATOM   288  N  ND2 . ASN A 1 38  ? 19.730  -6.456  8.026   1.00 44.61 ? 38  ASN A ND2 1 
ATOM   289  N  N   . LEU A 1 39  ? 14.862  -8.854  7.655   1.00 30.78 ? 39  LEU A N   1 
ATOM   290  C  CA  . LEU A 1 39  ? 13.938  -9.982  7.540   1.00 28.59 ? 39  LEU A CA  1 
ATOM   291  C  C   . LEU A 1 39  ? 13.410  -10.135 6.103   1.00 29.08 ? 39  LEU A C   1 
ATOM   292  O  O   . LEU A 1 39  ? 13.147  -9.136  5.416   1.00 29.14 ? 39  LEU A O   1 
ATOM   293  C  CB  . LEU A 1 39  ? 12.827  -9.864  8.567   1.00 28.21 ? 39  LEU A CB  1 
ATOM   294  C  CG  . LEU A 1 39  ? 13.195  -10.133 10.052  1.00 30.71 ? 39  LEU A CG  1 
ATOM   295  C  CD1 . LEU A 1 39  ? 11.990  -9.897  10.878  1.00 30.31 ? 39  LEU A CD1 1 
ATOM   296  C  CD2 . LEU A 1 39  ? 13.648  -11.571 10.195  1.00 28.90 ? 39  LEU A CD2 1 
ATOM   297  N  N   . PRO A 1 40  ? 13.322  -11.387 5.622   1.00 29.44 ? 40  PRO A N   1 
ATOM   298  C  CA  . PRO A 1 40  ? 12.845  -11.655 4.264   1.00 28.96 ? 40  PRO A CA  1 
ATOM   299  C  C   . PRO A 1 40  ? 11.353  -11.590 4.122   1.00 27.70 ? 40  PRO A C   1 
ATOM   300  O  O   . PRO A 1 40  ? 10.626  -11.592 5.086   1.00 28.06 ? 40  PRO A O   1 
ATOM   301  C  CB  . PRO A 1 40  ? 13.307  -13.103 4.013   1.00 26.57 ? 40  PRO A CB  1 
ATOM   302  C  CG  . PRO A 1 40  ? 13.305  -13.704 5.316   1.00 29.26 ? 40  PRO A CG  1 
ATOM   303  C  CD  . PRO A 1 40  ? 13.765  -12.634 6.288   1.00 29.29 ? 40  PRO A CD  1 
ATOM   304  N  N   . LYS A 1 41  ? 10.923  -11.577 2.888   1.00 27.79 ? 41  LYS A N   1 
ATOM   305  C  CA  . LYS A 1 41  ? 9.529   -11.407 2.540   1.00 27.26 ? 41  LYS A CA  1 
ATOM   306  C  C   . LYS A 1 41  ? 8.546   -12.388 3.203   1.00 27.12 ? 41  LYS A C   1 
ATOM   307  O  O   . LYS A 1 41  ? 7.398   -11.999 3.506   1.00 23.71 ? 41  LYS A O   1 
ATOM   308  C  CB  . LYS A 1 41  ? 9.416   -11.524 1.005   1.00 28.53 ? 41  LYS A CB  1 
ATOM   309  C  CG  . LYS A 1 41  ? 8.073   -11.207 0.466   1.00 31.52 ? 41  LYS A CG  1 
ATOM   310  C  CD  . LYS A 1 41  ? 8.103   -11.177 -1.069  1.00 35.95 ? 41  LYS A CD  1 
ATOM   311  C  CE  . LYS A 1 41  ? 7.887   -12.532 -1.668  1.00 36.31 ? 41  LYS A CE  1 
ATOM   312  N  NZ  . LYS A 1 41  ? 7.260   -12.363 -3.027  1.00 36.70 ? 41  LYS A NZ  1 
ATOM   313  N  N   . ASN A 1 42  ? 8.944   -13.670 3.370   1.00 26.72 ? 42  ASN A N   1 
ATOM   314  C  CA  . ASN A 1 42  ? 7.934   -14.649 3.841   1.00 26.90 ? 42  ASN A CA  1 
ATOM   315  C  C   . ASN A 1 42  ? 7.624   -14.462 5.328   1.00 27.09 ? 42  ASN A C   1 
ATOM   316  O  O   . ASN A 1 42  ? 6.653   -15.049 5.850   1.00 26.80 ? 42  ASN A O   1 
ATOM   317  C  CB  . ASN A 1 42  ? 8.318   -16.112 3.553   1.00 27.82 ? 42  ASN A CB  1 
ATOM   318  C  CG  . ASN A 1 42  ? 9.550   -16.552 4.348   1.00 30.78 ? 42  ASN A CG  1 
ATOM   319  O  OD1 . ASN A 1 42  ? 10.549  -15.839 4.424   1.00 33.70 ? 42  ASN A OD1 1 
ATOM   320  N  ND2 . ASN A 1 42  ? 9.458   -17.715 4.987   1.00 36.08 ? 42  ASN A ND2 1 
ATOM   321  N  N   . VAL A 1 43  ? 8.453   -13.672 6.010   1.00 25.51 ? 43  VAL A N   1 
ATOM   322  C  CA  . VAL A 1 43  ? 8.286   -13.505 7.452   1.00 26.29 ? 43  VAL A CA  1 
ATOM   323  C  C   . VAL A 1 43  ? 7.929   -12.040 7.848   1.00 24.44 ? 43  VAL A C   1 
ATOM   324  O  O   . VAL A 1 43  ? 7.298   -11.788 8.865   1.00 22.60 ? 43  VAL A O   1 
ATOM   325  C  CB  . VAL A 1 43  ? 9.598   -13.977 8.147   1.00 26.54 ? 43  VAL A CB  1 
ATOM   326  C  CG1 . VAL A 1 43  ? 9.761   -13.321 9.466   1.00 31.41 ? 43  VAL A CG1 1 
ATOM   327  C  CG2 . VAL A 1 43  ? 9.567   -15.509 8.285   1.00 25.56 ? 43  VAL A CG2 1 
ATOM   328  N  N   . MET A 1 44  ? 8.351   -11.092 7.008   1.00 22.53 ? 44  MET A N   1 
ATOM   329  C  CA  . MET A 1 44  ? 8.206   -9.636  7.241   1.00 22.35 ? 44  MET A CA  1 
ATOM   330  C  C   . MET A 1 44  ? 8.000   -8.887  5.902   1.00 21.30 ? 44  MET A C   1 
ATOM   331  O  O   . MET A 1 44  ? 8.526   -7.804  5.708   1.00 23.21 ? 44  MET A O   1 
ATOM   332  C  CB  . MET A 1 44  ? 9.454   -9.120  7.982   1.00 22.50 ? 44  MET A CB  1 
ATOM   333  C  CG  . MET A 1 44  ? 9.314   -7.775  8.791   1.00 22.06 ? 44  MET A CG  1 
ATOM   334  S  SD  . MET A 1 44  ? 7.749   -7.573  9.641   1.00 31.79 ? 44  MET A SD  1 
ATOM   335  C  CE  . MET A 1 44  ? 7.913   -8.798  11.008  1.00 27.20 ? 44  MET A CE  1 
ATOM   336  N  N   . GLY A 1 45  ? 7.239   -9.503  4.993   1.00 20.32 ? 45  GLY A N   1 
ATOM   337  C  CA  . GLY A 1 45  ? 6.962   -8.926  3.664   1.00 19.80 ? 45  GLY A CA  1 
ATOM   338  C  C   . GLY A 1 45  ? 6.103   -7.689  3.832   1.00 19.77 ? 45  GLY A C   1 
ATOM   339  O  O   . GLY A 1 45  ? 5.178   -7.660  4.685   1.00 17.76 ? 45  GLY A O   1 
ATOM   340  N  N   . HIS A 1 46  ? 6.390   -6.630  3.061   1.00 18.26 ? 46  HIS A N   1 
ATOM   341  C  CA  . HIS A 1 46  ? 5.478   -5.446  3.151   1.00 16.49 ? 46  HIS A CA  1 
ATOM   342  C  C   . HIS A 1 46  ? 5.081   -5.063  1.743   1.00 17.79 ? 46  HIS A C   1 
ATOM   343  O  O   . HIS A 1 46  ? 5.850   -5.291  0.805   1.00 17.24 ? 46  HIS A O   1 
ATOM   344  C  CB  . HIS A 1 46  ? 6.152   -4.212  3.740   1.00 16.27 ? 46  HIS A CB  1 
ATOM   345  C  CG  . HIS A 1 46  ? 6.710   -4.385  5.123   1.00 21.10 ? 46  HIS A CG  1 
ATOM   346  N  ND1 . HIS A 1 46  ? 6.030   -5.009  6.172   1.00 15.47 ? 46  HIS A ND1 1 
ATOM   347  C  CD2 . HIS A 1 46  ? 7.869   -3.918  5.645   1.00 20.36 ? 46  HIS A CD2 1 
ATOM   348  C  CE1 . HIS A 1 46  ? 6.751   -4.883  7.282   1.00 22.19 ? 46  HIS A CE1 1 
ATOM   349  N  NE2 . HIS A 1 46  ? 7.857   -4.219  6.988   1.00 20.33 ? 46  HIS A NE2 1 
ATOM   350  N  N   . ASN A 1 47  ? 3.860   -4.509  1.578   1.00 16.42 ? 47  ASN A N   1 
ATOM   351  C  CA  . ASN A 1 47  ? 3.456   -3.971  0.285   1.00 15.55 ? 47  ASN A CA  1 
ATOM   352  C  C   . ASN A 1 47  ? 2.710   -2.700  0.609   1.00 15.28 ? 47  ASN A C   1 
ATOM   353  O  O   . ASN A 1 47  ? 2.355   -2.458  1.797   1.00 18.82 ? 47  ASN A O   1 
ATOM   354  C  CB  . ASN A 1 47  ? 2.593   -4.954  -0.532  1.00 13.41 ? 47  ASN A CB  1 
ATOM   355  C  CG  . ASN A 1 47  ? 1.388   -5.547  0.280   1.00 13.42 ? 47  ASN A CG  1 
ATOM   356  O  OD1 . ASN A 1 47  ? 1.129   -5.152  1.425   1.00 16.12 ? 47  ASN A OD1 1 
ATOM   357  N  ND2 . ASN A 1 47  ? 0.651   -6.464  -0.334  1.00 17.85 ? 47  ASN A ND2 1 
ATOM   358  N  N   . TRP A 1 48  ? 2.404   -1.915  -0.395  1.00 14.49 ? 48  TRP A N   1 
ATOM   359  C  CA  . TRP A 1 48  ? 1.619   -0.704  -0.201  1.00 15.24 ? 48  TRP A CA  1 
ATOM   360  C  C   . TRP A 1 48  ? 0.415   -0.874  -1.085  1.00 16.20 ? 48  TRP A C   1 
ATOM   361  O  O   . TRP A 1 48  ? 0.536   -0.995  -2.313  1.00 18.31 ? 48  TRP A O   1 
ATOM   362  C  CB  . TRP A 1 48  ? 2.433   0.548   -0.594  1.00 15.94 ? 48  TRP A CB  1 
ATOM   363  C  CG  . TRP A 1 48  ? 1.694   1.889   -0.395  1.00 14.60 ? 48  TRP A CG  1 
ATOM   364  C  CD1 . TRP A 1 48  ? 1.725   2.746   0.734   1.00 15.07 ? 48  TRP A CD1 1 
ATOM   365  C  CD2 . TRP A 1 48  ? 0.821   2.528   -1.368  1.00 12.46 ? 48  TRP A CD2 1 
ATOM   366  N  NE1 . TRP A 1 48  ? 0.954   3.891   0.452   1.00 16.49 ? 48  TRP A NE1 1 
ATOM   367  C  CE2 . TRP A 1 48  ? 0.388   3.759   -0.810  1.00 15.25 ? 48  TRP A CE2 1 
ATOM   368  C  CE3 . TRP A 1 48  ? 0.425   2.206   -2.694  1.00 13.87 ? 48  TRP A CE3 1 
ATOM   369  C  CZ2 . TRP A 1 48  ? -0.500  4.610   -1.521  1.00 17.73 ? 48  TRP A CZ2 1 
ATOM   370  C  CZ3 . TRP A 1 48  ? -0.441  3.081   -3.415  1.00 11.93 ? 48  TRP A CZ3 1 
ATOM   371  C  CH2 . TRP A 1 48  ? -0.896  4.238   -2.802  1.00 12.07 ? 48  TRP A CH2 1 
ATOM   372  N  N   . VAL A 1 49  ? -0.754  -0.863  -0.477  1.00 15.45 ? 49  VAL A N   1 
ATOM   373  C  CA  . VAL A 1 49  ? -1.989  -1.186  -1.182  1.00 14.00 ? 49  VAL A CA  1 
ATOM   374  C  C   . VAL A 1 49  ? -3.019  -0.073  -0.914  1.00 15.03 ? 49  VAL A C   1 
ATOM   375  O  O   . VAL A 1 49  ? -3.171  0.332   0.225   1.00 12.16 ? 49  VAL A O   1 
ATOM   376  C  CB  . VAL A 1 49  ? -2.577  -2.534  -0.707  1.00 14.66 ? 49  VAL A CB  1 
ATOM   377  C  CG1 . VAL A 1 49  ? -3.851  -2.903  -1.568  1.00 14.04 ? 49  VAL A CG1 1 
ATOM   378  C  CG2 . VAL A 1 49  ? -1.523  -3.631  -0.846  1.00 13.96 ? 49  VAL A CG2 1 
ATOM   379  N  N   . LEU A 1 50  ? -3.707  0.341   -1.979  1.00 14.13 ? 50  LEU A N   1 
ATOM   380  C  CA  . LEU A 1 50  ? -4.644  1.428   -1.925  1.00 15.60 ? 50  LEU A CA  1 
ATOM   381  C  C   . LEU A 1 50  ? -6.095  0.921   -2.208  1.00 18.18 ? 50  LEU A C   1 
ATOM   382  O  O   . LEU A 1 50  ? -6.402  0.373   -3.272  1.00 19.19 ? 50  LEU A O   1 
ATOM   383  C  CB  . LEU A 1 50  ? -4.243  2.473   -3.010  1.00 14.50 ? 50  LEU A CB  1 
ATOM   384  C  CG  . LEU A 1 50  ? -5.053  3.781   -3.090  1.00 14.96 ? 50  LEU A CG  1 
ATOM   385  C  CD1 . LEU A 1 50  ? -5.128  4.604   -1.789  1.00 16.42 ? 50  LEU A CD1 1 
ATOM   386  C  CD2 . LEU A 1 50  ? -4.595  4.599   -4.256  1.00 15.10 ? 50  LEU A CD2 1 
ATOM   387  N  N   . SER A 1 51  ? -7.024  1.217   -1.312  1.00 21.52 ? 51  SER A N   1 
ATOM   388  C  CA  . SER A 1 51  ? -8.450  1.123   -1.651  1.00 21.64 ? 51  SER A CA  1 
ATOM   389  C  C   . SER A 1 51  ? -9.238  2.266   -0.922  1.00 24.36 ? 51  SER A C   1 
ATOM   390  O  O   . SER A 1 51  ? -8.661  3.061   -0.147  1.00 21.65 ? 51  SER A O   1 
ATOM   391  C  CB  . SER A 1 51  ? -8.935  -0.211  -1.168  1.00 21.49 ? 51  SER A CB  1 
ATOM   392  O  OG  . SER A 1 51  ? -8.975  -0.300  0.234   1.00 23.60 ? 51  SER A OG  1 
ATOM   393  N  N   . THR A 1 52  ? -10.547 2.334   -1.178  1.00 24.44 ? 52  THR A N   1 
ATOM   394  C  CA  . THR A 1 52  ? -11.421 3.183   -0.349  1.00 26.17 ? 52  THR A CA  1 
ATOM   395  C  C   . THR A 1 52  ? -11.332 2.682   1.092   1.00 25.65 ? 52  THR A C   1 
ATOM   396  O  O   . THR A 1 52  ? -10.934 1.563   1.332   1.00 25.88 ? 52  THR A O   1 
ATOM   397  C  CB  . THR A 1 52  ? -12.917 3.098   -0.797  1.00 24.25 ? 52  THR A CB  1 
ATOM   398  O  OG1 . THR A 1 52  ? -13.344 1.773   -0.673  1.00 27.50 ? 52  THR A OG1 1 
ATOM   399  C  CG2 . THR A 1 52  ? -13.109 3.436   -2.196  1.00 28.92 ? 52  THR A CG2 1 
ATOM   400  N  N   . ALA A 1 53  ? -11.612 3.542   2.061   1.00 27.38 ? 53  ALA A N   1 
ATOM   401  C  CA  . ALA A 1 53  ? -11.623 3.150   3.476   1.00 28.37 ? 53  ALA A CA  1 
ATOM   402  C  C   . ALA A 1 53  ? -12.602 1.982   3.723   1.00 30.23 ? 53  ALA A C   1 
ATOM   403  O  O   . ALA A 1 53  ? -12.248 1.014   4.428   1.00 31.09 ? 53  ALA A O   1 
ATOM   404  C  CB  . ALA A 1 53  ? -11.937 4.329   4.355   1.00 28.48 ? 53  ALA A CB  1 
ATOM   405  N  N   . ALA A 1 54  ? -13.777 2.069   3.089   1.00 31.96 ? 54  ALA A N   1 
ATOM   406  C  CA  . ALA A 1 54  ? -14.823 1.008   3.136   1.00 32.76 ? 54  ALA A CA  1 
ATOM   407  C  C   . ALA A 1 54  ? -14.321 -0.340  2.694   1.00 32.79 ? 54  ALA A C   1 
ATOM   408  O  O   . ALA A 1 54  ? -14.787 -1.373  3.177   1.00 34.31 ? 54  ALA A O   1 
ATOM   409  C  CB  . ALA A 1 54  ? -16.070 1.414   2.288   1.00 33.03 ? 54  ALA A CB  1 
ATOM   410  N  N   . ASP A 1 55  ? -13.374 -0.371  1.754   1.00 31.57 ? 55  ASP A N   1 
ATOM   411  C  CA  . ASP A 1 55  ? -12.988 -1.664  1.205   1.00 29.67 ? 55  ASP A CA  1 
ATOM   412  C  C   . ASP A 1 55  ? -11.792 -2.222  1.892   1.00 29.43 ? 55  ASP A C   1 
ATOM   413  O  O   . ASP A 1 55  ? -11.423 -3.334  1.615   1.00 29.72 ? 55  ASP A O   1 
ATOM   414  C  CB  . ASP A 1 55  ? -12.711 -1.612  -0.304  1.00 29.40 ? 55  ASP A CB  1 
ATOM   415  C  CG  . ASP A 1 55  ? -13.966 -1.501  -1.128  1.00 30.91 ? 55  ASP A CG  1 
ATOM   416  O  OD1 . ASP A 1 55  ? -15.064 -1.905  -0.681  1.00 36.52 ? 55  ASP A OD1 1 
ATOM   417  O  OD2 . ASP A 1 55  ? -13.874 -1.051  -2.271  1.00 30.21 ? 55  ASP A OD2 1 
ATOM   418  N  N   . MET A 1 56  ? -11.154 -1.426  2.741   1.00 29.27 ? 56  MET A N   1 
ATOM   419  C  CA  . MET A 1 56  ? -9.930  -1.874  3.319   1.00 29.03 ? 56  MET A CA  1 
ATOM   420  C  C   . MET A 1 56  ? -10.086 -3.197  4.038   1.00 30.39 ? 56  MET A C   1 
ATOM   421  O  O   . MET A 1 56  ? -9.258  -4.106  3.853   1.00 29.95 ? 56  MET A O   1 
ATOM   422  C  CB  . MET A 1 56  ? -9.266  -0.836  4.216   1.00 29.36 ? 56  MET A CB  1 
ATOM   423  C  CG  . MET A 1 56  ? -8.016  -1.398  4.939   1.00 27.31 ? 56  MET A CG  1 
ATOM   424  S  SD  . MET A 1 56  ? -7.345  -0.139  5.980   1.00 32.43 ? 56  MET A SD  1 
ATOM   425  C  CE  . MET A 1 56  ? -6.442  -1.170  7.087   1.00 28.83 ? 56  MET A CE  1 
ATOM   426  N  N   . GLN A 1 57  ? -11.105 -3.324  4.897   1.00 29.79 ? 57  GLN A N   1 
ATOM   427  C  CA  . GLN A 1 57  ? -11.205 -4.593  5.638   1.00 30.34 ? 57  GLN A CA  1 
ATOM   428  C  C   . GLN A 1 57  ? -11.300 -5.817  4.746   1.00 28.47 ? 57  GLN A C   1 
ATOM   429  O  O   . GLN A 1 57  ? -10.643 -6.838  5.004   1.00 28.56 ? 57  GLN A O   1 
ATOM   430  C  CB  . GLN A 1 57  ? -12.376 -4.611  6.658   1.00 30.91 ? 57  GLN A CB  1 
ATOM   431  C  CG  . GLN A 1 57  ? -12.292 -5.944  7.547   1.00 36.73 ? 57  GLN A CG  1 
ATOM   432  C  CD  . GLN A 1 57  ? -13.485 -6.198  8.510   1.00 45.25 ? 57  GLN A CD  1 
ATOM   433  O  OE1 . GLN A 1 57  ? -14.070 -5.255  9.059   1.00 48.14 ? 57  GLN A OE1 1 
ATOM   434  N  NE2 . GLN A 1 57  ? -13.817 -7.497  8.726   1.00 47.09 ? 57  GLN A NE2 1 
ATOM   435  N  N   . GLY A 1 58  ? -12.132 -5.734  3.705   1.00 28.05 ? 58  GLY A N   1 
ATOM   436  C  CA  . GLY A 1 58  ? -12.302 -6.865  2.818   1.00 27.31 ? 58  GLY A CA  1 
ATOM   437  C  C   . GLY A 1 58  ? -11.008 -7.252  2.105   1.00 27.17 ? 58  GLY A C   1 
ATOM   438  O  O   . GLY A 1 58  ? -10.715 -8.418  1.880   1.00 26.18 ? 58  GLY A O   1 
ATOM   439  N  N   . VAL A 1 59  ? -10.244 -6.230  1.695   1.00 25.82 ? 59  VAL A N   1 
ATOM   440  C  CA  . VAL A 1 59  ? -9.052  -6.456  0.865   1.00 24.48 ? 59  VAL A CA  1 
ATOM   441  C  C   . VAL A 1 59  ? -8.048  -7.179  1.731   1.00 23.07 ? 59  VAL A C   1 
ATOM   442  O  O   . VAL A 1 59  ? -7.391  -8.146  1.313   1.00 23.50 ? 59  VAL A O   1 
ATOM   443  C  CB  . VAL A 1 59  ? -8.524  -5.068  0.263   1.00 22.54 ? 59  VAL A CB  1 
ATOM   444  C  CG1 . VAL A 1 59  ? -7.108  -5.268  -0.252  1.00 24.72 ? 59  VAL A CG1 1 
ATOM   445  C  CG2 . VAL A 1 59  ? -9.497  -4.499  -0.831  1.00 21.86 ? 59  VAL A CG2 1 
ATOM   446  N  N   . VAL A 1 60  ? -7.929  -6.697  2.960   1.00 24.59 ? 60  VAL A N   1 
ATOM   447  C  CA  . VAL A 1 60  ? -6.997  -7.233  3.933   1.00 23.17 ? 60  VAL A CA  1 
ATOM   448  C  C   . VAL A 1 60  ? -7.393  -8.687  4.308   1.00 24.51 ? 60  VAL A C   1 
ATOM   449  O  O   . VAL A 1 60  ? -6.541  -9.549  4.335   1.00 23.45 ? 60  VAL A O   1 
ATOM   450  C  CB  . VAL A 1 60  ? -6.875  -6.334  5.206   1.00 24.13 ? 60  VAL A CB  1 
ATOM   451  C  CG1 . VAL A 1 60  ? -6.079  -7.053  6.265   1.00 25.08 ? 60  VAL A CG1 1 
ATOM   452  C  CG2 . VAL A 1 60  ? -6.187  -5.004  4.880   1.00 24.05 ? 60  VAL A CG2 1 
ATOM   453  N  N   . THR A 1 61  ? -8.702  -8.923  4.545   1.00 26.69 ? 61  THR A N   1 
ATOM   454  C  CA  . THR A 1 61  ? -9.169  -10.244 4.960   1.00 28.67 ? 61  THR A CA  1 
ATOM   455  C  C   . THR A 1 61  ? -8.969  -11.226 3.843   1.00 26.61 ? 61  THR A C   1 
ATOM   456  O  O   . THR A 1 61  ? -8.328  -12.257 4.046   1.00 28.46 ? 61  THR A O   1 
ATOM   457  C  CB  . THR A 1 61  ? -10.679 -10.238 5.428   1.00 29.42 ? 61  THR A CB  1 
ATOM   458  O  OG1 . THR A 1 61  ? -10.790 -9.374  6.568   1.00 33.27 ? 61  THR A OG1 1 
ATOM   459  C  CG2 . THR A 1 61  ? -11.127 -11.716 5.803   1.00 29.88 ? 61  THR A CG2 1 
ATOM   460  N  N   . ASP A 1 62  ? -9.485  -10.900 2.667   1.00 27.43 ? 62  ASP A N   1 
ATOM   461  C  CA  . ASP A 1 62  ? -9.234  -11.726 1.470   1.00 28.25 ? 62  ASP A CA  1 
ATOM   462  C  C   . ASP A 1 62  ? -7.768  -11.932 1.070   1.00 27.28 ? 62  ASP A C   1 
ATOM   463  O  O   . ASP A 1 62  ? -7.385  -13.032 0.663   1.00 27.61 ? 62  ASP A O   1 
ATOM   464  C  CB  . ASP A 1 62  ? -10.007 -11.203 0.294   1.00 28.12 ? 62  ASP A CB  1 
ATOM   465  C  CG  . ASP A 1 62  ? -11.503 -11.323 0.490   1.00 32.88 ? 62  ASP A CG  1 
ATOM   466  O  OD1 . ASP A 1 62  ? -11.863 -12.047 1.440   1.00 37.71 ? 62  ASP A OD1 1 
ATOM   467  O  OD2 . ASP A 1 62  ? -12.298 -10.716 -0.282  1.00 33.39 ? 62  ASP A OD2 1 
ATOM   468  N  N   . GLY A 1 63  ? -6.954  -10.880 1.202   1.00 27.85 ? 63  GLY A N   1 
ATOM   469  C  CA  . GLY A 1 63  ? -5.484  -10.952 0.904   1.00 27.81 ? 63  GLY A CA  1 
ATOM   470  C  C   . GLY A 1 63  ? -4.755  -11.874 1.833   1.00 28.79 ? 63  GLY A C   1 
ATOM   471  O  O   . GLY A 1 63  ? -3.987  -12.706 1.419   1.00 29.03 ? 63  GLY A O   1 
ATOM   472  N  N   . MET A 1 64  ? -4.988  -11.723 3.128   1.00 32.24 ? 64  MET A N   1 
ATOM   473  C  CA  . MET A 1 64  ? -4.388  -12.618 4.109   1.00 33.29 ? 64  MET A CA  1 
ATOM   474  C  C   . MET A 1 64  ? -4.778  -14.098 3.771   1.00 34.57 ? 64  MET A C   1 
ATOM   475  O  O   . MET A 1 64  ? -3.901  -14.965 3.710   1.00 32.99 ? 64  MET A O   1 
ATOM   476  C  CB  . MET A 1 64  ? -4.770  -12.174 5.562   1.00 33.80 ? 64  MET A CB  1 
ATOM   477  C  CG  . MET A 1 64  ? -4.331  -10.675 5.964   1.00 35.84 ? 64  MET A CG  1 
ATOM   478  S  SD  . MET A 1 64  ? -4.661  -10.369 7.771   1.00 41.16 ? 64  MET A SD  1 
ATOM   479  C  CE  . MET A 1 64  ? -3.698  -8.974  8.160   1.00 34.37 ? 64  MET A CE  1 
ATOM   480  N  N   . ALA A 1 65  ? -6.075  -14.351 3.471   1.00 35.19 ? 65  ALA A N   1 
ATOM   481  C  CA  . ALA A 1 65  ? -6.539  -15.695 3.062   1.00 35.61 ? 65  ALA A CA  1 
ATOM   482  C  C   . ALA A 1 65  ? -5.894  -16.250 1.802   1.00 35.95 ? 65  ALA A C   1 
ATOM   483  O  O   . ALA A 1 65  ? -5.848  -17.483 1.613   1.00 35.84 ? 65  ALA A O   1 
ATOM   484  C  CB  . ALA A 1 65  ? -8.057  -15.689 2.866   1.00 36.45 ? 65  ALA A CB  1 
ATOM   485  N  N   . SER A 1 66  ? -5.404  -15.365 0.922   1.00 35.05 ? 66  SER A N   1 
ATOM   486  C  CA  . SER A 1 66  ? -4.765  -15.803 -0.374  1.00 33.98 ? 66  SER A CA  1 
ATOM   487  C  C   . SER A 1 66  ? -3.363  -16.368 -0.335  1.00 32.78 ? 66  SER A C   1 
ATOM   488  O  O   . SER A 1 66  ? -2.963  -17.109 -1.263  1.00 32.20 ? 66  SER A O   1 
ATOM   489  C  CB  . SER A 1 66  ? -4.821  -14.672 -1.413  1.00 32.49 ? 66  SER A CB  1 
ATOM   490  O  OG  . SER A 1 66  ? -6.179  -14.317 -1.594  1.00 38.24 ? 66  SER A OG  1 
ATOM   491  N  N   . GLY A 1 67  ? -2.588  -16.011 0.689   1.00 32.14 ? 67  GLY A N   1 
ATOM   492  C  CA  . GLY A 1 67  ? -1.282  -16.652 0.897   1.00 31.21 ? 67  GLY A CA  1 
ATOM   493  C  C   . GLY A 1 67  ? -0.106  -15.931 0.306   1.00 33.31 ? 67  GLY A C   1 
ATOM   494  O  O   . GLY A 1 67  ? -0.284  -14.970 -0.447  1.00 32.12 ? 67  GLY A O   1 
ATOM   495  N  N   . LEU A 1 68  ? 1.097   -16.367 0.646   1.00 32.71 ? 68  LEU A N   1 
ATOM   496  C  CA  . LEU A 1 68  ? 2.317   -15.692 0.192   1.00 35.79 ? 68  LEU A CA  1 
ATOM   497  C  C   . LEU A 1 68  ? 2.604   -15.732 -1.337  1.00 36.96 ? 68  LEU A C   1 
ATOM   498  O  O   . LEU A 1 68  ? 3.256   -14.823 -1.904  1.00 38.28 ? 68  LEU A O   1 
ATOM   499  C  CB  . LEU A 1 68  ? 3.534   -16.239 0.951   1.00 35.31 ? 68  LEU A CB  1 
ATOM   500  C  CG  . LEU A 1 68  ? 4.910   -15.773 0.501   1.00 36.21 ? 68  LEU A CG  1 
ATOM   501  C  CD1 . LEU A 1 68  ? 5.165   -14.296 0.812   1.00 38.15 ? 68  LEU A CD1 1 
ATOM   502  C  CD2 . LEU A 1 68  ? 5.957   -16.626 1.146   1.00 35.25 ? 68  LEU A CD2 1 
ATOM   503  N  N   . ASP A 1 69  ? 2.134   -16.789 -1.968  1.00 37.44 ? 69  ASP A N   1 
ATOM   504  C  CA  . ASP A 1 69  ? 2.398   -17.044 -3.384  1.00 38.74 ? 69  ASP A CA  1 
ATOM   505  C  C   . ASP A 1 69  ? 1.504   -16.139 -4.236  1.00 38.08 ? 69  ASP A C   1 
ATOM   506  O  O   . ASP A 1 69  ? 1.785   -15.941 -5.406  1.00 38.19 ? 69  ASP A O   1 
ATOM   507  C  CB  . ASP A 1 69  ? 2.159   -18.538 -3.735  1.00 38.62 ? 69  ASP A CB  1 
ATOM   508  C  CG  . ASP A 1 69  ? 3.220   -19.471 -3.114  1.00 44.45 ? 69  ASP A CG  1 
ATOM   509  O  OD1 . ASP A 1 69  ? 4.357   -19.004 -2.825  1.00 47.90 ? 69  ASP A OD1 1 
ATOM   510  O  OD2 . ASP A 1 69  ? 2.926   -20.691 -2.936  1.00 49.42 ? 69  ASP A OD2 1 
ATOM   511  N  N   . LYS A 1 70  ? 0.435   -15.615 -3.625  1.00 36.12 ? 70  LYS A N   1 
ATOM   512  C  CA  . LYS A 1 70  ? -0.361  -14.513 -4.159  1.00 32.82 ? 70  LYS A CA  1 
ATOM   513  C  C   . LYS A 1 70  ? 0.048   -13.120 -3.667  1.00 30.36 ? 70  LYS A C   1 
ATOM   514  O  O   . LYS A 1 70  ? -0.660  -12.160 -3.957  1.00 29.16 ? 70  LYS A O   1 
ATOM   515  C  CB  . LYS A 1 70  ? -1.853  -14.829 -3.937  1.00 33.14 ? 70  LYS A CB  1 
ATOM   516  C  CG  . LYS A 1 70  ? -2.225  -16.051 -4.843  1.00 36.08 ? 70  LYS A CG  1 
ATOM   517  C  CD  . LYS A 1 70  ? -3.646  -16.474 -4.713  1.00 41.43 ? 70  LYS A CD  1 
ATOM   518  C  CE  . LYS A 1 70  ? -3.991  -17.457 -5.828  1.00 41.97 ? 70  LYS A CE  1 
ATOM   519  N  NZ  . LYS A 1 70  ? -3.691  -18.812 -5.358  1.00 45.38 ? 70  LYS A NZ  1 
ATOM   520  N  N   . ASP A 1 71  ? 1.221   -12.997 -3.006  1.00 28.39 ? 71  ASP A N   1 
ATOM   521  C  CA  . ASP A 1 71  ? 1.715   -11.752 -2.358  1.00 27.05 ? 71  ASP A CA  1 
ATOM   522  C  C   . ASP A 1 71  ? 0.593   -11.256 -1.393  1.00 25.62 ? 71  ASP A C   1 
ATOM   523  O  O   . ASP A 1 71  ? 0.448   -10.039 -1.186  1.00 25.14 ? 71  ASP A O   1 
ATOM   524  C  CB  . ASP A 1 71  ? 2.059   -10.557 -3.342  1.00 27.98 ? 71  ASP A CB  1 
ATOM   525  C  CG  . ASP A 1 71  ? 3.524   -10.512 -3.822  1.00 31.03 ? 71  ASP A CG  1 
ATOM   526  O  OD1 . ASP A 1 71  ? 4.293   -11.498 -3.626  1.00 30.35 ? 71  ASP A OD1 1 
ATOM   527  O  OD2 . ASP A 1 71  ? 3.889   -9.445  -4.487  1.00 34.30 ? 71  ASP A OD2 1 
ATOM   528  N  N   . TYR A 1 72  ? -0.236  -12.161 -0.836  1.00 22.94 ? 72  TYR A N   1 
ATOM   529  C  CA  . TYR A 1 72  ? -1.314  -11.705 0.069   1.00 23.06 ? 72  TYR A CA  1 
ATOM   530  C  C   . TYR A 1 72  ? -2.318  -10.694 -0.498  1.00 22.81 ? 72  TYR A C   1 
ATOM   531  O  O   . TYR A 1 72  ? -2.770  -9.736  0.190   1.00 22.07 ? 72  TYR A O   1 
ATOM   532  C  CB  . TYR A 1 72  ? -0.783  -11.262 1.483   1.00 22.31 ? 72  TYR A CB  1 
ATOM   533  C  CG  . TYR A 1 72  ? -0.106  -12.379 2.216   1.00 25.69 ? 72  TYR A CG  1 
ATOM   534  C  CD1 . TYR A 1 72  ? -0.843  -13.445 2.773   1.00 19.56 ? 72  TYR A CD1 1 
ATOM   535  C  CD2 . TYR A 1 72  ? 1.292   -12.414 2.330   1.00 21.50 ? 72  TYR A CD2 1 
ATOM   536  C  CE1 . TYR A 1 72  ? -0.183  -14.451 3.475   1.00 20.91 ? 72  TYR A CE1 1 
ATOM   537  C  CE2 . TYR A 1 72  ? 1.911   -13.400 2.981   1.00 24.70 ? 72  TYR A CE2 1 
ATOM   538  C  CZ  . TYR A 1 72  ? 1.171   -14.399 3.574   1.00 23.15 ? 72  TYR A CZ  1 
ATOM   539  O  OH  . TYR A 1 72  ? 1.822   -15.379 4.228   1.00 27.22 ? 72  TYR A OH  1 
ATOM   540  N  N   . LEU A 1 73  ? -2.741  -10.936 -1.753  1.00 22.94 ? 73  LEU A N   1 
ATOM   541  C  CA  . LEU A 1 73  ? -3.841  -10.234 -2.359  1.00 24.21 ? 73  LEU A CA  1 
ATOM   542  C  C   . LEU A 1 73  ? -4.697  -11.261 -3.046  1.00 25.62 ? 73  LEU A C   1 
ATOM   543  O  O   . LEU A 1 73  ? -4.185  -12.148 -3.748  1.00 26.59 ? 73  LEU A O   1 
ATOM   544  C  CB  . LEU A 1 73  ? -3.349  -9.204  -3.415  1.00 24.08 ? 73  LEU A CB  1 
ATOM   545  C  CG  . LEU A 1 73  ? -2.889  -7.813  -2.999  1.00 24.21 ? 73  LEU A CG  1 
ATOM   546  C  CD1 . LEU A 1 73  ? -2.570  -7.003  -4.271  1.00 25.92 ? 73  LEU A CD1 1 
ATOM   547  C  CD2 . LEU A 1 73  ? -3.973  -7.133  -2.116  1.00 20.25 ? 73  LEU A CD2 1 
ATOM   548  N  N   . LYS A 1 74  ? -6.002  -11.149 -2.862  1.00 26.68 ? 74  LYS A N   1 
ATOM   549  C  CA  . LYS A 1 74  ? -6.926  -12.022 -3.603  1.00 29.40 ? 74  LYS A CA  1 
ATOM   550  C  C   . LYS A 1 74  ? -6.725  -11.756 -5.114  1.00 30.24 ? 74  LYS A C   1 
ATOM   551  O  O   . LYS A 1 74  ? -6.742  -10.576 -5.532  1.00 29.72 ? 74  LYS A O   1 
ATOM   552  C  CB  . LYS A 1 74  ? -8.359  -11.703 -3.209  1.00 27.49 ? 74  LYS A CB  1 
ATOM   553  C  CG  . LYS A 1 74  ? -9.387  -12.690 -3.768  1.00 31.54 ? 74  LYS A CG  1 
ATOM   554  C  CD  . LYS A 1 74  ? -10.761 -12.331 -3.247  1.00 32.46 ? 74  LYS A CD  1 
ATOM   555  C  CE  . LYS A 1 74  ? -11.388 -11.207 -3.978  1.00 38.83 ? 74  LYS A CE  1 
ATOM   556  N  NZ  . LYS A 1 74  ? -12.234 -11.817 -5.064  1.00 47.14 ? 74  LYS A NZ  1 
ATOM   557  N  N   . PRO A 1 75  ? -6.523  -12.842 -5.943  1.00 31.58 ? 75  PRO A N   1 
ATOM   558  C  CA  . PRO A 1 75  ? -6.531  -12.620 -7.385  1.00 31.17 ? 75  PRO A CA  1 
ATOM   559  C  C   . PRO A 1 75  ? -7.707  -11.862 -7.857  1.00 31.81 ? 75  PRO A C   1 
ATOM   560  O  O   . PRO A 1 75  ? -8.826  -12.075 -7.372  1.00 32.78 ? 75  PRO A O   1 
ATOM   561  C  CB  . PRO A 1 75  ? -6.568  -14.005 -7.943  1.00 31.74 ? 75  PRO A CB  1 
ATOM   562  C  CG  . PRO A 1 75  ? -5.794  -14.803 -6.939  1.00 32.80 ? 75  PRO A CG  1 
ATOM   563  C  CD  . PRO A 1 75  ? -6.256  -14.260 -5.619  1.00 31.39 ? 75  PRO A CD  1 
ATOM   564  N  N   . ASP A 1 76  ? -7.466  -10.959 -8.803  1.00 31.70 ? 76  ASP A N   1 
ATOM   565  C  CA  . ASP A 1 76  ? -8.522  -10.163 -9.448  1.00 32.01 ? 76  ASP A CA  1 
ATOM   566  C  C   . ASP A 1 76  ? -9.413  -9.368  -8.478  1.00 31.79 ? 76  ASP A C   1 
ATOM   567  O  O   . ASP A 1 76  ? -10.653 -9.334  -8.620  1.00 31.46 ? 76  ASP A O   1 
ATOM   568  C  CB  . ASP A 1 76  ? -9.337  -11.052 -10.447 1.00 34.05 ? 76  ASP A CB  1 
ATOM   569  C  CG  . ASP A 1 76  ? -8.440  -11.801 -11.412 1.00 35.05 ? 76  ASP A CG  1 
ATOM   570  O  OD1 . ASP A 1 76  ? -7.865  -11.159 -12.295 1.00 42.79 ? 76  ASP A OD1 1 
ATOM   571  O  OD2 . ASP A 1 76  ? -8.273  -13.036 -11.298 1.00 41.49 ? 76  ASP A OD2 1 
ATOM   572  N  N   . ASP A 1 77  ? -8.792  -8.651  -7.540  1.00 28.12 ? 77  ASP A N   1 
ATOM   573  C  CA  . ASP A 1 77  ? -9.551  -7.985  -6.493  1.00 27.91 ? 77  ASP A CA  1 
ATOM   574  C  C   . ASP A 1 77  ? -9.802  -6.555  -6.998  1.00 28.62 ? 77  ASP A C   1 
ATOM   575  O  O   . ASP A 1 77  ? -8.910  -5.690  -7.086  1.00 25.56 ? 77  ASP A O   1 
ATOM   576  C  CB  . ASP A 1 77  ? -8.784  -8.075  -5.132  1.00 26.70 ? 77  ASP A CB  1 
ATOM   577  C  CG  . ASP A 1 77  ? -9.563  -7.509  -3.962  1.00 26.59 ? 77  ASP A CG  1 
ATOM   578  O  OD1 . ASP A 1 77  ? -10.418 -6.684  -4.150  1.00 27.19 ? 77  ASP A OD1 1 
ATOM   579  O  OD2 . ASP A 1 77  ? -9.308  -7.868  -2.806  1.00 30.16 ? 77  ASP A OD2 1 
ATOM   580  N  N   . SER A 1 78  ? -11.035 -6.281  -7.376  1.00 28.43 ? 78  SER A N   1 
ATOM   581  C  CA  . SER A 1 78  ? -11.251 -5.051  -8.127  1.00 28.73 ? 78  SER A CA  1 
ATOM   582  C  C   . SER A 1 78  ? -11.399 -3.874  -7.154  1.00 26.46 ? 78  SER A C   1 
ATOM   583  O  O   . SER A 1 78  ? -11.572 -2.709  -7.533  1.00 27.82 ? 78  SER A O   1 
ATOM   584  C  CB  . SER A 1 78  ? -12.485 -5.244  -9.023  1.00 30.49 ? 78  SER A CB  1 
ATOM   585  O  OG  . SER A 1 78  ? -13.592 -5.342  -8.136  1.00 33.31 ? 78  SER A OG  1 
ATOM   586  N  N   . ARG A 1 79  ? -11.355 -4.152  -5.860  1.00 24.62 ? 79  ARG A N   1 
ATOM   587  C  CA  . ARG A 1 79  ? -11.421 -3.055  -4.866  1.00 23.71 ? 79  ARG A CA  1 
ATOM   588  C  C   . ARG A 1 79  ? -10.009 -2.393  -4.754  1.00 22.06 ? 79  ARG A C   1 
ATOM   589  O  O   . ARG A 1 79  ? -9.860  -1.322  -4.151  1.00 21.63 ? 79  ARG A O   1 
ATOM   590  C  CB  . ARG A 1 79  ? -11.737 -3.643  -3.507  1.00 22.55 ? 79  ARG A CB  1 
ATOM   591  C  CG  . ARG A 1 79  ? -13.168 -4.232  -3.398  1.00 27.29 ? 79  ARG A CG  1 
ATOM   592  C  CD  . ARG A 1 79  ? -13.295 -4.936  -2.085  1.00 26.28 ? 79  ARG A CD  1 
ATOM   593  N  NE  . ARG A 1 79  ? -12.511 -6.138  -2.158  1.00 28.04 ? 79  ARG A NE  1 
ATOM   594  C  CZ  . ARG A 1 79  ? -12.596 -7.151  -1.323  1.00 27.44 ? 79  ARG A CZ  1 
ATOM   595  N  NH1 . ARG A 1 79  ? -13.524 -7.170  -0.345  1.00 29.09 ? 79  ARG A NH1 1 
ATOM   596  N  NH2 . ARG A 1 79  ? -11.791 -8.177  -1.517  1.00 24.71 ? 79  ARG A NH2 1 
ATOM   597  N  N   . VAL A 1 80  ? -8.996  -3.105  -5.268  1.00 19.83 ? 80  VAL A N   1 
ATOM   598  C  CA  . VAL A 1 80  ? -7.605  -2.575  -5.182  1.00 20.22 ? 80  VAL A CA  1 
ATOM   599  C  C   . VAL A 1 80  ? -7.420  -1.504  -6.271  1.00 19.23 ? 80  VAL A C   1 
ATOM   600  O  O   . VAL A 1 80  ? -7.413  -1.808  -7.490  1.00 21.90 ? 80  VAL A O   1 
ATOM   601  C  CB  . VAL A 1 80  ? -6.559  -3.685  -5.298  1.00 19.14 ? 80  VAL A CB  1 
ATOM   602  C  CG1 . VAL A 1 80  ? -5.138  -3.051  -5.345  1.00 17.87 ? 80  VAL A CG1 1 
ATOM   603  C  CG2 . VAL A 1 80  ? -6.667  -4.646  -4.094  1.00 21.29 ? 80  VAL A CG2 1 
ATOM   604  N  N   . ILE A 1 81  ? -7.209  -0.272  -5.846  1.00 19.92 ? 81  ILE A N   1 
ATOM   605  C  CA  . ILE A 1 81  ? -7.007  0.841   -6.790  1.00 18.33 ? 81  ILE A CA  1 
ATOM   606  C  C   . ILE A 1 81  ? -5.568  0.812   -7.365  1.00 19.34 ? 81  ILE A C   1 
ATOM   607  O  O   . ILE A 1 81  ? -5.372  1.098   -8.561  1.00 18.46 ? 81  ILE A O   1 
ATOM   608  C  CB  . ILE A 1 81  ? -7.365  2.166   -6.147  1.00 18.42 ? 81  ILE A CB  1 
ATOM   609  C  CG1 . ILE A 1 81  ? -8.882  2.139   -5.750  1.00 20.66 ? 81  ILE A CG1 1 
ATOM   610  C  CG2 . ILE A 1 81  ? -7.134  3.366   -7.088  1.00 20.06 ? 81  ILE A CG2 1 
ATOM   611  C  CD1 . ILE A 1 81  ? -9.280  3.295   -4.928  1.00 23.22 ? 81  ILE A CD1 1 
ATOM   612  N  N   . ALA A 1 82  ? -4.576  0.554   -6.503  1.00 18.00 ? 82  ALA A N   1 
ATOM   613  C  CA  . ALA A 1 82  ? -3.184  0.491   -6.971  1.00 17.86 ? 82  ALA A CA  1 
ATOM   614  C  C   . ALA A 1 82  ? -2.435  -0.264  -5.922  1.00 16.89 ? 82  ALA A C   1 
ATOM   615  O  O   . ALA A 1 82  ? -2.928  -0.363  -4.789  1.00 17.43 ? 82  ALA A O   1 
ATOM   616  C  CB  . ALA A 1 82  ? -2.599  1.882   -7.111  1.00 16.57 ? 82  ALA A CB  1 
ATOM   617  N  N   . HIS A 1 83  ? -1.288  -0.908  -6.277  1.00 14.28 ? 83  HIS A N   1 
ATOM   618  C  CA  . HIS A 1 83  ? -0.498  -1.504  -5.193  1.00 14.34 ? 83  HIS A CA  1 
ATOM   619  C  C   . HIS A 1 83  ? 0.920   -1.728  -5.703  1.00 14.08 ? 83  HIS A C   1 
ATOM   620  O  O   . HIS A 1 83  ? 1.070   -1.870  -6.898  1.00 13.99 ? 83  HIS A O   1 
ATOM   621  C  CB  . HIS A 1 83  ? -1.116  -2.865  -4.770  1.00 13.38 ? 83  HIS A CB  1 
ATOM   622  C  CG  . HIS A 1 83  ? -1.135  -3.891  -5.854  1.00 16.89 ? 83  HIS A CG  1 
ATOM   623  N  ND1 . HIS A 1 83  ? -0.286  -4.957  -5.840  1.00 20.69 ? 83  HIS A ND1 1 
ATOM   624  C  CD2 . HIS A 1 83  ? -1.858  -4.014  -7.006  1.00 20.35 ? 83  HIS A CD2 1 
ATOM   625  C  CE1 . HIS A 1 83  ? -0.476  -5.707  -6.897  1.00 18.17 ? 83  HIS A CE1 1 
ATOM   626  N  NE2 . HIS A 1 83  ? -1.385  -5.142  -7.643  1.00 24.23 ? 83  HIS A NE2 1 
ATOM   627  N  N   . THR A 1 84  ? 1.856   -1.875  -4.783  1.00 14.19 ? 84  THR A N   1 
ATOM   628  C  CA  . THR A 1 84  ? 3.205   -2.364  -5.083  1.00 16.30 ? 84  THR A CA  1 
ATOM   629  C  C   . THR A 1 84  ? 3.222   -3.868  -4.978  1.00 17.76 ? 84  THR A C   1 
ATOM   630  O  O   . THR A 1 84  ? 2.288   -4.452  -4.525  1.00 17.25 ? 84  THR A O   1 
ATOM   631  C  CB  . THR A 1 84  ? 4.221   -1.854  -4.109  1.00 16.29 ? 84  THR A CB  1 
ATOM   632  O  OG1 . THR A 1 84  ? 3.943   -2.436  -2.821  1.00 14.93 ? 84  THR A OG1 1 
ATOM   633  C  CG2 . THR A 1 84  ? 4.216   -0.335  -4.045  1.00 16.05 ? 84  THR A CG2 1 
ATOM   634  N  N   . LYS A 1 85  ? 4.344   -4.484  -5.342  1.00 16.98 ? 85  LYS A N   1 
ATOM   635  C  CA  . LYS A 1 85  ? 4.563   -5.885  -5.012  1.00 19.29 ? 85  LYS A CA  1 
ATOM   636  C  C   . LYS A 1 85  ? 4.792   -5.988  -3.500  1.00 18.15 ? 85  LYS A C   1 
ATOM   637  O  O   . LYS A 1 85  ? 5.071   -4.958  -2.827  1.00 16.45 ? 85  LYS A O   1 
ATOM   638  C  CB  . LYS A 1 85  ? 5.933   -6.367  -5.610  1.00 17.89 ? 85  LYS A CB  1 
ATOM   639  C  CG  . LYS A 1 85  ? 6.099   -6.306  -7.118  1.00 23.76 ? 85  LYS A CG  1 
ATOM   640  C  CD  . LYS A 1 85  ? 7.613   -6.723  -7.399  1.00 29.15 ? 85  LYS A CD  1 
ATOM   641  C  CE  . LYS A 1 85  ? 8.038   -6.456  -8.839  1.00 37.64 ? 85  LYS A CE  1 
ATOM   642  N  NZ  . LYS A 1 85  ? 9.472   -7.021  -9.014  1.00 37.34 ? 85  LYS A NZ  1 
ATOM   643  N  N   . LEU A 1 86  ? 4.775   -7.228  -3.010  1.00 17.26 ? 86  LEU A N   1 
ATOM   644  C  CA  . LEU A 1 86  ? 5.165   -7.535  -1.585  1.00 18.17 ? 86  LEU A CA  1 
ATOM   645  C  C   . LEU A 1 86  ? 6.697   -7.634  -1.607  1.00 17.53 ? 86  LEU A C   1 
ATOM   646  O  O   . LEU A 1 86  ? 7.232   -8.342  -2.463  1.00 18.74 ? 86  LEU A O   1 
ATOM   647  C  CB  . LEU A 1 86  ? 4.531   -8.852  -1.126  1.00 17.94 ? 86  LEU A CB  1 
ATOM   648  C  CG  . LEU A 1 86  ? 4.808   -9.191  0.362   1.00 21.13 ? 86  LEU A CG  1 
ATOM   649  C  CD1 . LEU A 1 86  ? 3.778   -8.370  1.150   1.00 13.84 ? 86  LEU A CD1 1 
ATOM   650  C  CD2 . LEU A 1 86  ? 4.520   -10.670 0.561   1.00 23.57 ? 86  LEU A CD2 1 
ATOM   651  N  N   . ILE A 1 87  ? 7.411   -6.908  -0.751  1.00 18.13 ? 87  ILE A N   1 
ATOM   652  C  CA  . ILE A 1 87  ? 8.862   -6.940  -0.788  1.00 19.73 ? 87  ILE A CA  1 
ATOM   653  C  C   . ILE A 1 87  ? 9.415   -7.363  0.595   1.00 21.77 ? 87  ILE A C   1 
ATOM   654  O  O   . ILE A 1 87  ? 8.782   -7.138  1.626   1.00 20.20 ? 87  ILE A O   1 
ATOM   655  C  CB  . ILE A 1 87  ? 9.454   -5.547  -1.288  1.00 19.70 ? 87  ILE A CB  1 
ATOM   656  C  CG1 . ILE A 1 87  ? 9.268   -4.427  -0.247  1.00 19.22 ? 87  ILE A CG1 1 
ATOM   657  C  CG2 . ILE A 1 87  ? 8.893   -5.201  -2.744  1.00 17.86 ? 87  ILE A CG2 1 
ATOM   658  C  CD1 . ILE A 1 87  ? 9.985   -3.077  -0.518  1.00 17.37 ? 87  ILE A CD1 1 
ATOM   659  N  N   . GLY A 1 88  ? 10.572  -7.998  0.577   1.00 22.54 ? 88  GLY A N   1 
ATOM   660  C  CA  . GLY A 1 88  ? 11.316  -8.272  1.815   1.00 26.53 ? 88  GLY A CA  1 
ATOM   661  C  C   . GLY A 1 88  ? 12.458  -7.275  1.938   1.00 27.47 ? 88  GLY A C   1 
ATOM   662  O  O   . GLY A 1 88  ? 12.703  -6.469  1.013   1.00 28.19 ? 88  GLY A O   1 
ATOM   663  N  N   . SER A 1 89  ? 13.136  -7.316  3.097   1.00 28.58 ? 89  SER A N   1 
ATOM   664  C  CA  . SER A 1 89  ? 14.251  -6.420  3.408   1.00 29.69 ? 89  SER A CA  1 
ATOM   665  C  C   . SER A 1 89  ? 15.259  -6.308  2.246   1.00 28.03 ? 89  SER A C   1 
ATOM   666  O  O   . SER A 1 89  ? 15.493  -7.272  1.488   1.00 26.19 ? 89  SER A O   1 
ATOM   667  C  CB  . SER A 1 89  ? 14.945  -6.748  4.744   1.00 30.07 ? 89  SER A CB  1 
ATOM   668  O  OG  . SER A 1 89  ? 16.248  -7.267  4.455   1.00 38.16 ? 89  SER A OG  1 
ATOM   669  N  N   . GLY A 1 90  ? 15.768  -5.091  2.077   1.00 28.15 ? 90  GLY A N   1 
ATOM   670  C  CA  . GLY A 1 90  ? 16.651  -4.748  0.943   1.00 28.92 ? 90  GLY A CA  1 
ATOM   671  C  C   . GLY A 1 90  ? 15.981  -4.530  -0.428  1.00 30.29 ? 90  GLY A C   1 
ATOM   672  O  O   . GLY A 1 90  ? 16.601  -4.009  -1.360  1.00 30.30 ? 90  GLY A O   1 
ATOM   673  N  N   . GLU A 1 91  ? 14.714  -4.923  -0.591  1.00 29.15 ? 91  GLU A N   1 
ATOM   674  C  CA  . GLU A 1 91  ? 14.177  -4.823  -1.903  1.00 27.48 ? 91  GLU A CA  1 
ATOM   675  C  C   . GLU A 1 91  ? 13.462  -3.458  -2.054  1.00 26.54 ? 91  GLU A C   1 
ATOM   676  O  O   . GLU A 1 91  ? 13.302  -2.702  -1.094  1.00 22.86 ? 91  GLU A O   1 
ATOM   677  C  CB  . GLU A 1 91  ? 13.251  -5.985  -2.198  1.00 28.95 ? 91  GLU A CB  1 
ATOM   678  C  CG  . GLU A 1 91  ? 13.803  -7.360  -1.945  1.00 31.42 ? 91  GLU A CG  1 
ATOM   679  C  CD  . GLU A 1 91  ? 12.853  -8.466  -2.415  1.00 34.70 ? 91  GLU A CD  1 
ATOM   680  O  OE1 . GLU A 1 91  ? 11.673  -8.532  -2.014  1.00 35.58 ? 91  GLU A OE1 1 
ATOM   681  O  OE2 . GLU A 1 91  ? 13.270  -9.329  -3.231  1.00 44.33 ? 91  GLU A OE2 1 
ATOM   682  N  N   . LYS A 1 92  ? 13.017  -3.160  -3.268  1.00 25.45 ? 92  LYS A N   1 
ATOM   683  C  CA  . LYS A 1 92  ? 12.244  -1.939  -3.453  1.00 25.10 ? 92  LYS A CA  1 
ATOM   684  C  C   . LYS A 1 92  ? 11.322  -2.109  -4.628  1.00 23.32 ? 92  LYS A C   1 
ATOM   685  O  O   . LYS A 1 92  ? 11.567  -2.902  -5.579  1.00 21.15 ? 92  LYS A O   1 
ATOM   686  C  CB  . LYS A 1 92  ? 13.146  -0.722  -3.636  1.00 26.61 ? 92  LYS A CB  1 
ATOM   687  C  CG  . LYS A 1 92  ? 13.754  -0.581  -4.954  1.00 31.47 ? 92  LYS A CG  1 
ATOM   688  C  CD  . LYS A 1 92  ? 14.816  0.541   -4.867  1.00 44.53 ? 92  LYS A CD  1 
ATOM   689  C  CE  . LYS A 1 92  ? 15.225  0.797   -3.416  1.00 45.53 ? 92  LYS A CE  1 
ATOM   690  N  NZ  . LYS A 1 92  ? 16.287  1.869   -3.402  1.00 52.22 ? 92  LYS A NZ  1 
ATOM   691  N  N   . ASP A 1 93  ? 10.225  -1.383  -4.552  1.00 20.09 ? 93  ASP A N   1 
ATOM   692  C  CA  . ASP A 1 93  ? 9.282   -1.469  -5.670  1.00 19.47 ? 93  ASP A CA  1 
ATOM   693  C  C   . ASP A 1 93  ? 8.520   -0.165  -5.744  1.00 18.07 ? 93  ASP A C   1 
ATOM   694  O  O   . ASP A 1 93  ? 8.253   0.418   -4.700  1.00 17.44 ? 93  ASP A O   1 
ATOM   695  C  CB  . ASP A 1 93  ? 8.377   -2.693  -5.557  1.00 17.98 ? 93  ASP A CB  1 
ATOM   696  C  CG  . ASP A 1 93  ? 7.467   -2.871  -6.776  1.00 20.92 ? 93  ASP A CG  1 
ATOM   697  O  OD1 . ASP A 1 93  ? 7.984   -2.960  -7.907  1.00 20.76 ? 93  ASP A OD1 1 
ATOM   698  O  OD2 . ASP A 1 93  ? 6.234   -2.814  -6.662  1.00 21.16 ? 93  ASP A OD2 1 
ATOM   699  N  N   . SER A 1 94  ? 8.195   0.292   -6.970  1.00 17.45 ? 94  SER A N   1 
ATOM   700  C  CA  . SER A 1 94  ? 7.425   1.525   -7.144  1.00 17.31 ? 94  SER A CA  1 
ATOM   701  C  C   . SER A 1 94  ? 6.092   1.194   -7.876  1.00 18.00 ? 94  SER A C   1 
ATOM   702  O  O   . SER A 1 94  ? 6.070   0.351   -8.805  1.00 17.96 ? 94  SER A O   1 
ATOM   703  C  CB  . SER A 1 94  ? 8.228   2.531   -7.972  1.00 17.61 ? 94  SER A CB  1 
ATOM   704  O  OG  . SER A 1 94  ? 9.280   3.014   -7.138  1.00 24.50 ? 94  SER A OG  1 
ATOM   705  N  N   . VAL A 1 95  ? 5.019   1.939   -7.540  1.00 16.70 ? 95  VAL A N   1 
ATOM   706  C  CA  . VAL A 1 95  ? 3.822   1.864   -8.358  1.00 15.53 ? 95  VAL A CA  1 
ATOM   707  C  C   . VAL A 1 95  ? 3.449   3.268   -8.838  1.00 14.48 ? 95  VAL A C   1 
ATOM   708  O  O   . VAL A 1 95  ? 3.549   4.251   -8.066  1.00 15.92 ? 95  VAL A O   1 
ATOM   709  C  CB  . VAL A 1 95  ? 2.621   1.131   -7.562  1.00 13.81 ? 95  VAL A CB  1 
ATOM   710  C  CG1 . VAL A 1 95  ? 2.232   1.863   -6.211  1.00 16.19 ? 95  VAL A CG1 1 
ATOM   711  C  CG2 . VAL A 1 95  ? 1.411   0.953   -8.454  1.00 17.77 ? 95  VAL A CG2 1 
ATOM   712  N  N   . THR A 1 96  ? 2.960   3.385   -10.062 1.00 15.77 ? 96  THR A N   1 
ATOM   713  C  CA  . THR A 1 96  ? 2.510   4.711   -10.540 1.00 17.20 ? 96  THR A CA  1 
ATOM   714  C  C   . THR A 1 96  ? 1.050   4.468   -10.970 1.00 17.69 ? 96  THR A C   1 
ATOM   715  O  O   . THR A 1 96  ? 0.805   3.510   -11.707 1.00 18.73 ? 96  THR A O   1 
ATOM   716  C  CB  . THR A 1 96  ? 3.363   5.214   -11.752 1.00 19.14 ? 96  THR A CB  1 
ATOM   717  O  OG1 . THR A 1 96  ? 4.742   5.382   -11.334 1.00 19.89 ? 96  THR A OG1 1 
ATOM   718  C  CG2 . THR A 1 96  ? 2.820   6.577   -12.352 1.00 17.56 ? 96  THR A CG2 1 
ATOM   719  N  N   . PHE A 1 97  ? 0.139   5.352   -10.618 1.00 17.03 ? 97  PHE A N   1 
ATOM   720  C  CA  . PHE A 1 97  ? -1.246  5.083   -10.983 1.00 18.94 ? 97  PHE A CA  1 
ATOM   721  C  C   . PHE A 1 97  ? -1.819  6.366   -11.470 1.00 20.80 ? 97  PHE A C   1 
ATOM   722  O  O   . PHE A 1 97  ? -1.270  7.456   -11.177 1.00 18.19 ? 97  PHE A O   1 
ATOM   723  C  CB  . PHE A 1 97  ? -2.031  4.477   -9.778  1.00 18.34 ? 97  PHE A CB  1 
ATOM   724  C  CG  . PHE A 1 97  ? -2.059  5.309   -8.560  1.00 19.13 ? 97  PHE A CG  1 
ATOM   725  C  CD1 . PHE A 1 97  ? -3.085  6.271   -8.367  1.00 16.50 ? 97  PHE A CD1 1 
ATOM   726  C  CD2 . PHE A 1 97  ? -1.094  5.116   -7.540  1.00 20.10 ? 97  PHE A CD2 1 
ATOM   727  C  CE1 . PHE A 1 97  ? -3.166  7.031   -7.134  1.00 17.30 ? 97  PHE A CE1 1 
ATOM   728  C  CE2 . PHE A 1 97  ? -1.096  5.882   -6.352  1.00 20.47 ? 97  PHE A CE2 1 
ATOM   729  C  CZ  . PHE A 1 97  ? -2.149  6.865   -6.127  1.00 22.39 ? 97  PHE A CZ  1 
ATOM   730  N  N   . ASP A 1 98  ? -2.946  6.232   -12.154 1.00 22.68 ? 98  ASP A N   1 
ATOM   731  C  CA  . ASP A 1 98  ? -3.638  7.367   -12.732 1.00 24.62 ? 98  ASP A CA  1 
ATOM   732  C  C   . ASP A 1 98  ? -4.466  8.054   -11.640 1.00 23.27 ? 98  ASP A C   1 
ATOM   733  O  O   . ASP A 1 98  ? -5.332  7.440   -10.981 1.00 22.93 ? 98  ASP A O   1 
ATOM   734  C  CB  . ASP A 1 98  ? -4.535  6.909   -13.884 1.00 27.54 ? 98  ASP A CB  1 
ATOM   735  C  CG  . ASP A 1 98  ? -3.763  6.651   -15.188 1.00 34.67 ? 98  ASP A CG  1 
ATOM   736  O  OD1 . ASP A 1 98  ? -2.648  7.199   -15.383 1.00 39.99 ? 98  ASP A OD1 1 
ATOM   737  O  OD2 . ASP A 1 98  ? -4.294  5.899   -16.056 1.00 42.31 ? 98  ASP A OD2 1 
ATOM   738  N  N   . VAL A 1 99  ? -4.195  9.329   -11.432 1.00 22.03 ? 99  VAL A N   1 
ATOM   739  C  CA  . VAL A 1 99  ? -4.819  10.035  -10.297 1.00 23.70 ? 99  VAL A CA  1 
ATOM   740  C  C   . VAL A 1 99  ? -6.323  10.211  -10.503 1.00 26.38 ? 99  VAL A C   1 
ATOM   741  O  O   . VAL A 1 99  ? -7.064  10.434  -9.538  1.00 27.09 ? 99  VAL A O   1 
ATOM   742  C  CB  . VAL A 1 99  ? -4.192  11.372  -10.050 1.00 23.28 ? 99  VAL A CB  1 
ATOM   743  C  CG1 . VAL A 1 99  ? -5.059  12.238  -9.112  1.00 24.43 ? 99  VAL A CG1 1 
ATOM   744  C  CG2 . VAL A 1 99  ? -2.710  11.199  -9.461  1.00 16.86 ? 99  VAL A CG2 1 
ATOM   745  N  N   . SER A 1 100 ? -6.727  10.073  -11.756 1.00 27.72 ? 100 SER A N   1 
ATOM   746  C  CA  . SER A 1 100 ? -8.149  10.173  -12.172 1.00 28.33 ? 100 SER A CA  1 
ATOM   747  C  C   . SER A 1 100 ? -9.008  9.001   -11.646 1.00 29.85 ? 100 SER A C   1 
ATOM   748  O  O   . SER A 1 100 ? -10.266 9.141   -11.548 1.00 29.80 ? 100 SER A O   1 
ATOM   749  C  CB  . SER A 1 100 ? -8.253  10.339  -13.667 1.00 25.60 ? 100 SER A CB  1 
ATOM   750  O  OG  . SER A 1 100 ? -8.149  9.109   -14.338 1.00 27.44 ? 100 SER A OG  1 
ATOM   751  N  N   . LYS A 1 101 ? -8.346  7.900   -11.220 1.00 29.40 ? 101 LYS A N   1 
ATOM   752  C  CA  . LYS A 1 101 ? -9.017  6.813   -10.515 1.00 29.77 ? 101 LYS A CA  1 
ATOM   753  C  C   . LYS A 1 101 ? -9.527  7.307   -9.156  1.00 29.06 ? 101 LYS A C   1 
ATOM   754  O  O   . LYS A 1 101 ? -10.324 6.650   -8.539  1.00 28.79 ? 101 LYS A O   1 
ATOM   755  C  CB  . LYS A 1 101 ? -8.079  5.618   -10.239 1.00 29.50 ? 101 LYS A CB  1 
ATOM   756  C  CG  . LYS A 1 101 ? -7.462  4.830   -11.386 1.00 33.50 ? 101 LYS A CG  1 
ATOM   757  C  CD  . LYS A 1 101 ? -7.323  3.378   -10.890 1.00 40.88 ? 101 LYS A CD  1 
ATOM   758  C  CE  . LYS A 1 101 ? -6.318  2.491   -11.651 1.00 47.33 ? 101 LYS A CE  1 
ATOM   759  N  NZ  . LYS A 1 101 ? -6.711  2.093   -13.068 1.00 45.95 ? 101 LYS A NZ  1 
ATOM   760  N  N   . LEU A 1 102 ? -9.042  8.429   -8.645  1.00 29.67 ? 102 LEU A N   1 
ATOM   761  C  CA  . LEU A 1 102 ? -9.391  8.845   -7.258  1.00 31.77 ? 102 LEU A CA  1 
ATOM   762  C  C   . LEU A 1 102 ? -10.466 9.972   -7.322  1.00 34.81 ? 102 LEU A C   1 
ATOM   763  O  O   . LEU A 1 102 ? -10.337 10.884  -8.128  1.00 35.81 ? 102 LEU A O   1 
ATOM   764  C  CB  . LEU A 1 102 ? -8.180  9.458   -6.533  1.00 31.05 ? 102 LEU A CB  1 
ATOM   765  C  CG  . LEU A 1 102 ? -6.946  8.534   -6.309  1.00 28.23 ? 102 LEU A CG  1 
ATOM   766  C  CD1 . LEU A 1 102 ? -5.965  9.203   -5.424  1.00 25.66 ? 102 LEU A CD1 1 
ATOM   767  C  CD2 . LEU A 1 102 ? -7.464  7.192   -5.705  1.00 27.81 ? 102 LEU A CD2 1 
ATOM   768  N  N   . LYS A 1 103 ? -11.474 9.953   -6.450  1.00 37.60 ? 103 LYS A N   1 
ATOM   769  C  CA  . LYS A 1 103 ? -12.602 10.920  -6.636  1.00 39.99 ? 103 LYS A CA  1 
ATOM   770  C  C   . LYS A 1 103 ? -12.773 11.843  -5.450  1.00 41.18 ? 103 LYS A C   1 
ATOM   771  O  O   . LYS A 1 103 ? -12.453 11.476  -4.333  1.00 41.24 ? 103 LYS A O   1 
ATOM   772  C  CB  . LYS A 1 103 ? -13.913 10.208  -7.019  1.00 39.32 ? 103 LYS A CB  1 
ATOM   773  C  CG  . LYS A 1 103 ? -14.214 9.006   -6.216  1.00 42.54 ? 103 LYS A CG  1 
ATOM   774  C  CD  . LYS A 1 103 ? -14.612 7.863   -7.122  1.00 48.32 ? 103 LYS A CD  1 
ATOM   775  C  CE  . LYS A 1 103 ? -15.529 6.868   -6.386  1.00 52.06 ? 103 LYS A CE  1 
ATOM   776  N  NZ  . LYS A 1 103 ? -15.933 7.332   -5.015  1.00 54.72 ? 103 LYS A NZ  1 
ATOM   777  N  N   . GLU A 1 104 ? -13.218 13.067  -5.715  1.00 44.19 ? 104 GLU A N   1 
ATOM   778  C  CA  . GLU A 1 104 ? -13.476 14.017  -4.641  1.00 46.32 ? 104 GLU A CA  1 
ATOM   779  C  C   . GLU A 1 104 ? -14.438 13.397  -3.674  1.00 45.37 ? 104 GLU A C   1 
ATOM   780  O  O   . GLU A 1 104 ? -15.224 12.547  -4.045  1.00 46.13 ? 104 GLU A O   1 
ATOM   781  C  CB  . GLU A 1 104 ? -14.112 15.287  -5.190  1.00 47.24 ? 104 GLU A CB  1 
ATOM   782  C  CG  . GLU A 1 104 ? -13.265 16.009  -6.270  1.00 52.54 ? 104 GLU A CG  1 
ATOM   783  C  CD  . GLU A 1 104 ? -14.002 17.215  -6.879  1.00 57.44 ? 104 GLU A CD  1 
ATOM   784  O  OE1 . GLU A 1 104 ? -15.250 17.133  -7.061  1.00 60.01 ? 104 GLU A OE1 1 
ATOM   785  O  OE2 . GLU A 1 104 ? -13.341 18.251  -7.166  1.00 58.40 ? 104 GLU A OE2 1 
ATOM   786  N  N   . GLY A 1 105 ? -14.348 13.803  -2.416  1.00 45.17 ? 105 GLY A N   1 
ATOM   787  C  CA  . GLY A 1 105 ? -15.278 13.349  -1.373  1.00 43.86 ? 105 GLY A CA  1 
ATOM   788  C  C   . GLY A 1 105 ? -15.156 11.909  -0.930  1.00 43.36 ? 105 GLY A C   1 
ATOM   789  O  O   . GLY A 1 105 ? -15.937 11.436  -0.085  1.00 43.02 ? 105 GLY A O   1 
ATOM   790  N  N   . GLU A 1 106 ? -14.201 11.176  -1.506  1.00 41.37 ? 106 GLU A N   1 
ATOM   791  C  CA  . GLU A 1 106 ? -14.028 9.803   -1.086  1.00 40.23 ? 106 GLU A CA  1 
ATOM   792  C  C   . GLU A 1 106 ? -12.912 9.702   -0.050  1.00 38.44 ? 106 GLU A C   1 
ATOM   793  O  O   . GLU A 1 106 ? -12.006 10.545  -0.016  1.00 39.97 ? 106 GLU A O   1 
ATOM   794  C  CB  . GLU A 1 106 ? -13.847 8.875   -2.284  1.00 40.07 ? 106 GLU A CB  1 
ATOM   795  C  CG  . GLU A 1 106 ? -13.700 7.418   -1.885  1.00 42.58 ? 106 GLU A CG  1 
ATOM   796  C  CD  . GLU A 1 106 ? -14.901 6.850   -1.146  1.00 46.61 ? 106 GLU A CD  1 
ATOM   797  O  OE1 . GLU A 1 106 ? -14.869 6.734   0.115   1.00 46.98 ? 106 GLU A OE1 1 
ATOM   798  O  OE2 . GLU A 1 106 ? -15.861 6.464   -1.842  1.00 47.94 ? 106 GLU A OE2 1 
ATOM   799  N  N   . GLN A 1 107 ? -13.010 8.710   0.830   1.00 36.10 ? 107 GLN A N   1 
ATOM   800  C  CA  . GLN A 1 107 ? -11.997 8.434   1.859   1.00 33.61 ? 107 GLN A CA  1 
ATOM   801  C  C   . GLN A 1 107 ? -11.144 7.296   1.373   1.00 30.34 ? 107 GLN A C   1 
ATOM   802  O  O   . GLN A 1 107 ? -11.699 6.261   0.960   1.00 29.62 ? 107 GLN A O   1 
ATOM   803  C  CB  . GLN A 1 107 ? -12.657 7.929   3.117   1.00 35.60 ? 107 GLN A CB  1 
ATOM   804  C  CG  . GLN A 1 107 ? -12.353 8.815   4.301   1.00 39.74 ? 107 GLN A CG  1 
ATOM   805  C  CD  . GLN A 1 107 ? -13.589 9.151   5.161   1.00 43.89 ? 107 GLN A CD  1 
ATOM   806  O  OE1 . GLN A 1 107 ? -13.579 8.859   6.352   1.00 50.60 ? 107 GLN A OE1 1 
ATOM   807  N  NE2 . GLN A 1 107 ? -14.626 9.773   4.575   1.00 43.57 ? 107 GLN A NE2 1 
ATOM   808  N  N   . TYR A 1 108 ? -9.820  7.496   1.361   1.00 26.93 ? 108 TYR A N   1 
ATOM   809  C  CA  . TYR A 1 108 ? -8.927  6.421   0.880   1.00 24.16 ? 108 TYR A CA  1 
ATOM   810  C  C   . TYR A 1 108 ? -8.021  5.964   1.995   1.00 22.38 ? 108 TYR A C   1 
ATOM   811  O  O   . TYR A 1 108 ? -7.578  6.727   2.799   1.00 20.92 ? 108 TYR A O   1 
ATOM   812  C  CB  . TYR A 1 108 ? -8.141  6.848   -0.380  1.00 23.38 ? 108 TYR A CB  1 
ATOM   813  C  CG  . TYR A 1 108 ? -9.031  7.110   -1.562  1.00 23.58 ? 108 TYR A CG  1 
ATOM   814  C  CD1 . TYR A 1 108 ? -9.513  6.052   -2.331  1.00 19.94 ? 108 TYR A CD1 1 
ATOM   815  C  CD2 . TYR A 1 108 ? -9.471  8.432   -1.890  1.00 23.96 ? 108 TYR A CD2 1 
ATOM   816  C  CE1 . TYR A 1 108 ? -10.347 6.264   -3.401  1.00 26.25 ? 108 TYR A CE1 1 
ATOM   817  C  CE2 . TYR A 1 108 ? -10.322 8.620   -3.013  1.00 28.50 ? 108 TYR A CE2 1 
ATOM   818  C  CZ  . TYR A 1 108 ? -10.774 7.518   -3.705  1.00 23.84 ? 108 TYR A CZ  1 
ATOM   819  O  OH  . TYR A 1 108 ? -11.614 7.629   -4.792  1.00 33.22 ? 108 TYR A OH  1 
ATOM   820  N  N   . MET A 1 109 ? -7.715  4.678   2.010   1.00 23.28 ? 109 MET A N   1 
ATOM   821  C  CA  . MET A 1 109 ? -6.745  4.142   2.931   1.00 22.57 ? 109 MET A CA  1 
ATOM   822  C  C   . MET A 1 109 ? -5.614  3.447   2.124   1.00 20.67 ? 109 MET A C   1 
ATOM   823  O  O   . MET A 1 109 ? -5.903  2.795   1.134   1.00 20.70 ? 109 MET A O   1 
ATOM   824  C  CB  . MET A 1 109 ? -7.396  3.064   3.852   1.00 22.74 ? 109 MET A CB  1 
ATOM   825  C  CG  . MET A 1 109 ? -8.368  3.602   5.048   1.00 25.87 ? 109 MET A CG  1 
ATOM   826  S  SD  . MET A 1 109 ? -7.596  4.796   6.070   1.00 35.45 ? 109 MET A SD  1 
ATOM   827  C  CE  . MET A 1 109 ? -6.646  3.702   7.158   1.00 27.16 ? 109 MET A CE  1 
ATOM   828  N  N   . PHE A 1 110 ? -4.365  3.580   2.579   1.00 18.98 ? 110 PHE A N   1 
ATOM   829  C  CA  . PHE A 1 110 ? -3.265  2.706   2.098   1.00 17.30 ? 110 PHE A CA  1 
ATOM   830  C  C   . PHE A 1 110 ? -2.907  1.754   3.269   1.00 17.37 ? 110 PHE A C   1 
ATOM   831  O  O   . PHE A 1 110 ? -3.086  2.080   4.476   1.00 17.91 ? 110 PHE A O   1 
ATOM   832  C  CB  . PHE A 1 110 ? -2.076  3.550   1.572   1.00 16.52 ? 110 PHE A CB  1 
ATOM   833  C  CG  . PHE A 1 110 ? -1.294  4.249   2.653   1.00 19.38 ? 110 PHE A CG  1 
ATOM   834  C  CD1 . PHE A 1 110 ? -0.312  3.568   3.393   1.00 16.43 ? 110 PHE A CD1 1 
ATOM   835  C  CD2 . PHE A 1 110 ? -1.554  5.620   2.935   1.00 20.55 ? 110 PHE A CD2 1 
ATOM   836  C  CE1 . PHE A 1 110 ? 0.463   4.253   4.386   1.00 17.98 ? 110 PHE A CE1 1 
ATOM   837  C  CE2 . PHE A 1 110 ? -0.828  6.285   3.923   1.00 18.26 ? 110 PHE A CE2 1 
ATOM   838  C  CZ  . PHE A 1 110 ? 0.186   5.584   4.696   1.00 18.09 ? 110 PHE A CZ  1 
ATOM   839  N  N   . PHE A 1 111 ? -2.437  0.569   2.948   1.00 17.21 ? 111 PHE A N   1 
ATOM   840  C  CA  . PHE A 1 111 ? -2.135  -0.373  3.960   1.00 17.40 ? 111 PHE A CA  1 
ATOM   841  C  C   . PHE A 1 111 ? -1.318  -1.540  3.365   1.00 17.38 ? 111 PHE A C   1 
ATOM   842  O  O   . PHE A 1 111 ? -1.170  -1.670  2.172   1.00 16.04 ? 111 PHE A O   1 
ATOM   843  C  CB  . PHE A 1 111 ? -3.502  -0.888  4.547   1.00 16.18 ? 111 PHE A CB  1 
ATOM   844  C  CG  . PHE A 1 111 ? -4.499  -1.269  3.491   1.00 18.29 ? 111 PHE A CG  1 
ATOM   845  C  CD1 . PHE A 1 111 ? -4.525  -2.587  2.971   1.00 19.37 ? 111 PHE A CD1 1 
ATOM   846  C  CD2 . PHE A 1 111 ? -5.359  -0.308  2.933   1.00 16.67 ? 111 PHE A CD2 1 
ATOM   847  C  CE1 . PHE A 1 111 ? -5.422  -2.931  1.917   1.00 14.64 ? 111 PHE A CE1 1 
ATOM   848  C  CE2 . PHE A 1 111 ? -6.267  -0.658  1.880   1.00 21.21 ? 111 PHE A CE2 1 
ATOM   849  C  CZ  . PHE A 1 111 ? -6.287  -1.963  1.400   1.00 18.18 ? 111 PHE A CZ  1 
ATOM   850  N  N   . ASP A 1 112 ? -0.791  -2.360  4.244   1.00 16.91 ? 112 ASP A N   1 
ATOM   851  C  CA  . ASP A 1 112 ? -0.035  -3.515  3.956   1.00 17.51 ? 112 ASP A CA  1 
ATOM   852  C  C   . ASP A 1 112 ? -0.942  -4.776  4.208   1.00 19.30 ? 112 ASP A C   1 
ATOM   853  O  O   . ASP A 1 112 ? -1.665  -4.830  5.236   1.00 20.72 ? 112 ASP A O   1 
ATOM   854  C  CB  . ASP A 1 112 ? 1.122   -3.435  4.932   1.00 19.11 ? 112 ASP A CB  1 
ATOM   855  C  CG  . ASP A 1 112 ? 2.078   -4.617  4.869   1.00 22.50 ? 112 ASP A CG  1 
ATOM   856  O  OD1 . ASP A 1 112 ? 1.674   -5.742  4.706   1.00 31.05 ? 112 ASP A OD1 1 
ATOM   857  O  OD2 . ASP A 1 112 ? 3.276   -4.386  5.025   1.00 24.75 ? 112 ASP A OD2 1 
ATOM   858  N  N   . THR A 1 113 ? -0.923  -5.772  3.317   1.00 17.88 ? 113 THR A N   1 
ATOM   859  C  CA  . THR A 1 113 ? -1.858  -6.916  3.487   1.00 19.08 ? 113 THR A CA  1 
ATOM   860  C  C   . THR A 1 113 ? -1.112  -8.187  4.026   1.00 18.70 ? 113 THR A C   1 
ATOM   861  O  O   . THR A 1 113 ? -1.674  -9.272  4.072   1.00 20.30 ? 113 THR A O   1 
ATOM   862  C  CB  . THR A 1 113 ? -2.623  -7.273  2.116   1.00 18.65 ? 113 THR A CB  1 
ATOM   863  O  OG1 . THR A 1 113 ? -1.630  -7.644  1.131   1.00 21.40 ? 113 THR A OG1 1 
ATOM   864  C  CG2 . THR A 1 113 ? -3.490  -6.099  1.628   1.00 18.66 ? 113 THR A CG2 1 
ATOM   865  N  N   . PHE A 1 114 ? 0.157   -8.065  4.401   1.00 20.30 ? 114 PHE A N   1 
ATOM   866  C  CA  . PHE A 1 114 ? 0.866   -9.226  4.951   1.00 20.05 ? 114 PHE A CA  1 
ATOM   867  C  C   . PHE A 1 114 ? 0.168   -9.527  6.304   1.00 20.06 ? 114 PHE A C   1 
ATOM   868  O  O   . PHE A 1 114 ? -0.197  -8.593  7.023   1.00 22.69 ? 114 PHE A O   1 
ATOM   869  C  CB  . PHE A 1 114 ? 2.354   -8.921  5.133   1.00 19.72 ? 114 PHE A CB  1 
ATOM   870  C  CG  . PHE A 1 114 ? 3.183   -10.118 5.600   1.00 21.09 ? 114 PHE A CG  1 
ATOM   871  C  CD1 . PHE A 1 114 ? 3.780   -10.939 4.691   1.00 20.63 ? 114 PHE A CD1 1 
ATOM   872  C  CD2 . PHE A 1 114 ? 3.325   -10.413 6.981   1.00 23.31 ? 114 PHE A CD2 1 
ATOM   873  C  CE1 . PHE A 1 114 ? 4.527   -12.025 5.093   1.00 23.31 ? 114 PHE A CE1 1 
ATOM   874  C  CE2 . PHE A 1 114 ? 4.053   -11.533 7.405   1.00 24.59 ? 114 PHE A CE2 1 
ATOM   875  C  CZ  . PHE A 1 114 ? 4.650   -12.354 6.459   1.00 24.03 ? 114 PHE A CZ  1 
ATOM   876  N  N   . PRO A 1 115 ? -0.043  -10.824 6.647   1.00 19.11 ? 115 PRO A N   1 
ATOM   877  C  CA  . PRO A 1 115 ? -0.805  -11.159 7.840   1.00 19.69 ? 115 PRO A CA  1 
ATOM   878  C  C   . PRO A 1 115 ? -0.426  -10.384 9.124   1.00 20.78 ? 115 PRO A C   1 
ATOM   879  O  O   . PRO A 1 115 ? 0.751   -10.364 9.513   1.00 21.62 ? 115 PRO A O   1 
ATOM   880  C  CB  . PRO A 1 115 ? -0.604  -12.679 7.983   1.00 17.99 ? 115 PRO A CB  1 
ATOM   881  C  CG  . PRO A 1 115 ? -0.408  -13.176 6.589   1.00 20.13 ? 115 PRO A CG  1 
ATOM   882  C  CD  . PRO A 1 115 ? 0.447   -12.034 5.967   1.00 19.02 ? 115 PRO A CD  1 
ATOM   883  N  N   . GLY A 1 116 ? -1.435  -9.687  9.701   1.00 23.33 ? 116 GLY A N   1 
ATOM   884  C  CA  . GLY A 1 116 ? -1.288  -8.892  10.942  1.00 25.43 ? 116 GLY A CA  1 
ATOM   885  C  C   . GLY A 1 116 ? -0.732  -7.459  10.782  1.00 26.40 ? 116 GLY A C   1 
ATOM   886  O  O   . GLY A 1 116 ? -0.837  -6.616  11.696  1.00 27.37 ? 116 GLY A O   1 
ATOM   887  N  N   . HIS A 1 117 ? -0.085  -7.178  9.646   1.00 24.20 ? 117 HIS A N   1 
ATOM   888  C  CA  . HIS A 1 117 ? 0.643   -5.905  9.517   1.00 23.41 ? 117 HIS A CA  1 
ATOM   889  C  C   . HIS A 1 117 ? -0.253  -4.677  9.458   1.00 23.16 ? 117 HIS A C   1 
ATOM   890  O  O   . HIS A 1 117 ? 0.171   -3.602  9.901   1.00 26.07 ? 117 HIS A O   1 
ATOM   891  C  CB  . HIS A 1 117 ? 1.636   -5.949  8.277   1.00 23.41 ? 117 HIS A CB  1 
ATOM   892  C  CG  . HIS A 1 117 ? 2.761   -6.885  8.501   1.00 23.70 ? 117 HIS A CG  1 
ATOM   893  N  ND1 . HIS A 1 117 ? 3.920   -6.881  7.764   1.00 21.88 ? 117 HIS A ND1 1 
ATOM   894  C  CD2 . HIS A 1 117 ? 2.932   -7.834  9.456   1.00 25.11 ? 117 HIS A CD2 1 
ATOM   895  C  CE1 . HIS A 1 117 ? 4.745   -7.808  8.216   1.00 20.52 ? 117 HIS A CE1 1 
ATOM   896  N  NE2 . HIS A 1 117 ? 4.170   -8.397  9.252   1.00 22.62 ? 117 HIS A NE2 1 
ATOM   897  N  N   . SER A 1 118 ? -1.447  -4.798  8.892   1.00 22.95 ? 118 SER A N   1 
ATOM   898  C  CA  . SER A 1 118 ? -2.367  -3.630  8.776   1.00 23.58 ? 118 SER A CA  1 
ATOM   899  C  C   . SER A 1 118 ? -2.790  -3.027  10.145  1.00 23.95 ? 118 SER A C   1 
ATOM   900  O  O   . SER A 1 118 ? -3.231  -1.869  10.179  1.00 23.63 ? 118 SER A O   1 
ATOM   901  C  CB  . SER A 1 118 ? -3.582  -3.921  7.898   1.00 23.76 ? 118 SER A CB  1 
ATOM   902  O  OG  . SER A 1 118 ? -4.615  -4.627  8.624   1.00 27.58 ? 118 SER A OG  1 
ATOM   903  N  N   . ALA A 1 119 ? -2.597  -3.792  11.239  1.00 24.85 ? 119 ALA A N   1 
ATOM   904  C  CA  . ALA A 1 119 ? -2.799  -3.294  12.638  1.00 25.92 ? 119 ALA A CA  1 
ATOM   905  C  C   . ALA A 1 119 ? -2.061  -1.961  12.793  1.00 27.76 ? 119 ALA A C   1 
ATOM   906  O  O   . ALA A 1 119 ? -2.578  -1.054  13.403  1.00 30.15 ? 119 ALA A O   1 
ATOM   907  C  CB  . ALA A 1 119 ? -2.266  -4.302  13.665  1.00 26.26 ? 119 ALA A CB  1 
ATOM   908  N  N   . LEU A 1 120 ? -0.841  -1.879  12.268  1.00 26.45 ? 120 LEU A N   1 
ATOM   909  C  CA  . LEU A 1 120 ? 0.041   -0.688  12.367  1.00 26.21 ? 120 LEU A CA  1 
ATOM   910  C  C   . LEU A 1 120 ? 0.377   -0.030  11.022  1.00 24.62 ? 120 LEU A C   1 
ATOM   911  O  O   . LEU A 1 120 ? 0.637   1.197   10.957  1.00 26.04 ? 120 LEU A O   1 
ATOM   912  C  CB  . LEU A 1 120 ? 1.385   -1.024  13.010  1.00 26.08 ? 120 LEU A CB  1 
ATOM   913  C  CG  . LEU A 1 120 ? 1.457   -1.537  14.454  1.00 29.17 ? 120 LEU A CG  1 
ATOM   914  C  CD1 . LEU A 1 120 ? 2.976   -1.488  14.825  1.00 33.79 ? 120 LEU A CD1 1 
ATOM   915  C  CD2 . LEU A 1 120 ? 0.651   -0.662  15.376  1.00 32.79 ? 120 LEU A CD2 1 
ATOM   916  N  N   . MET A 1 121 ? 0.409   -0.856  9.986   1.00 22.55 ? 121 MET A N   1 
ATOM   917  C  CA  . MET A 1 121 ? 0.932   -0.447  8.703   1.00 23.02 ? 121 MET A CA  1 
ATOM   918  C  C   . MET A 1 121 ? -0.242  -0.050  7.803   1.00 21.61 ? 121 MET A C   1 
ATOM   919  O  O   . MET A 1 121 ? -0.705  -0.812  6.939   1.00 19.94 ? 121 MET A O   1 
ATOM   920  C  CB  . MET A 1 121 ? 1.782   -1.560  8.134   1.00 21.62 ? 121 MET A CB  1 
ATOM   921  C  CG  . MET A 1 121 ? 3.058   -1.711  8.954   1.00 23.07 ? 121 MET A CG  1 
ATOM   922  S  SD  . MET A 1 121 ? 4.043   -2.963  8.167   1.00 23.64 ? 121 MET A SD  1 
ATOM   923  C  CE  . MET A 1 121 ? 4.799   -2.030  6.808   1.00 29.24 ? 121 MET A CE  1 
ATOM   924  N  N   . LYS A 1 122 ? -0.809  1.124   8.111   1.00 22.48 ? 122 LYS A N   1 
ATOM   925  C  CA  . LYS A 1 122 ? -1.944  1.672   7.369   1.00 23.12 ? 122 LYS A CA  1 
ATOM   926  C  C   . LYS A 1 122 ? -1.922  3.186   7.555   1.00 22.94 ? 122 LYS A C   1 
ATOM   927  O  O   . LYS A 1 122 ? -1.268  3.710   8.481   1.00 24.96 ? 122 LYS A O   1 
ATOM   928  C  CB  . LYS A 1 122 ? -3.256  1.114   7.878   1.00 23.14 ? 122 LYS A CB  1 
ATOM   929  C  CG  . LYS A 1 122 ? -3.537  1.515   9.338   1.00 22.53 ? 122 LYS A CG  1 
ATOM   930  C  CD  . LYS A 1 122 ? -4.871  1.003   9.753   1.00 28.03 ? 122 LYS A CD  1 
ATOM   931  C  CE  . LYS A 1 122 ? -5.157  1.322   11.247  1.00 37.00 ? 122 LYS A CE  1 
ATOM   932  N  NZ  . LYS A 1 122 ? -6.151  0.325   11.746  1.00 41.71 ? 122 LYS A NZ  1 
ATOM   933  N  N   . GLY A 1 123 ? -2.615  3.874   6.671   1.00 23.13 ? 123 GLY A N   1 
ATOM   934  C  CA  . GLY A 1 123 ? -2.708  5.329   6.693   1.00 22.77 ? 123 GLY A CA  1 
ATOM   935  C  C   . GLY A 1 123 ? -3.766  5.892   5.773   1.00 21.10 ? 123 GLY A C   1 
ATOM   936  O  O   . GLY A 1 123 ? -4.406  5.160   5.027   1.00 20.47 ? 123 GLY A O   1 
ATOM   937  N  N   . THR A 1 124 ? -3.963  7.222   5.832   1.00 21.57 ? 124 THR A N   1 
ATOM   938  C  CA  . THR A 1 124 ? -4.957  7.877   4.958   1.00 21.90 ? 124 THR A CA  1 
ATOM   939  C  C   . THR A 1 124 ? -4.256  8.368   3.688   1.00 20.32 ? 124 THR A C   1 
ATOM   940  O  O   . THR A 1 124 ? -3.050  8.649   3.680   1.00 21.43 ? 124 THR A O   1 
ATOM   941  C  CB  . THR A 1 124 ? -5.648  9.085   5.628   1.00 21.66 ? 124 THR A CB  1 
ATOM   942  O  OG1 . THR A 1 124 ? -4.624  10.015  6.078   1.00 24.96 ? 124 THR A OG1 1 
ATOM   943  C  CG2 . THR A 1 124 ? -6.410  8.570   6.771   1.00 24.35 ? 124 THR A CG2 1 
ATOM   944  N  N   . LEU A 1 125 ? -4.991  8.347   2.599   1.00 20.91 ? 125 LEU A N   1 
ATOM   945  C  CA  . LEU A 1 125 ? -4.502  8.964   1.390   1.00 20.95 ? 125 LEU A CA  1 
ATOM   946  C  C   . LEU A 1 125 ? -5.540  10.021  1.034   1.00 24.24 ? 125 LEU A C   1 
ATOM   947  O  O   . LEU A 1 125 ? -6.708  9.690   0.889   1.00 22.30 ? 125 LEU A O   1 
ATOM   948  C  CB  . LEU A 1 125 ? -4.361  7.935   0.283   1.00 19.07 ? 125 LEU A CB  1 
ATOM   949  C  CG  . LEU A 1 125 ? -3.786  8.624   -0.991  1.00 22.05 ? 125 LEU A CG  1 
ATOM   950  C  CD1 . LEU A 1 125 ? -2.718  7.757   -1.724  1.00 20.41 ? 125 LEU A CD1 1 
ATOM   951  C  CD2 . LEU A 1 125 ? -4.928  9.065   -2.002  1.00 20.80 ? 125 LEU A CD2 1 
ATOM   952  N  N   . THR A 1 126 ? -5.087  11.271  0.887   1.00 26.72 ? 126 THR A N   1 
ATOM   953  C  CA  . THR A 1 126 ? -6.004  12.403  0.652   1.00 31.52 ? 126 THR A CA  1 
ATOM   954  C  C   . THR A 1 126 ? -5.687  13.159  -0.662  1.00 32.15 ? 126 THR A C   1 
ATOM   955  O  O   . THR A 1 126 ? -4.531  13.490  -0.930  1.00 34.07 ? 126 THR A O   1 
ATOM   956  C  CB  . THR A 1 126 ? -5.949  13.400  1.883   1.00 31.59 ? 126 THR A CB  1 
ATOM   957  O  OG1 . THR A 1 126 ? -4.619  13.932  1.985   1.00 37.70 ? 126 THR A OG1 1 
ATOM   958  C  CG2 . THR A 1 126 ? -6.194  12.712  3.193   1.00 30.35 ? 126 THR A CG2 1 
ATOM   959  N  N   . LEU A 1 127 ? -6.719  13.450  -1.434  1.00 34.93 ? 127 LEU A N   1 
ATOM   960  C  CA  . LEU A 1 127 ? -6.639  14.330  -2.616  1.00 37.99 ? 127 LEU A CA  1 
ATOM   961  C  C   . LEU A 1 127 ? -6.658  15.839  -2.191  1.00 38.41 ? 127 LEU A C   1 
ATOM   962  O  O   . LEU A 1 127 ? -7.404  16.211  -1.305  1.00 39.68 ? 127 LEU A O   1 
ATOM   963  C  CB  . LEU A 1 127 ? -7.784  13.961  -3.598  1.00 38.01 ? 127 LEU A CB  1 
ATOM   964  C  CG  . LEU A 1 127 ? -7.358  13.981  -5.093  1.00 46.62 ? 127 LEU A CG  1 
ATOM   965  C  CD1 . LEU A 1 127 ? -6.093  13.117  -5.290  1.00 51.96 ? 127 LEU A CD1 1 
ATOM   966  C  CD2 . LEU A 1 127 ? -8.450  13.506  -6.035  1.00 49.37 ? 127 LEU A CD2 1 
ATOM   967  N  N   . LYS A 1 128 ? -5.818  16.690  -2.763  1.00 38.48 ? 128 LYS A N   1 
ATOM   968  C  CA  . LYS A 1 128 ? -5.652  18.057  -2.264  1.00 40.40 ? 128 LYS A CA  1 
ATOM   969  C  C   . LYS A 1 128 ? -5.731  19.030  -3.437  1.00 40.07 ? 128 LYS A C   1 
ATOM   970  O  O   . LYS A 1 128 ? -5.569  18.588  -4.575  1.00 38.44 ? 128 LYS A O   1 
ATOM   971  C  CB  . LYS A 1 128 ? -4.325  18.175  -1.536  1.00 41.79 ? 128 LYS A CB  1 
ATOM   972  C  CG  . LYS A 1 128 ? -3.350  19.298  -1.998  1.00 47.55 ? 128 LYS A CG  1 
ATOM   973  C  CD  . LYS A 1 128 ? -1.863  18.807  -1.894  1.00 52.98 ? 128 LYS A CD  1 
ATOM   974  C  CE  . LYS A 1 128 ? -0.857  19.953  -1.868  1.00 54.11 ? 128 LYS A CE  1 
ATOM   975  N  NZ  . LYS A 1 128 ? -0.955  20.642  -0.516  1.00 53.27 ? 128 LYS A NZ  1 
HETATM 976  CU CU  . CU  B 2 .   ? 4.119   -5.753  6.075   1.00 25.37 ? 129 CU  A CU  1 
HETATM 977  CU CU  . CU  C 2 .   ? 3.232   19.605  -9.901  1.00 36.76 ? 130 CU  A CU  1 
HETATM 978  C  C   . TRS D 3 .   ? 4.924   18.188  -11.797 1.00 25.09 ? 131 TRS A C   1 
HETATM 979  C  C1  . TRS D 3 .   ? 4.987   17.656  -13.240 1.00 23.66 ? 131 TRS A C1  1 
HETATM 980  C  C2  . TRS D 3 .   ? 5.945   17.397  -10.922 1.00 26.65 ? 131 TRS A C2  1 
HETATM 981  C  C3  . TRS D 3 .   ? 5.548   19.601  -11.933 1.00 22.89 ? 131 TRS A C3  1 
HETATM 982  N  N   . TRS D 3 .   ? 3.414   18.407  -11.461 1.00 22.83 ? 131 TRS A N   1 
HETATM 983  O  O1  . TRS D 3 .   ? 6.325   17.675  -13.712 1.00 29.12 ? 131 TRS A O1  1 
HETATM 984  O  O2  . TRS D 3 .   ? 5.672   15.983  -10.819 1.00 25.25 ? 131 TRS A O2  1 
HETATM 985  O  O3  . TRS D 3 .   ? 5.399   20.303  -10.720 1.00 22.13 ? 131 TRS A O3  1 
HETATM 986  O  O   . HOH E 4 .   ? -3.568  3.423   -12.962 1.00 21.79 ? 132 HOH A O   1 
HETATM 987  O  O   . HOH E 4 .   ? -2.342  -6.809  7.072   1.00 23.06 ? 133 HOH A O   1 
HETATM 988  O  O   . HOH E 4 .   ? -11.713 0.532   -3.239  1.00 25.24 ? 134 HOH A O   1 
HETATM 989  O  O   . HOH E 4 .   ? 9.631   -9.328  -3.774  1.00 31.54 ? 135 HOH A O   1 
HETATM 990  O  O   . HOH E 4 .   ? 1.338   -6.989  -3.281  1.00 23.13 ? 136 HOH A O   1 
HETATM 991  O  O   . HOH E 4 .   ? 1.093   15.304  -4.433  1.00 26.85 ? 137 HOH A O   1 
HETATM 992  O  O   . HOH E 4 .   ? 4.692   -2.921  -8.992  1.00 26.32 ? 138 HOH A O   1 
HETATM 993  O  O   . HOH E 4 .   ? 13.144  -11.529 0.846   1.00 29.83 ? 139 HOH A O   1 
HETATM 994  O  O   . HOH E 4 .   ? 11.151  4.298   -0.011  1.00 24.49 ? 140 HOH A O   1 
HETATM 995  O  O   . HOH E 4 .   ? 9.676   -0.364  -9.615  1.00 28.51 ? 141 HOH A O   1 
HETATM 996  O  O   . HOH E 4 .   ? 1.651   13.686  -13.430 1.00 28.29 ? 142 HOH A O   1 
HETATM 997  O  O   . HOH E 4 .   ? -7.239  -8.886  -1.443  1.00 20.59 ? 143 HOH A O   1 
HETATM 998  O  O   . HOH E 4 .   ? -1.469  -0.788  -9.310  1.00 24.94 ? 144 HOH A O   1 
HETATM 999  O  O   . HOH E 4 .   ? -3.838  11.796  4.139   1.00 29.60 ? 145 HOH A O   1 
HETATM 1000 O  O   . HOH E 4 .   ? 11.455  1.488   -6.566  1.00 27.88 ? 146 HOH A O   1 
HETATM 1001 O  O   . HOH E 4 .   ? -5.112  11.247  -14.103 1.00 35.08 ? 147 HOH A O   1 
HETATM 1002 O  O   . HOH E 4 .   ? -1.567  -11.207 -6.420  1.00 34.00 ? 148 HOH A O   1 
HETATM 1003 O  O   . HOH E 4 .   ? -14.825 4.609   1.922   1.00 35.80 ? 149 HOH A O   1 
HETATM 1004 O  O   . HOH E 4 .   ? -14.335 -4.013  3.455   1.00 39.93 ? 150 HOH A O   1 
HETATM 1005 O  O   . HOH E 4 .   ? 1.863   -9.961  12.030  1.00 30.75 ? 151 HOH A O   1 
HETATM 1006 O  O   . HOH E 4 .   ? -12.658 -1.196  6.127   1.00 32.90 ? 152 HOH A O   1 
HETATM 1007 O  O   . HOH E 4 .   ? -9.163  10.226  2.118   1.00 41.98 ? 153 HOH A O   1 
HETATM 1008 O  O   . HOH E 4 .   ? 13.339  -5.672  -5.407  1.00 39.00 ? 154 HOH A O   1 
HETATM 1009 O  O   . HOH E 4 .   ? 2.114   13.085  1.080   1.00 31.25 ? 155 HOH A O   1 
HETATM 1010 O  O   . HOH E 4 .   ? 0.786   -18.741 2.802   1.00 36.12 ? 156 HOH A O   1 
HETATM 1011 O  O   . HOH E 4 .   ? 13.876  -2.399  11.062  1.00 31.69 ? 157 HOH A O   1 
HETATM 1012 O  O   . HOH E 4 .   ? 8.684   11.149  0.191   1.00 26.50 ? 158 HOH A O   1 
HETATM 1013 O  O   . HOH E 4 .   ? -1.211  19.452  -14.250 1.00 29.58 ? 159 HOH A O   1 
HETATM 1014 O  O   . HOH E 4 .   ? 10.366  2.697   8.652   1.00 39.62 ? 160 HOH A O   1 
HETATM 1015 O  O   . HOH E 4 .   ? 15.184  2.168   2.571   1.00 38.24 ? 161 HOH A O   1 
HETATM 1016 O  O   . HOH E 4 .   ? 7.866   -18.990 7.050   1.00 41.77 ? 162 HOH A O   1 
HETATM 1017 O  O   . HOH E 4 .   ? -6.166  20.560  -6.873  1.00 35.47 ? 163 HOH A O   1 
HETATM 1018 O  O   . HOH E 4 .   ? 11.425  2.405   -3.998  1.00 29.57 ? 164 HOH A O   1 
HETATM 1019 O  O   . HOH E 4 .   ? -6.843  -8.920  -12.634 1.00 27.44 ? 165 HOH A O   1 
HETATM 1020 O  O   . HOH E 4 .   ? 3.286   2.197   10.815  1.00 32.91 ? 166 HOH A O   1 
HETATM 1021 O  O   . HOH E 4 .   ? 4.487   -10.462 11.236  1.00 34.26 ? 167 HOH A O   1 
HETATM 1022 O  O   . HOH E 4 .   ? 0.243   -17.040 5.858   1.00 37.03 ? 168 HOH A O   1 
HETATM 1023 O  O   . HOH E 4 .   ? 15.001  -1.888  0.927   1.00 30.51 ? 169 HOH A O   1 
HETATM 1024 O  O   . HOH E 4 .   ? 4.702   11.141  -10.946 1.00 38.25 ? 170 HOH A O   1 
HETATM 1025 O  O   . HOH E 4 .   ? -6.420  -3.115  10.282  1.00 43.71 ? 171 HOH A O   1 
HETATM 1026 O  O   . HOH E 4 .   ? -15.385 -4.724  0.869   1.00 38.11 ? 172 HOH A O   1 
HETATM 1027 O  O   . HOH E 4 .   ? 0.199   22.261  -8.520  1.00 28.16 ? 173 HOH A O   1 
HETATM 1028 O  O   . HOH E 4 .   ? -4.212  10.799  9.001   1.00 41.41 ? 174 HOH A O   1 
HETATM 1029 O  O   . HOH E 4 .   ? 6.384   3.101   -10.995 1.00 32.53 ? 175 HOH A O   1 
HETATM 1030 O  O   . HOH E 4 .   ? 1.345   3.831   8.878   1.00 27.56 ? 176 HOH A O   1 
HETATM 1031 O  O   . HOH E 4 .   ? 0.984   18.252  -9.791  1.00 22.77 ? 177 HOH A O   1 
HETATM 1032 O  O   . HOH E 4 .   ? 10.751  -8.222  -6.047  1.00 48.16 ? 178 HOH A O   1 
HETATM 1033 O  O   . HOH E 4 .   ? 2.698   4.412   11.558  1.00 34.41 ? 179 HOH A O   1 
HETATM 1034 O  O   . HOH E 4 .   ? 5.600   -12.922 10.491  0.50 24.90 ? 180 HOH A O   1 
HETATM 1035 O  O   . HOH E 4 .   ? 1.500   17.279  -13.213 1.00 27.31 ? 181 HOH A O   1 
HETATM 1036 O  O   . HOH E 4 .   ? 3.062   1.030   -11.967 1.00 28.17 ? 182 HOH A O   1 
HETATM 1037 O  O   . HOH E 4 .   ? -16.905 9.532   2.935   1.00 39.35 ? 183 HOH A O   1 
HETATM 1038 O  O   . HOH E 4 .   ? 10.251  -3.857  -8.332  1.00 34.29 ? 184 HOH A O   1 
HETATM 1039 O  O   . HOH E 4 .   ? 4.751   -16.012 4.491   1.00 34.75 ? 185 HOH A O   1 
HETATM 1040 O  O   . HOH E 4 .   ? 14.955  -10.115 1.587   1.00 38.52 ? 186 HOH A O   1 
HETATM 1041 O  O   . HOH E 4 .   ? -5.656  14.352  -12.158 1.00 36.05 ? 187 HOH A O   1 
HETATM 1042 O  O   . HOH E 4 .   ? -1.553  9.189   -17.183 1.00 50.54 ? 188 HOH A O   1 
HETATM 1043 O  O   . HOH E 4 .   ? -0.819  22.486  -6.083  1.00 29.21 ? 189 HOH A O   1 
HETATM 1044 O  O   . HOH E 4 .   ? 9.519   8.968   -8.171  1.00 39.13 ? 190 HOH A O   1 
HETATM 1045 O  O   . HOH E 4 .   ? -12.351 1.190   -5.688  1.00 39.53 ? 191 HOH A O   1 
HETATM 1046 O  O   . HOH E 4 .   ? 12.726  4.496   -2.183  1.00 40.24 ? 192 HOH A O   1 
HETATM 1047 O  O   . HOH E 4 .   ? -15.171 -3.199  -6.602  1.00 35.93 ? 193 HOH A O   1 
HETATM 1048 O  O   . HOH E 4 .   ? 11.023  6.222   2.518   1.00 50.64 ? 194 HOH A O   1 
HETATM 1049 O  O   . HOH E 4 .   ? 1.528   16.817  -2.890  1.00 48.02 ? 195 HOH A O   1 
HETATM 1050 O  O   . HOH E 4 .   ? 6.701   -2.003  -10.337 1.00 31.35 ? 196 HOH A O   1 
HETATM 1051 O  O   . HOH E 4 .   ? 15.529  -6.875  12.215  1.00 42.04 ? 197 HOH A O   1 
HETATM 1052 O  O   . HOH E 4 .   ? 9.636   10.603  -4.196  1.00 36.83 ? 198 HOH A O   1 
HETATM 1053 O  O   . HOH E 4 .   ? -9.519  -6.143  8.402   1.00 49.64 ? 199 HOH A O   1 
HETATM 1054 O  O   . HOH E 4 .   ? -2.503  -7.578  14.191  1.00 46.84 ? 200 HOH A O   1 
HETATM 1055 O  O   . HOH E 4 .   ? 11.760  -7.291  14.835  1.00 45.09 ? 201 HOH A O   1 
HETATM 1056 O  O   . HOH E 4 .   ? 14.903  -10.163 -4.973  1.00 38.48 ? 202 HOH A O   1 
HETATM 1057 O  O   . HOH E 4 .   ? 8.612   10.488  2.807   1.00 46.81 ? 203 HOH A O   1 
HETATM 1058 O  O   . HOH E 4 .   ? 2.979   10.872  9.444   1.00 44.48 ? 204 HOH A O   1 
HETATM 1059 O  O   . HOH E 4 .   ? -1.313  4.049   12.042  1.00 51.97 ? 205 HOH A O   1 
HETATM 1060 O  O   . HOH E 4 .   ? -10.356 9.557   5.789   1.00 48.55 ? 206 HOH A O   1 
HETATM 1061 O  O   . HOH E 4 .   ? -3.424  -6.159  16.074  1.00 55.17 ? 207 HOH A O   1 
HETATM 1062 O  O   . HOH E 4 .   ? -16.143 1.613   -1.225  1.00 43.94 ? 208 HOH A O   1 
HETATM 1063 O  O   . HOH E 4 .   ? -12.833 -10.517 -7.845  1.00 48.52 ? 209 HOH A O   1 
HETATM 1064 O  O   . HOH E 4 .   ? -4.465  -7.472  11.973  1.00 44.47 ? 210 HOH A O   1 
HETATM 1065 O  O   . HOH E 4 .   ? 7.978   20.256  -9.949  1.00 37.80 ? 211 HOH A O   1 
HETATM 1066 O  O   . HOH E 4 .   ? -12.964 5.340   -5.662  1.00 49.40 ? 212 HOH A O   1 
HETATM 1067 O  O   . HOH E 4 .   ? -4.879  -10.720 11.101  1.00 38.61 ? 213 HOH A O   1 
HETATM 1068 O  O   . HOH E 4 .   ? -9.512  6.546   -15.014 1.00 51.42 ? 214 HOH A O   1 
HETATM 1069 O  O   . HOH E 4 .   ? 6.405   -2.703  16.560  1.00 37.36 ? 215 HOH A O   1 
HETATM 1070 O  O   . HOH E 4 .   ? -13.670 -8.225  -5.057  1.00 41.90 ? 216 HOH A O   1 
HETATM 1071 O  O   . HOH E 4 .   ? 4.196   14.030  -12.446 1.00 35.03 ? 217 HOH A O   1 
HETATM 1072 O  O   . HOH E 4 .   ? 4.325   19.174  -3.594  1.00 39.20 ? 218 HOH A O   1 
HETATM 1073 O  O   . HOH E 4 .   ? -7.954  -3.802  8.860   1.00 44.33 ? 219 HOH A O   1 
HETATM 1074 O  O   . HOH E 4 .   ? 3.746   8.350   11.135  1.00 45.40 ? 220 HOH A O   1 
HETATM 1075 O  O   . HOH E 4 .   ? 9.264   17.172  -8.944  1.00 49.02 ? 221 HOH A O   1 
HETATM 1076 O  O   . HOH E 4 .   ? 1.058   -19.350 -0.355  1.00 37.79 ? 222 HOH A O   1 
HETATM 1077 O  O   . HOH E 4 .   ? 4.884   -1.574  -11.714 1.00 49.94 ? 223 HOH A O   1 
HETATM 1078 O  O   . HOH E 4 .   ? 10.848  5.969   5.307   1.00 50.64 ? 224 HOH A O   1 
# 
